data_8OUI
#
_entry.id   8OUI
#
_cell.length_a   1.00
_cell.length_b   1.00
_cell.length_c   1.00
_cell.angle_alpha   90.00
_cell.angle_beta   90.00
_cell.angle_gamma   90.00
#
_symmetry.space_group_name_H-M   'P 1'
#
loop_
_entity.id
_entity.type
_entity.pdbx_description
1 polymer 'Neutral amino acid transporter B(0)'
2 polymer Suppressyn
3 non-polymer ALANINE
#
loop_
_entity_poly.entity_id
_entity_poly.type
_entity_poly.pdbx_seq_one_letter_code
_entity_poly.pdbx_strand_id
1 'polypeptide(L)'
;MWSHPQFEKVADPPRDSKGLAAAEPTANGGLALASIEDQGAAAGGYCGSRDQVRRFLRRNLLVLLTVSGVLAGVALGLGV
RGAGGGLALSRAQLTYFAFPGELLLRLLRMIILPLVVCSLIGGAASLDPGALGRLGAWALLFFLVTTLLASALGVGLALA
LQPGAASAAITASVGAAGSAENAPSKEVLDSFLDLARNIFPSNLVSAAFRSYSTTYEERTITGTRVKVPVGQEVEGMNIL
GLVVFAIVFGVALRKLGPEGEELIRFFNSFNEATMVLVSWIMWYAPVGIMFLVASKIVEMEDVVLLFTSLGKYIFCCILG
HAIHGLIVLPLIYFAFTRKNPYRFLLGLLTPLATAFGTSSSSATLPLMMKCVEENNGVDKRISRFILPIGATVNMDGAAI
FQCVAAVFIAQLNNVPLNFGQIITILVTATASSVGAAGIPAGGVLTLAIILEAIGLPTHDLSLILAVDWLVDRTTTVVNV
EGDALGAGILQHLNDKTMKKSEEQELIQVKSELPLDPLPVPTEEGNPLLKHYRGPAGDATVASEKESVM
;
A,B,C
2 'polypeptide(L)'
;MACIYPTTFYTSLPTKSLNMGISLTTILILSVAVLLSTAAPPSCRECYQSLHYRGEMQQYFTYHTHIERSCYGNLIEECV
ESGKSYYKVKNLGVCGSRNGAICPRGKQWLCFTKIGQWGVNTQVLEDIKREQIIAKAKASKPTTPPENRPRHFHSFIQKL
;
D
#
# COMPACT_ATOMS: atom_id res chain seq x y z
N ASP A 51 26.79 -23.21 39.97
CA ASP A 51 26.60 -21.99 39.21
C ASP A 51 25.99 -22.27 37.84
N GLN A 52 26.10 -23.53 37.42
CA GLN A 52 25.55 -23.92 36.11
C GLN A 52 24.04 -23.80 36.05
N VAL A 53 23.36 -23.76 37.20
CA VAL A 53 21.91 -23.53 37.22
C VAL A 53 21.60 -22.14 36.69
N ARG A 54 22.36 -21.13 37.15
CA ARG A 54 22.17 -19.78 36.66
C ARG A 54 22.53 -19.67 35.18
N ARG A 55 23.62 -20.33 34.76
CA ARG A 55 24.03 -20.28 33.36
C ARG A 55 22.99 -20.92 32.46
N PHE A 56 22.37 -22.00 32.92
CA PHE A 56 21.30 -22.63 32.15
C PHE A 56 20.11 -21.70 31.98
N LEU A 57 19.75 -20.96 33.04
CA LEU A 57 18.67 -19.99 32.93
C LEU A 57 19.03 -18.86 31.97
N ARG A 58 20.28 -18.41 32.00
CA ARG A 58 20.70 -17.35 31.10
C ARG A 58 20.70 -17.81 29.65
N ARG A 59 21.12 -19.05 29.40
CA ARG A 59 21.16 -19.56 28.04
C ARG A 59 19.79 -19.92 27.50
N ASN A 60 18.80 -20.13 28.37
CA ASN A 60 17.45 -20.50 27.98
C ASN A 60 16.44 -19.55 28.61
N LEU A 61 16.70 -18.25 28.49
CA LEU A 61 15.83 -17.26 29.10
C LEU A 61 14.47 -17.19 28.43
N LEU A 62 14.39 -17.46 27.12
CA LEU A 62 13.14 -17.32 26.39
C LEU A 62 12.09 -18.32 26.88
N VAL A 63 12.48 -19.60 27.01
CA VAL A 63 11.53 -20.62 27.43
C VAL A 63 11.06 -20.38 28.86
N LEU A 64 12.00 -20.06 29.75
CA LEU A 64 11.63 -19.80 31.14
C LEU A 64 10.71 -18.60 31.26
N LEU A 65 11.01 -17.52 30.54
CA LEU A 65 10.15 -16.35 30.58
C LEU A 65 8.77 -16.64 30.01
N THR A 66 8.71 -17.44 28.94
CA THR A 66 7.42 -17.76 28.34
C THR A 66 6.56 -18.61 29.28
N VAL A 67 7.15 -19.63 29.90
CA VAL A 67 6.37 -20.48 30.79
C VAL A 67 5.97 -19.70 32.04
N SER A 68 6.84 -18.83 32.54
CA SER A 68 6.48 -17.97 33.66
C SER A 68 5.33 -17.05 33.30
N GLY A 69 5.35 -16.49 32.09
CA GLY A 69 4.27 -15.64 31.65
C GLY A 69 2.95 -16.37 31.54
N VAL A 70 2.97 -17.59 30.98
CA VAL A 70 1.74 -18.36 30.86
C VAL A 70 1.17 -18.70 32.22
N LEU A 71 2.04 -19.17 33.13
CA LEU A 71 1.57 -19.52 34.47
C LEU A 71 1.06 -18.31 35.23
N ALA A 72 1.76 -17.17 35.11
CA ALA A 72 1.31 -15.96 35.78
C ALA A 72 -0.02 -15.47 35.20
N GLY A 73 -0.22 -15.61 33.89
CA GLY A 73 -1.49 -15.25 33.30
C GLY A 73 -2.63 -16.11 33.78
N VAL A 74 -2.39 -17.43 33.86
CA VAL A 74 -3.43 -18.33 34.37
C VAL A 74 -3.76 -17.98 35.82
N ALA A 75 -2.73 -17.75 36.63
CA ALA A 75 -2.96 -17.43 38.04
C ALA A 75 -3.70 -16.11 38.19
N LEU A 76 -3.31 -15.09 37.42
CA LEU A 76 -3.96 -13.79 37.50
C LEU A 76 -5.41 -13.86 37.05
N GLY A 77 -5.68 -14.58 35.96
CA GLY A 77 -7.05 -14.75 35.51
C GLY A 77 -7.90 -15.46 36.54
N LEU A 78 -7.39 -16.54 37.13
CA LEU A 78 -8.13 -17.26 38.15
C LEU A 78 -8.39 -16.37 39.36
N GLY A 79 -7.39 -15.61 39.80
CA GLY A 79 -7.57 -14.76 40.96
C GLY A 79 -8.57 -13.65 40.74
N VAL A 80 -8.49 -12.98 39.59
CA VAL A 80 -9.41 -11.88 39.31
C VAL A 80 -10.82 -12.40 39.00
N ARG A 81 -10.94 -13.65 38.55
CA ARG A 81 -12.27 -14.24 38.44
C ARG A 81 -12.83 -14.59 39.81
N GLY A 82 -11.96 -14.99 40.74
CA GLY A 82 -12.39 -15.30 42.09
C GLY A 82 -12.65 -14.11 42.98
N ALA A 83 -12.32 -12.90 42.52
CA ALA A 83 -12.54 -11.70 43.32
C ALA A 83 -14.03 -11.39 43.37
N GLY A 84 -14.60 -11.40 44.58
CA GLY A 84 -16.02 -11.17 44.74
C GLY A 84 -16.84 -12.37 44.30
N GLY A 85 -18.14 -12.14 44.15
CA GLY A 85 -19.02 -13.19 43.68
C GLY A 85 -18.74 -13.58 42.24
N GLY A 86 -18.46 -12.61 41.39
CA GLY A 86 -18.15 -12.88 40.01
C GLY A 86 -17.57 -11.66 39.33
N LEU A 87 -17.44 -11.75 38.01
CA LEU A 87 -16.93 -10.63 37.24
C LEU A 87 -17.98 -9.52 37.20
N ALA A 88 -17.53 -8.28 37.42
CA ALA A 88 -18.41 -7.13 37.35
C ALA A 88 -17.77 -5.94 36.64
N LEU A 89 -16.53 -6.06 36.20
CA LEU A 89 -15.85 -4.97 35.53
C LEU A 89 -16.44 -4.73 34.14
N SER A 90 -16.44 -3.46 33.73
CA SER A 90 -17.06 -3.05 32.48
C SER A 90 -16.20 -3.44 31.28
N ARG A 91 -16.84 -3.42 30.10
CA ARG A 91 -16.14 -3.77 28.88
C ARG A 91 -15.01 -2.80 28.58
N ALA A 92 -15.10 -1.56 29.05
CA ALA A 92 -13.97 -0.66 28.98
C ALA A 92 -12.78 -1.23 29.75
N GLN A 93 -13.03 -1.78 30.94
CA GLN A 93 -11.94 -2.40 31.69
C GLN A 93 -11.48 -3.71 31.06
N LEU A 94 -12.38 -4.43 30.37
CA LEU A 94 -11.93 -5.58 29.58
C LEU A 94 -10.94 -5.16 28.50
N THR A 95 -11.25 -4.07 27.79
CA THR A 95 -10.33 -3.57 26.77
C THR A 95 -9.01 -3.11 27.40
N TYR A 96 -9.09 -2.42 28.53
CA TYR A 96 -7.87 -1.96 29.21
C TYR A 96 -7.02 -3.13 29.67
N PHE A 97 -7.67 -4.21 30.10
CA PHE A 97 -6.93 -5.40 30.55
C PHE A 97 -6.31 -6.14 29.37
N ALA A 98 -7.00 -6.21 28.24
CA ALA A 98 -6.52 -6.94 27.09
C ALA A 98 -5.64 -6.10 26.16
N PHE A 99 -5.41 -4.83 26.49
CA PHE A 99 -4.58 -3.95 25.67
C PHE A 99 -3.22 -4.50 25.28
N PRO A 100 -2.39 -5.04 26.19
CA PRO A 100 -1.07 -5.55 25.74
C PRO A 100 -1.17 -6.66 24.71
N GLY A 101 -2.17 -7.54 24.85
CA GLY A 101 -2.38 -8.55 23.84
C GLY A 101 -2.76 -7.97 22.49
N GLU A 102 -3.56 -6.89 22.51
CA GLU A 102 -3.89 -6.20 21.27
C GLU A 102 -2.65 -5.62 20.63
N LEU A 103 -1.76 -5.04 21.43
CA LEU A 103 -0.50 -4.53 20.89
C LEU A 103 0.33 -5.64 20.26
N LEU A 104 0.38 -6.80 20.93
CA LEU A 104 1.12 -7.94 20.39
C LEU A 104 0.54 -8.37 19.05
N LEU A 105 -0.78 -8.48 18.96
CA LEU A 105 -1.41 -8.93 17.73
C LEU A 105 -1.20 -7.92 16.60
N ARG A 106 -1.26 -6.62 16.91
CA ARG A 106 -0.97 -5.61 15.90
C ARG A 106 0.46 -5.74 15.38
N LEU A 107 1.41 -5.98 16.28
CA LEU A 107 2.80 -6.18 15.85
C LEU A 107 2.93 -7.40 14.95
N LEU A 108 2.28 -8.51 15.33
CA LEU A 108 2.34 -9.70 14.48
C LEU A 108 1.78 -9.45 13.09
N ARG A 109 0.63 -8.78 12.99
CA ARG A 109 0.07 -8.51 11.65
C ARG A 109 0.98 -7.61 10.83
N MET A 110 1.52 -6.56 11.47
CA MET A 110 2.46 -5.66 10.82
C MET A 110 3.67 -6.41 10.29
N ILE A 111 4.05 -7.51 10.94
CA ILE A 111 5.13 -8.33 10.42
C ILE A 111 4.65 -9.37 9.41
N ILE A 112 3.39 -9.82 9.51
CA ILE A 112 2.84 -10.74 8.52
C ILE A 112 2.91 -10.16 7.12
N LEU A 113 2.61 -8.88 6.97
CA LEU A 113 2.59 -8.32 5.62
C LEU A 113 3.93 -8.45 4.89
N PRO A 114 5.07 -7.96 5.41
CA PRO A 114 6.33 -8.10 4.66
C PRO A 114 6.81 -9.54 4.52
N LEU A 115 6.58 -10.38 5.53
CA LEU A 115 6.97 -11.78 5.42
C LEU A 115 6.28 -12.44 4.24
N VAL A 116 4.98 -12.23 4.11
CA VAL A 116 4.24 -12.81 2.98
C VAL A 116 4.75 -12.24 1.66
N VAL A 117 4.96 -10.93 1.58
CA VAL A 117 5.31 -10.38 0.27
C VAL A 117 6.75 -10.74 -0.12
N CYS A 118 7.62 -11.08 0.83
CA CYS A 118 9.03 -11.29 0.52
C CYS A 118 9.45 -12.76 0.51
N SER A 119 9.08 -13.54 1.53
CA SER A 119 9.57 -14.91 1.64
C SER A 119 9.02 -15.78 0.51
N LEU A 120 7.77 -15.56 0.11
CA LEU A 120 7.22 -16.31 -1.02
C LEU A 120 7.95 -16.00 -2.30
N ILE A 121 8.29 -14.72 -2.53
CA ILE A 121 9.06 -14.34 -3.71
C ILE A 121 10.41 -15.04 -3.71
N GLY A 122 11.10 -15.01 -2.57
CA GLY A 122 12.40 -15.66 -2.49
C GLY A 122 12.33 -17.16 -2.72
N GLY A 123 11.34 -17.82 -2.10
CA GLY A 123 11.22 -19.26 -2.25
C GLY A 123 10.83 -19.66 -3.67
N ALA A 124 9.97 -18.88 -4.31
CA ALA A 124 9.61 -19.18 -5.70
C ALA A 124 10.79 -18.95 -6.63
N ALA A 125 11.59 -17.90 -6.37
CA ALA A 125 12.74 -17.63 -7.22
C ALA A 125 13.89 -18.60 -7.00
N SER A 126 13.93 -19.25 -5.84
CA SER A 126 14.98 -20.23 -5.55
C SER A 126 14.52 -21.66 -5.81
N LEU A 127 13.70 -21.87 -6.83
CA LEU A 127 13.14 -23.17 -7.14
C LEU A 127 13.96 -23.93 -8.19
N ASP A 128 15.12 -23.40 -8.58
CA ASP A 128 15.94 -24.05 -9.59
C ASP A 128 16.59 -25.40 -9.25
N PRO A 129 16.88 -25.78 -7.99
CA PRO A 129 17.43 -27.14 -7.78
C PRO A 129 16.48 -28.24 -8.21
N GLY A 130 15.17 -28.05 -8.05
CA GLY A 130 14.19 -29.02 -8.50
C GLY A 130 13.74 -28.85 -9.93
N ALA A 131 14.06 -27.72 -10.56
CA ALA A 131 13.70 -27.47 -11.94
C ALA A 131 14.77 -27.91 -12.92
N LEU A 132 15.92 -28.38 -12.44
CA LEU A 132 17.00 -28.84 -13.30
C LEU A 132 16.95 -30.33 -13.58
N GLY A 133 15.97 -31.04 -13.04
CA GLY A 133 15.89 -32.48 -13.26
C GLY A 133 14.48 -32.99 -13.10
N ARG A 134 14.21 -34.13 -13.75
CA ARG A 134 12.90 -34.76 -13.65
C ARG A 134 12.64 -35.26 -12.23
N LEU A 135 13.68 -35.80 -11.59
CA LEU A 135 13.53 -36.28 -10.22
C LEU A 135 13.17 -35.14 -9.27
N GLY A 136 13.74 -33.95 -9.50
CA GLY A 136 13.37 -32.80 -8.69
C GLY A 136 11.91 -32.40 -8.88
N ALA A 137 11.43 -32.46 -10.12
CA ALA A 137 10.01 -32.16 -10.38
C ALA A 137 9.11 -33.18 -9.71
N TRP A 138 9.48 -34.45 -9.75
CA TRP A 138 8.71 -35.48 -9.05
C TRP A 138 8.71 -35.23 -7.54
N ALA A 139 9.86 -34.84 -6.99
CA ALA A 139 9.92 -34.55 -5.56
C ALA A 139 9.02 -33.38 -5.19
N LEU A 140 9.06 -32.31 -5.98
CA LEU A 140 8.21 -31.15 -5.71
C LEU A 140 6.74 -31.51 -5.80
N LEU A 141 6.35 -32.26 -6.84
CA LEU A 141 4.96 -32.66 -6.99
C LEU A 141 4.51 -33.56 -5.85
N PHE A 142 5.36 -34.50 -5.43
CA PHE A 142 5.02 -35.37 -4.32
C PHE A 142 4.84 -34.58 -3.03
N PHE A 143 5.74 -33.63 -2.76
CA PHE A 143 5.62 -32.82 -1.56
C PHE A 143 4.34 -32.01 -1.57
N LEU A 144 4.00 -31.40 -2.72
CA LEU A 144 2.78 -30.61 -2.81
C LEU A 144 1.54 -31.47 -2.60
N VAL A 145 1.47 -32.63 -3.28
CA VAL A 145 0.29 -33.49 -3.16
C VAL A 145 0.15 -34.01 -1.74
N THR A 146 1.26 -34.42 -1.12
CA THR A 146 1.19 -34.90 0.25
C THR A 146 0.74 -33.79 1.21
N THR A 147 1.22 -32.56 0.99
CA THR A 147 0.79 -31.47 1.84
C THR A 147 -0.70 -31.17 1.69
N LEU A 148 -1.21 -31.17 0.45
CA LEU A 148 -2.65 -30.98 0.25
C LEU A 148 -3.45 -32.07 0.94
N LEU A 149 -3.06 -33.33 0.73
CA LEU A 149 -3.84 -34.43 1.30
C LEU A 149 -3.79 -34.41 2.82
N ALA A 150 -2.62 -34.12 3.40
CA ALA A 150 -2.50 -34.04 4.84
C ALA A 150 -3.35 -32.91 5.40
N SER A 151 -3.31 -31.74 4.78
CA SER A 151 -4.09 -30.61 5.28
C SER A 151 -5.59 -30.88 5.17
N ALA A 152 -6.02 -31.54 4.08
CA ALA A 152 -7.42 -31.91 3.95
C ALA A 152 -7.82 -32.90 5.03
N LEU A 153 -6.97 -33.89 5.32
CA LEU A 153 -7.27 -34.83 6.38
C LEU A 153 -7.37 -34.12 7.73
N GLY A 154 -6.47 -33.18 7.98
CA GLY A 154 -6.50 -32.46 9.24
C GLY A 154 -7.77 -31.64 9.41
N VAL A 155 -8.16 -30.90 8.38
CA VAL A 155 -9.36 -30.07 8.49
C VAL A 155 -10.60 -30.95 8.60
N GLY A 156 -10.64 -32.07 7.87
CA GLY A 156 -11.78 -32.97 7.98
C GLY A 156 -11.90 -33.59 9.36
N LEU A 157 -10.78 -34.03 9.94
CA LEU A 157 -10.82 -34.63 11.27
C LEU A 157 -11.20 -33.60 12.33
N ALA A 158 -10.69 -32.37 12.18
CA ALA A 158 -11.06 -31.31 13.12
C ALA A 158 -12.54 -30.97 13.03
N LEU A 159 -13.09 -30.92 11.81
CA LEU A 159 -14.51 -30.66 11.65
C LEU A 159 -15.35 -31.80 12.23
N ALA A 160 -14.90 -33.04 12.04
CA ALA A 160 -15.68 -34.18 12.50
C ALA A 160 -15.68 -34.29 14.02
N LEU A 161 -14.51 -34.17 14.65
CA LEU A 161 -14.41 -34.39 16.09
C LEU A 161 -14.94 -33.22 16.92
N GLN A 162 -15.03 -32.01 16.34
CA GLN A 162 -15.58 -30.82 16.99
C GLN A 162 -14.84 -30.51 18.29
N PRO A 163 -13.58 -30.06 18.23
CA PRO A 163 -12.86 -29.76 19.48
C PRO A 163 -13.48 -28.64 20.29
N GLY A 164 -14.08 -27.65 19.64
CA GLY A 164 -14.72 -26.57 20.35
C GLY A 164 -16.15 -26.85 20.69
N ALA A 165 -17.03 -25.86 20.49
CA ALA A 165 -18.48 -25.98 20.70
C ALA A 165 -18.71 -26.38 22.16
N ALA A 166 -19.40 -27.49 22.44
CA ALA A 166 -19.72 -27.93 23.80
C ALA A 166 -20.44 -26.84 24.59
N SER A 167 -21.37 -26.16 23.93
CA SER A 167 -22.13 -25.09 24.56
C SER A 167 -23.63 -25.29 24.37
N ASN A 182 -31.84 -13.87 12.49
CA ASN A 182 -30.55 -14.53 12.50
C ASN A 182 -29.57 -13.85 11.56
N ALA A 183 -28.28 -14.06 11.80
CA ALA A 183 -27.25 -13.46 10.94
C ALA A 183 -27.20 -14.20 9.61
N PRO A 184 -27.30 -13.51 8.49
CA PRO A 184 -27.27 -14.18 7.18
C PRO A 184 -25.88 -14.72 6.87
N SER A 185 -25.82 -15.60 5.88
CA SER A 185 -24.58 -16.23 5.47
C SER A 185 -24.46 -16.17 3.95
N LYS A 186 -23.24 -16.41 3.47
CA LYS A 186 -22.96 -16.43 2.04
C LYS A 186 -23.50 -17.72 1.42
N GLU A 187 -23.32 -17.83 0.10
CA GLU A 187 -23.66 -19.05 -0.63
C GLU A 187 -22.37 -19.78 -1.01
N VAL A 188 -22.47 -21.10 -1.15
CA VAL A 188 -21.29 -21.92 -1.39
C VAL A 188 -20.65 -21.57 -2.73
N LEU A 189 -21.46 -21.44 -3.78
CA LEU A 189 -20.92 -21.09 -5.08
C LEU A 189 -20.42 -19.65 -5.11
N ASP A 190 -21.12 -18.74 -4.43
CA ASP A 190 -20.64 -17.37 -4.35
C ASP A 190 -19.38 -17.28 -3.50
N SER A 191 -19.26 -18.12 -2.47
CA SER A 191 -18.01 -18.19 -1.72
C SER A 191 -16.87 -18.69 -2.59
N PHE A 192 -17.14 -19.66 -3.46
CA PHE A 192 -16.13 -20.13 -4.40
C PHE A 192 -15.71 -19.01 -5.37
N LEU A 193 -16.69 -18.24 -5.84
CA LEU A 193 -16.37 -17.11 -6.71
C LEU A 193 -15.53 -16.07 -5.99
N ASP A 194 -15.85 -15.79 -4.73
CA ASP A 194 -15.05 -14.85 -3.94
C ASP A 194 -13.63 -15.39 -3.78
N LEU A 195 -13.49 -16.68 -3.51
CA LEU A 195 -12.18 -17.30 -3.38
C LEU A 195 -11.38 -17.15 -4.67
N ALA A 196 -12.01 -17.40 -5.81
CA ALA A 196 -11.30 -17.32 -7.09
C ALA A 196 -10.95 -15.87 -7.42
N ARG A 197 -11.83 -14.92 -7.08
CA ARG A 197 -11.54 -13.52 -7.33
C ARG A 197 -10.42 -13.01 -6.45
N ASN A 198 -10.29 -13.56 -5.24
CA ASN A 198 -9.19 -13.16 -4.36
C ASN A 198 -7.84 -13.74 -4.77
N ILE A 199 -7.83 -14.72 -5.68
CA ILE A 199 -6.56 -15.25 -6.17
C ILE A 199 -5.77 -14.18 -6.91
N PHE A 200 -6.45 -13.44 -7.78
CA PHE A 200 -5.83 -12.35 -8.53
C PHE A 200 -6.41 -11.04 -8.02
N PRO A 201 -5.70 -10.31 -7.16
CA PRO A 201 -6.25 -9.06 -6.62
C PRO A 201 -6.40 -8.00 -7.70
N SER A 202 -7.42 -7.16 -7.54
CA SER A 202 -7.67 -6.09 -8.49
C SER A 202 -6.56 -5.05 -8.48
N ASN A 203 -6.05 -4.72 -7.29
CA ASN A 203 -4.96 -3.76 -7.15
C ASN A 203 -3.94 -4.30 -6.18
N LEU A 204 -2.66 -4.06 -6.47
CA LEU A 204 -1.59 -4.59 -5.63
C LEU A 204 -1.51 -3.87 -4.30
N VAL A 205 -1.56 -2.54 -4.32
CA VAL A 205 -1.50 -1.77 -3.08
C VAL A 205 -2.78 -1.96 -2.27
N SER A 206 -3.94 -1.96 -2.94
CA SER A 206 -5.20 -2.12 -2.25
C SER A 206 -5.35 -3.51 -1.64
N ALA A 207 -4.62 -4.50 -2.15
CA ALA A 207 -4.66 -5.84 -1.58
C ALA A 207 -3.89 -5.94 -0.28
N ALA A 208 -3.08 -4.94 0.06
CA ALA A 208 -2.34 -4.99 1.32
C ALA A 208 -3.24 -4.76 2.53
N PHE A 209 -4.41 -4.16 2.34
CA PHE A 209 -5.31 -3.90 3.44
C PHE A 209 -6.78 -4.12 3.12
N ARG A 210 -7.13 -4.59 1.92
CA ARG A 210 -8.52 -4.77 1.55
C ARG A 210 -8.67 -6.08 0.78
N SER A 211 -9.85 -6.69 0.90
CA SER A 211 -10.15 -7.94 0.22
C SER A 211 -11.50 -7.81 -0.48
N TYR A 212 -11.94 -8.92 -1.06
CA TYR A 212 -13.20 -9.00 -1.79
C TYR A 212 -14.18 -9.89 -1.06
N SER A 213 -15.46 -9.49 -1.07
CA SER A 213 -16.50 -10.29 -0.47
C SER A 213 -17.84 -9.89 -1.09
N THR A 214 -18.70 -10.88 -1.31
CA THR A 214 -19.99 -10.64 -1.95
C THR A 214 -21.01 -10.28 -0.87
N THR A 215 -21.14 -8.99 -0.60
CA THR A 215 -22.19 -8.51 0.28
C THR A 215 -23.55 -8.66 -0.40
N TYR A 216 -24.53 -9.16 0.34
CA TYR A 216 -25.84 -9.45 -0.21
C TYR A 216 -26.81 -8.34 0.17
N GLU A 217 -27.67 -7.99 -0.78
CA GLU A 217 -28.69 -6.96 -0.59
C GLU A 217 -30.06 -7.58 -0.79
N GLU A 218 -31.02 -7.18 0.05
CA GLU A 218 -32.34 -7.78 0.06
C GLU A 218 -33.40 -6.74 -0.30
N ARG A 219 -34.32 -7.13 -1.18
CA ARG A 219 -35.42 -6.28 -1.61
C ARG A 219 -36.73 -7.00 -1.35
N THR A 220 -37.75 -6.24 -0.97
CA THR A 220 -39.08 -6.79 -0.67
C THR A 220 -40.07 -6.19 -1.67
N ILE A 221 -40.23 -6.85 -2.81
CA ILE A 221 -41.15 -6.40 -3.86
C ILE A 221 -42.53 -6.94 -3.50
N THR A 222 -43.35 -6.09 -2.87
CA THR A 222 -44.74 -6.37 -2.45
C THR A 222 -44.93 -7.80 -1.95
N GLY A 223 -44.02 -8.23 -1.08
CA GLY A 223 -44.09 -9.53 -0.44
C GLY A 223 -43.16 -10.58 -1.03
N THR A 224 -42.62 -10.35 -2.22
CA THR A 224 -41.72 -11.30 -2.86
C THR A 224 -40.29 -10.97 -2.45
N ARG A 225 -39.65 -11.90 -1.73
CA ARG A 225 -38.29 -11.68 -1.26
C ARG A 225 -37.29 -11.79 -2.41
N VAL A 226 -36.44 -10.78 -2.55
CA VAL A 226 -35.42 -10.73 -3.58
C VAL A 226 -34.05 -10.65 -2.90
N LYS A 227 -33.12 -11.47 -3.35
CA LYS A 227 -31.84 -11.67 -2.66
C LYS A 227 -30.74 -11.47 -3.70
N VAL A 228 -30.09 -10.32 -3.68
CA VAL A 228 -29.13 -9.97 -4.73
C VAL A 228 -27.77 -9.62 -4.15
N PRO A 229 -26.68 -10.05 -4.77
CA PRO A 229 -25.35 -9.70 -4.27
C PRO A 229 -24.92 -8.31 -4.71
N VAL A 230 -23.87 -7.81 -4.04
CA VAL A 230 -23.26 -6.53 -4.36
C VAL A 230 -21.78 -6.68 -4.70
N GLY A 231 -21.05 -7.43 -3.88
CA GLY A 231 -19.64 -7.69 -4.13
C GLY A 231 -18.72 -6.49 -4.04
N GLN A 232 -18.79 -5.76 -2.93
CA GLN A 232 -17.92 -4.60 -2.75
C GLN A 232 -16.56 -5.05 -2.22
N GLU A 233 -15.70 -4.07 -1.95
CA GLU A 233 -14.33 -4.30 -1.46
C GLU A 233 -14.35 -4.18 0.06
N VAL A 234 -14.55 -5.31 0.74
CA VAL A 234 -14.62 -5.32 2.19
C VAL A 234 -13.22 -5.13 2.77
N GLU A 235 -13.11 -4.24 3.76
CA GLU A 235 -11.81 -3.95 4.36
C GLU A 235 -11.28 -5.18 5.09
N GLY A 236 -9.97 -5.37 5.02
CA GLY A 236 -9.32 -6.52 5.62
C GLY A 236 -8.29 -7.12 4.69
N MET A 237 -7.05 -7.28 5.17
CA MET A 237 -5.97 -7.75 4.31
C MET A 237 -6.22 -9.17 3.83
N ASN A 238 -6.06 -9.38 2.52
CA ASN A 238 -6.11 -10.73 1.96
C ASN A 238 -4.68 -11.18 1.66
N ILE A 239 -4.29 -12.29 2.26
CA ILE A 239 -2.95 -12.82 2.09
C ILE A 239 -2.88 -13.76 0.88
N LEU A 240 -3.99 -14.44 0.57
CA LEU A 240 -4.00 -15.40 -0.52
C LEU A 240 -3.65 -14.75 -1.84
N GLY A 241 -4.22 -13.58 -2.14
CA GLY A 241 -3.84 -12.86 -3.34
C GLY A 241 -2.40 -12.42 -3.31
N LEU A 242 -1.93 -11.96 -2.15
CA LEU A 242 -0.53 -11.58 -2.02
C LEU A 242 0.38 -12.79 -2.22
N VAL A 243 -0.01 -13.95 -1.68
CA VAL A 243 0.78 -15.16 -1.87
C VAL A 243 0.85 -15.54 -3.34
N VAL A 244 -0.28 -15.49 -4.05
CA VAL A 244 -0.28 -15.87 -5.46
C VAL A 244 0.57 -14.90 -6.27
N PHE A 245 0.43 -13.60 -6.02
CA PHE A 245 1.24 -12.62 -6.74
C PHE A 245 2.72 -12.81 -6.44
N ALA A 246 3.07 -13.06 -5.17
CA ALA A 246 4.47 -13.25 -4.81
C ALA A 246 5.04 -14.48 -5.47
N ILE A 247 4.28 -15.57 -5.52
CA ILE A 247 4.76 -16.81 -6.13
C ILE A 247 4.99 -16.61 -7.62
N VAL A 248 4.02 -15.99 -8.30
CA VAL A 248 4.18 -15.80 -9.75
C VAL A 248 5.30 -14.81 -10.04
N PHE A 249 5.51 -13.81 -9.17
CA PHE A 249 6.61 -12.89 -9.37
C PHE A 249 7.95 -13.57 -9.14
N GLY A 250 8.04 -14.46 -8.16
CA GLY A 250 9.26 -15.21 -7.96
C GLY A 250 9.59 -16.12 -9.13
N VAL A 251 8.56 -16.75 -9.69
CA VAL A 251 8.77 -17.58 -10.88
C VAL A 251 9.24 -16.71 -12.05
N ALA A 252 8.64 -15.53 -12.20
CA ALA A 252 9.05 -14.61 -13.27
C ALA A 252 10.50 -14.18 -13.10
N LEU A 253 10.92 -13.91 -11.86
CA LEU A 253 12.30 -13.53 -11.60
C LEU A 253 13.25 -14.68 -11.87
N ARG A 254 12.84 -15.91 -11.54
CA ARG A 254 13.66 -17.07 -11.85
C ARG A 254 13.84 -17.22 -13.35
N LYS A 255 12.77 -17.01 -14.12
CA LYS A 255 12.90 -17.09 -15.57
C LYS A 255 13.68 -15.92 -16.16
N LEU A 256 13.94 -14.88 -15.37
CA LEU A 256 14.70 -13.74 -15.83
C LEU A 256 16.19 -14.06 -15.76
N GLY A 257 17.02 -13.16 -16.28
CA GLY A 257 18.44 -13.40 -16.38
C GLY A 257 19.23 -12.99 -15.15
N PRO A 258 20.44 -12.46 -15.38
CA PRO A 258 21.33 -12.12 -14.25
C PRO A 258 20.76 -11.07 -13.29
N GLU A 259 20.00 -10.10 -13.79
CA GLU A 259 19.42 -9.08 -12.90
C GLU A 259 18.44 -9.68 -11.90
N GLY A 260 17.89 -10.85 -12.21
CA GLY A 260 17.05 -11.54 -11.26
C GLY A 260 17.79 -11.86 -9.97
N GLU A 261 19.07 -12.20 -10.07
CA GLU A 261 19.83 -12.51 -8.86
C GLU A 261 19.97 -11.28 -7.97
N GLU A 262 20.15 -10.10 -8.57
CA GLU A 262 20.23 -8.89 -7.77
C GLU A 262 18.90 -8.57 -7.11
N LEU A 263 17.80 -8.70 -7.86
CA LEU A 263 16.49 -8.41 -7.27
C LEU A 263 16.15 -9.39 -6.15
N ILE A 264 16.47 -10.68 -6.33
CA ILE A 264 16.16 -11.63 -5.28
C ILE A 264 17.12 -11.48 -4.10
N ARG A 265 18.33 -10.98 -4.32
CA ARG A 265 19.19 -10.62 -3.20
C ARG A 265 18.58 -9.49 -2.38
N PHE A 266 18.03 -8.48 -3.07
CA PHE A 266 17.26 -7.43 -2.40
C PHE A 266 16.14 -8.03 -1.55
N PHE A 267 15.34 -8.91 -2.14
CA PHE A 267 14.20 -9.47 -1.43
C PHE A 267 14.64 -10.34 -0.25
N ASN A 268 15.72 -11.11 -0.42
CA ASN A 268 16.21 -11.96 0.67
C ASN A 268 16.73 -11.12 1.83
N SER A 269 17.43 -10.03 1.53
CA SER A 269 17.89 -9.14 2.60
C SER A 269 16.71 -8.53 3.35
N PHE A 270 15.67 -8.12 2.61
CA PHE A 270 14.48 -7.58 3.27
C PHE A 270 13.82 -8.63 4.16
N ASN A 271 13.73 -9.87 3.66
CA ASN A 271 13.12 -10.94 4.45
C ASN A 271 13.92 -11.24 5.71
N GLU A 272 15.26 -11.21 5.61
CA GLU A 272 16.09 -11.44 6.78
C GLU A 272 15.92 -10.33 7.82
N ALA A 273 15.82 -9.07 7.38
CA ALA A 273 15.56 -7.98 8.31
C ALA A 273 14.21 -8.16 9.01
N THR A 274 13.19 -8.54 8.25
CA THR A 274 11.88 -8.78 8.87
C THR A 274 11.95 -9.96 9.84
N MET A 275 12.77 -10.97 9.54
CA MET A 275 12.97 -12.08 10.46
C MET A 275 13.62 -11.63 11.77
N VAL A 276 14.57 -10.70 11.68
CA VAL A 276 15.14 -10.13 12.90
C VAL A 276 14.06 -9.42 13.71
N LEU A 277 13.16 -8.71 13.02
CA LEU A 277 12.02 -8.10 13.71
C LEU A 277 11.15 -9.15 14.38
N VAL A 278 10.95 -10.30 13.72
CA VAL A 278 10.20 -11.40 14.32
C VAL A 278 10.87 -11.85 15.60
N SER A 279 12.21 -11.97 15.57
CA SER A 279 12.94 -12.40 16.75
C SER A 279 12.73 -11.44 17.92
N TRP A 280 12.81 -10.14 17.64
CA TRP A 280 12.60 -9.16 18.71
C TRP A 280 11.16 -9.22 19.25
N ILE A 281 10.19 -9.41 18.36
CA ILE A 281 8.80 -9.49 18.80
C ILE A 281 8.58 -10.72 19.67
N MET A 282 9.13 -11.87 19.27
CA MET A 282 9.02 -13.06 20.11
C MET A 282 9.74 -12.89 21.43
N TRP A 283 10.80 -12.07 21.45
CA TRP A 283 11.42 -11.71 22.74
C TRP A 283 10.46 -10.91 23.61
N TYR A 284 9.72 -9.99 23.00
CA TYR A 284 8.73 -9.22 23.76
C TYR A 284 7.52 -10.05 24.18
N ALA A 285 7.26 -11.16 23.48
CA ALA A 285 5.98 -11.86 23.57
C ALA A 285 5.46 -12.21 24.97
N PRO A 286 6.27 -12.71 25.92
CA PRO A 286 5.67 -13.32 27.14
C PRO A 286 4.69 -12.46 27.92
N VAL A 287 4.91 -11.14 28.03
CA VAL A 287 3.95 -10.31 28.76
C VAL A 287 2.63 -10.22 28.00
N GLY A 288 2.69 -10.10 26.67
CA GLY A 288 1.47 -10.10 25.88
C GLY A 288 0.74 -11.43 25.96
N ILE A 289 1.49 -12.53 26.00
CA ILE A 289 0.89 -13.85 26.17
C ILE A 289 0.18 -13.94 27.52
N MET A 290 0.84 -13.45 28.57
CA MET A 290 0.24 -13.42 29.90
C MET A 290 -1.08 -12.67 29.89
N PHE A 291 -1.08 -11.47 29.32
CA PHE A 291 -2.30 -10.65 29.34
C PHE A 291 -3.39 -11.24 28.45
N LEU A 292 -3.02 -11.85 27.32
CA LEU A 292 -4.00 -12.51 26.48
C LEU A 292 -4.67 -13.67 27.19
N VAL A 293 -3.87 -14.50 27.88
CA VAL A 293 -4.44 -15.61 28.64
C VAL A 293 -5.34 -15.10 29.74
N ALA A 294 -4.90 -14.05 30.46
CA ALA A 294 -5.72 -13.49 31.53
C ALA A 294 -7.04 -12.95 31.01
N SER A 295 -7.01 -12.21 29.89
CA SER A 295 -8.23 -11.66 29.33
C SER A 295 -9.16 -12.75 28.84
N LYS A 296 -8.61 -13.81 28.22
CA LYS A 296 -9.43 -14.92 27.79
C LYS A 296 -10.09 -15.62 28.96
N ILE A 297 -9.35 -15.79 30.06
CA ILE A 297 -9.92 -16.42 31.26
C ILE A 297 -11.04 -15.56 31.82
N VAL A 298 -10.84 -14.24 31.87
CA VAL A 298 -11.86 -13.35 32.42
C VAL A 298 -13.11 -13.37 31.55
N GLU A 299 -12.94 -13.25 30.23
CA GLU A 299 -14.09 -13.10 29.36
C GLU A 299 -14.85 -14.42 29.18
N MET A 300 -14.13 -15.52 29.00
CA MET A 300 -14.77 -16.81 28.75
C MET A 300 -15.17 -17.41 30.09
N GLU A 301 -16.47 -17.52 30.33
CA GLU A 301 -16.96 -18.18 31.53
C GLU A 301 -16.73 -19.68 31.43
N ASP A 302 -16.83 -20.35 32.58
CA ASP A 302 -16.62 -21.80 32.67
C ASP A 302 -15.23 -22.19 32.18
N VAL A 303 -14.23 -21.77 32.95
CA VAL A 303 -12.83 -22.02 32.61
C VAL A 303 -12.56 -23.51 32.44
N VAL A 304 -13.32 -24.37 33.13
CA VAL A 304 -13.19 -25.81 32.94
C VAL A 304 -13.53 -26.19 31.50
N LEU A 305 -14.53 -25.52 30.92
CA LEU A 305 -14.87 -25.76 29.52
C LEU A 305 -13.70 -25.39 28.61
N LEU A 306 -13.04 -24.27 28.89
CA LEU A 306 -11.89 -23.87 28.08
C LEU A 306 -10.74 -24.87 28.20
N PHE A 307 -10.47 -25.33 29.42
CA PHE A 307 -9.39 -26.30 29.61
C PHE A 307 -9.69 -27.63 28.91
N THR A 308 -10.93 -28.11 29.03
CA THR A 308 -11.26 -29.37 28.38
C THR A 308 -11.33 -29.22 26.86
N SER A 309 -11.67 -28.02 26.36
CA SER A 309 -11.58 -27.77 24.93
C SER A 309 -10.14 -27.80 24.45
N LEU A 310 -9.22 -27.22 25.24
CA LEU A 310 -7.80 -27.30 24.89
C LEU A 310 -7.32 -28.74 24.86
N GLY A 311 -7.74 -29.53 25.84
CA GLY A 311 -7.37 -30.94 25.85
C GLY A 311 -7.91 -31.70 24.66
N LYS A 312 -9.16 -31.43 24.29
CA LYS A 312 -9.75 -32.09 23.13
C LYS A 312 -9.03 -31.67 21.85
N TYR A 313 -8.62 -30.40 21.75
CA TYR A 313 -7.86 -29.96 20.58
C TYR A 313 -6.51 -30.66 20.50
N ILE A 314 -5.84 -30.82 21.65
CA ILE A 314 -4.57 -31.54 21.67
C ILE A 314 -4.77 -32.97 21.18
N PHE A 315 -5.81 -33.64 21.69
CA PHE A 315 -6.06 -35.01 21.27
C PHE A 315 -6.40 -35.07 19.78
N CYS A 316 -7.14 -34.09 19.29
CA CYS A 316 -7.47 -34.03 17.86
C CYS A 316 -6.21 -33.91 17.02
N CYS A 317 -5.28 -33.04 17.42
CA CYS A 317 -4.06 -32.85 16.65
C CYS A 317 -3.17 -34.11 16.70
N ILE A 318 -3.07 -34.74 17.86
CA ILE A 318 -2.27 -35.97 17.96
C ILE A 318 -2.89 -37.08 17.12
N LEU A 319 -4.22 -37.19 17.15
CA LEU A 319 -4.90 -38.21 16.35
C LEU A 319 -4.70 -37.94 14.86
N GLY A 320 -4.74 -36.68 14.44
CA GLY A 320 -4.48 -36.35 13.05
C GLY A 320 -3.08 -36.72 12.63
N HIS A 321 -2.09 -36.39 13.47
CA HIS A 321 -0.71 -36.79 13.20
C HIS A 321 -0.60 -38.29 13.04
N ALA A 322 -1.21 -39.03 13.97
CA ALA A 322 -1.10 -40.48 13.96
C ALA A 322 -1.74 -41.08 12.71
N ILE A 323 -2.97 -40.65 12.39
CA ILE A 323 -3.65 -41.24 11.24
C ILE A 323 -2.90 -40.90 9.95
N HIS A 324 -2.40 -39.66 9.83
CA HIS A 324 -1.61 -39.30 8.65
C HIS A 324 -0.37 -40.20 8.55
N GLY A 325 0.52 -40.11 9.52
CA GLY A 325 1.80 -40.78 9.46
C GLY A 325 1.75 -42.29 9.55
N LEU A 326 0.61 -42.87 9.91
CA LEU A 326 0.50 -44.32 9.98
C LEU A 326 -0.48 -44.92 8.98
N ILE A 327 -1.21 -44.11 8.21
CA ILE A 327 -2.07 -44.68 7.19
C ILE A 327 -1.77 -44.05 5.83
N VAL A 328 -1.77 -42.72 5.76
CA VAL A 328 -1.71 -42.05 4.47
C VAL A 328 -0.35 -42.26 3.82
N LEU A 329 0.72 -42.00 4.56
CA LEU A 329 2.08 -42.18 4.03
C LEU A 329 2.41 -43.63 3.72
N PRO A 330 2.10 -44.61 4.59
CA PRO A 330 2.25 -46.01 4.16
C PRO A 330 1.40 -46.37 2.96
N LEU A 331 0.22 -45.77 2.81
CA LEU A 331 -0.58 -45.99 1.61
C LEU A 331 0.14 -45.47 0.37
N ILE A 332 0.77 -44.30 0.49
CA ILE A 332 1.54 -43.75 -0.62
C ILE A 332 2.71 -44.66 -0.95
N TYR A 333 3.38 -45.19 0.07
CA TYR A 333 4.48 -46.13 -0.15
C TYR A 333 4.00 -47.39 -0.86
N PHE A 334 2.85 -47.91 -0.46
CA PHE A 334 2.33 -49.12 -1.10
C PHE A 334 1.85 -48.84 -2.52
N ALA A 335 1.42 -47.60 -2.79
CA ALA A 335 0.98 -47.26 -4.14
C ALA A 335 2.17 -47.10 -5.08
N PHE A 336 3.05 -46.14 -4.78
CA PHE A 336 4.21 -45.91 -5.62
C PHE A 336 5.30 -46.92 -5.29
N THR A 337 5.75 -47.67 -6.31
CA THR A 337 6.75 -48.73 -6.15
C THR A 337 6.29 -49.73 -5.09
N ARG A 338 5.23 -50.45 -5.46
CA ARG A 338 4.49 -51.32 -4.54
C ARG A 338 5.38 -52.31 -3.80
N LYS A 339 5.49 -52.12 -2.48
CA LYS A 339 6.23 -52.99 -1.59
C LYS A 339 5.87 -52.59 -0.15
N ASN A 340 6.22 -53.46 0.78
CA ASN A 340 5.83 -53.27 2.18
C ASN A 340 6.60 -52.15 2.84
N PRO A 341 5.93 -51.12 3.39
CA PRO A 341 6.66 -50.01 4.01
C PRO A 341 7.13 -50.30 5.42
N TYR A 342 6.59 -51.35 6.05
CA TYR A 342 6.97 -51.66 7.43
C TYR A 342 8.45 -51.98 7.54
N ARG A 343 9.04 -52.56 6.49
CA ARG A 343 10.47 -52.86 6.54
C ARG A 343 11.27 -51.59 6.66
N PHE A 344 10.98 -50.60 5.81
CA PHE A 344 11.69 -49.33 5.88
C PHE A 344 11.41 -48.63 7.21
N LEU A 345 10.21 -48.81 7.75
CA LEU A 345 9.89 -48.20 9.05
C LEU A 345 10.73 -48.80 10.16
N LEU A 346 10.82 -50.13 10.22
CA LEU A 346 11.63 -50.79 11.23
C LEU A 346 13.11 -50.43 11.05
N GLY A 347 13.54 -50.32 9.80
CA GLY A 347 14.91 -49.90 9.54
C GLY A 347 15.22 -48.54 10.15
N LEU A 348 14.32 -47.57 9.93
CA LEU A 348 14.57 -46.18 10.37
C LEU A 348 14.05 -45.93 11.78
N LEU A 349 13.91 -46.98 12.60
CA LEU A 349 13.32 -46.78 13.96
C LEU A 349 14.16 -45.76 14.71
N THR A 350 15.47 -45.71 14.44
CA THR A 350 16.37 -44.79 15.21
C THR A 350 16.01 -43.32 14.96
N PRO A 351 16.16 -42.77 13.74
CA PRO A 351 15.94 -41.34 13.50
C PRO A 351 14.57 -40.82 13.94
N LEU A 352 13.51 -41.64 13.85
CA LEU A 352 12.21 -41.20 14.38
C LEU A 352 12.27 -40.97 15.87
N ALA A 353 12.97 -41.83 16.61
CA ALA A 353 13.12 -41.62 18.05
C ALA A 353 13.92 -40.35 18.33
N THR A 354 14.98 -40.12 17.55
CA THR A 354 15.76 -38.91 17.74
C THR A 354 14.94 -37.66 17.44
N ALA A 355 14.10 -37.71 16.40
CA ALA A 355 13.26 -36.58 16.06
C ALA A 355 12.17 -36.35 17.10
N PHE A 356 11.61 -37.43 17.65
CA PHE A 356 10.60 -37.30 18.69
C PHE A 356 11.19 -36.71 19.96
N GLY A 357 12.41 -37.11 20.31
CA GLY A 357 13.05 -36.60 21.51
C GLY A 357 13.55 -35.18 21.39
N THR A 358 14.39 -34.93 20.38
CA THR A 358 14.99 -33.62 20.23
C THR A 358 14.01 -32.58 19.70
N SER A 359 13.01 -33.01 18.93
CA SER A 359 11.99 -32.13 18.34
C SER A 359 12.63 -31.03 17.50
N SER A 360 13.67 -31.38 16.74
CA SER A 360 14.36 -30.46 15.86
C SER A 360 14.54 -31.14 14.51
N SER A 361 13.99 -30.55 13.46
CA SER A 361 14.05 -31.17 12.14
C SER A 361 15.44 -31.05 11.53
N SER A 362 16.10 -29.91 11.72
CA SER A 362 17.40 -29.71 11.09
C SER A 362 18.50 -30.50 11.79
N ALA A 363 18.41 -30.65 13.11
CA ALA A 363 19.47 -31.32 13.85
C ALA A 363 19.50 -32.82 13.57
N THR A 364 18.34 -33.43 13.34
CA THR A 364 18.28 -34.87 13.10
C THR A 364 18.56 -35.23 11.64
N LEU A 365 18.73 -34.24 10.76
CA LEU A 365 18.94 -34.53 9.34
C LEU A 365 20.18 -35.36 9.05
N PRO A 366 21.40 -35.04 9.58
CA PRO A 366 22.56 -35.86 9.24
C PRO A 366 22.47 -37.29 9.74
N LEU A 367 22.06 -37.46 11.00
CA LEU A 367 21.92 -38.81 11.54
C LEU A 367 20.86 -39.59 10.78
N MET A 368 19.74 -38.95 10.45
CA MET A 368 18.68 -39.67 9.74
C MET A 368 19.12 -40.06 8.34
N MET A 369 19.80 -39.17 7.62
CA MET A 369 20.22 -39.50 6.26
C MET A 369 21.30 -40.58 6.27
N LYS A 370 22.23 -40.53 7.24
CA LYS A 370 23.24 -41.58 7.30
C LYS A 370 22.62 -42.92 7.70
N CYS A 371 21.61 -42.90 8.56
CA CYS A 371 20.92 -44.14 8.92
C CYS A 371 20.14 -44.70 7.74
N VAL A 372 19.53 -43.83 6.94
CA VAL A 372 18.85 -44.27 5.72
C VAL A 372 19.84 -44.91 4.77
N GLU A 373 21.01 -44.29 4.61
CA GLU A 373 22.02 -44.83 3.70
C GLU A 373 22.56 -46.17 4.16
N GLU A 374 22.81 -46.30 5.47
CA GLU A 374 23.40 -47.56 6.00
C GLU A 374 22.33 -48.67 5.99
N ASN A 375 21.18 -48.42 6.60
CA ASN A 375 20.11 -49.45 6.68
C ASN A 375 19.53 -49.68 5.28
N ASN A 376 19.08 -50.91 5.00
CA ASN A 376 18.51 -51.23 3.66
C ASN A 376 19.50 -50.78 2.57
N GLY A 377 19.02 -49.98 1.62
CA GLY A 377 19.88 -49.47 0.54
C GLY A 377 19.30 -48.24 -0.14
N VAL A 378 20.17 -47.31 -0.58
CA VAL A 378 19.71 -46.06 -1.26
C VAL A 378 20.78 -45.64 -2.27
N ASP A 379 20.37 -44.99 -3.37
CA ASP A 379 21.34 -44.49 -4.37
C ASP A 379 22.28 -43.49 -3.71
N LYS A 380 21.87 -42.95 -2.56
CA LYS A 380 22.71 -41.97 -1.80
C LYS A 380 22.67 -40.61 -2.49
N ARG A 381 22.83 -40.57 -3.82
CA ARG A 381 22.72 -39.28 -4.51
C ARG A 381 21.31 -38.73 -4.47
N ILE A 382 20.30 -39.59 -4.67
CA ILE A 382 18.91 -39.16 -4.56
C ILE A 382 18.60 -38.68 -3.16
N SER A 383 19.05 -39.44 -2.15
CA SER A 383 18.86 -39.02 -0.77
C SER A 383 19.65 -37.74 -0.47
N ARG A 384 20.89 -37.66 -0.93
CA ARG A 384 21.71 -36.48 -0.70
C ARG A 384 21.13 -35.24 -1.37
N PHE A 385 20.32 -35.41 -2.39
CA PHE A 385 19.64 -34.29 -3.02
C PHE A 385 18.31 -33.96 -2.35
N ILE A 386 17.59 -34.99 -1.88
CA ILE A 386 16.23 -34.78 -1.40
C ILE A 386 16.22 -34.30 0.04
N LEU A 387 16.97 -34.98 0.91
CA LEU A 387 16.85 -34.75 2.35
C LEU A 387 17.18 -33.32 2.77
N PRO A 388 18.27 -32.69 2.33
CA PRO A 388 18.49 -31.27 2.71
C PRO A 388 17.41 -30.35 2.20
N ILE A 389 16.82 -30.62 1.04
CA ILE A 389 15.79 -29.75 0.48
C ILE A 389 14.38 -30.17 0.87
N GLY A 390 14.20 -31.37 1.41
CA GLY A 390 12.89 -31.80 1.82
C GLY A 390 12.63 -31.60 3.30
N ALA A 391 13.69 -31.28 4.06
CA ALA A 391 13.55 -31.15 5.50
C ALA A 391 12.76 -29.91 5.89
N THR A 392 12.97 -28.81 5.17
CA THR A 392 12.34 -27.53 5.50
C THR A 392 11.30 -27.11 4.47
N VAL A 393 10.76 -28.06 3.71
CA VAL A 393 9.77 -27.80 2.67
C VAL A 393 8.48 -28.57 2.88
N ASN A 394 8.60 -29.87 3.22
CA ASN A 394 7.45 -30.75 3.33
C ASN A 394 6.43 -30.27 4.36
N MET A 395 6.80 -30.25 5.64
CA MET A 395 5.98 -29.71 6.72
C MET A 395 4.58 -30.34 6.76
N ASP A 396 4.55 -31.68 6.83
CA ASP A 396 3.26 -32.37 6.95
C ASP A 396 2.61 -32.07 8.29
N GLY A 397 3.36 -32.27 9.37
CA GLY A 397 2.83 -32.01 10.70
C GLY A 397 2.47 -30.55 10.90
N ALA A 398 3.23 -29.66 10.29
CA ALA A 398 2.88 -28.24 10.32
C ALA A 398 1.51 -28.01 9.69
N ALA A 399 1.24 -28.67 8.56
CA ALA A 399 -0.07 -28.54 7.94
C ALA A 399 -1.17 -29.08 8.83
N ILE A 400 -0.94 -30.24 9.45
CA ILE A 400 -1.94 -30.82 10.35
C ILE A 400 -2.24 -29.86 11.50
N PHE A 401 -1.19 -29.36 12.14
CA PHE A 401 -1.35 -28.45 13.27
C PHE A 401 -2.05 -27.17 12.85
N GLN A 402 -1.65 -26.59 11.72
CA GLN A 402 -2.23 -25.33 11.30
C GLN A 402 -3.70 -25.47 10.95
N CYS A 403 -4.07 -26.54 10.24
CA CYS A 403 -5.47 -26.72 9.88
C CYS A 403 -6.32 -26.99 11.11
N VAL A 404 -5.87 -27.90 11.99
CA VAL A 404 -6.66 -28.21 13.18
C VAL A 404 -6.77 -27.00 14.08
N ALA A 405 -5.69 -26.22 14.20
CA ALA A 405 -5.72 -25.04 15.05
C ALA A 405 -6.63 -23.96 14.48
N ALA A 406 -6.62 -23.76 13.16
CA ALA A 406 -7.51 -22.78 12.56
C ALA A 406 -8.97 -23.18 12.75
N VAL A 407 -9.28 -24.46 12.56
CA VAL A 407 -10.65 -24.93 12.79
C VAL A 407 -11.05 -24.75 14.25
N PHE A 408 -10.14 -25.07 15.17
CA PHE A 408 -10.44 -24.94 16.59
C PHE A 408 -10.67 -23.49 16.99
N ILE A 409 -9.87 -22.56 16.46
CA ILE A 409 -10.09 -21.15 16.76
C ILE A 409 -11.42 -20.68 16.18
N ALA A 410 -11.72 -21.07 14.95
CA ALA A 410 -12.99 -20.66 14.34
C ALA A 410 -14.18 -21.23 15.10
N GLN A 411 -14.03 -22.42 15.68
CA GLN A 411 -15.12 -23.03 16.44
C GLN A 411 -15.20 -22.55 17.87
N LEU A 412 -14.11 -21.98 18.40
CA LEU A 412 -14.16 -21.48 19.77
C LEU A 412 -14.93 -20.18 19.87
N ASN A 413 -14.99 -19.42 18.79
CA ASN A 413 -15.75 -18.18 18.74
C ASN A 413 -17.13 -18.36 18.13
N ASN A 414 -17.53 -19.61 17.88
CA ASN A 414 -18.82 -19.94 17.26
C ASN A 414 -18.97 -19.24 15.91
N VAL A 415 -17.88 -19.20 15.15
CA VAL A 415 -17.88 -18.57 13.83
C VAL A 415 -18.02 -19.67 12.79
N PRO A 416 -19.15 -19.78 12.09
CA PRO A 416 -19.28 -20.79 11.04
C PRO A 416 -18.35 -20.52 9.88
N LEU A 417 -17.91 -21.59 9.23
CA LEU A 417 -17.02 -21.52 8.09
C LEU A 417 -17.70 -22.13 6.87
N ASN A 418 -17.56 -21.47 5.73
CA ASN A 418 -18.10 -21.95 4.47
C ASN A 418 -17.02 -22.67 3.67
N PHE A 419 -17.38 -23.10 2.46
CA PHE A 419 -16.44 -23.86 1.65
C PHE A 419 -15.25 -23.00 1.21
N GLY A 420 -15.50 -21.74 0.88
CA GLY A 420 -14.42 -20.87 0.44
C GLY A 420 -13.35 -20.68 1.49
N GLN A 421 -13.75 -20.52 2.75
CA GLN A 421 -12.78 -20.36 3.82
C GLN A 421 -11.97 -21.63 4.03
N ILE A 422 -12.61 -22.80 3.90
CA ILE A 422 -11.88 -24.06 4.06
C ILE A 422 -10.85 -24.24 2.95
N ILE A 423 -11.25 -23.96 1.71
CA ILE A 423 -10.28 -24.07 0.61
C ILE A 423 -9.17 -23.04 0.77
N THR A 424 -9.50 -21.85 1.27
CA THR A 424 -8.46 -20.86 1.56
C THR A 424 -7.48 -21.37 2.60
N ILE A 425 -7.99 -22.02 3.65
CA ILE A 425 -7.13 -22.59 4.68
C ILE A 425 -6.18 -23.62 4.06
N LEU A 426 -6.72 -24.53 3.26
CA LEU A 426 -5.87 -25.55 2.63
C LEU A 426 -4.80 -24.91 1.75
N VAL A 427 -5.20 -23.95 0.92
CA VAL A 427 -4.28 -23.37 -0.05
C VAL A 427 -3.19 -22.57 0.66
N THR A 428 -3.54 -21.80 1.68
CA THR A 428 -2.50 -21.02 2.36
C THR A 428 -1.60 -21.91 3.21
N ALA A 429 -2.13 -22.99 3.79
CA ALA A 429 -1.29 -23.93 4.52
C ALA A 429 -0.29 -24.60 3.59
N THR A 430 -0.72 -24.93 2.37
CA THR A 430 0.23 -25.47 1.39
C THR A 430 1.23 -24.42 0.96
N ALA A 431 0.77 -23.20 0.65
CA ALA A 431 1.64 -22.19 0.08
C ALA A 431 2.64 -21.64 1.08
N SER A 432 2.39 -21.77 2.37
CA SER A 432 3.40 -21.39 3.35
C SER A 432 4.61 -22.32 3.30
N SER A 433 4.44 -23.54 2.79
CA SER A 433 5.56 -24.49 2.75
C SER A 433 6.64 -24.06 1.76
N VAL A 434 6.23 -23.52 0.60
CA VAL A 434 7.23 -23.11 -0.38
C VAL A 434 7.97 -21.86 0.07
N GLY A 435 7.40 -21.10 1.00
CA GLY A 435 8.08 -19.98 1.61
C GLY A 435 8.67 -20.29 2.97
N ALA A 436 8.58 -21.53 3.44
CA ALA A 436 9.11 -21.91 4.74
C ALA A 436 10.62 -21.85 4.81
N ALA A 437 11.31 -21.71 3.68
CA ALA A 437 12.76 -21.57 3.72
C ALA A 437 13.21 -20.25 4.32
N GLY A 438 12.30 -19.29 4.45
CA GLY A 438 12.63 -18.00 5.02
C GLY A 438 11.82 -17.62 6.24
N ILE A 439 10.84 -18.45 6.59
CA ILE A 439 9.99 -18.19 7.75
C ILE A 439 9.98 -19.43 8.65
N PRO A 440 9.81 -19.28 9.96
CA PRO A 440 9.77 -20.46 10.85
C PRO A 440 8.42 -21.17 10.83
N ALA A 441 8.23 -22.01 9.81
CA ALA A 441 7.00 -22.77 9.70
C ALA A 441 6.92 -23.83 10.79
N GLY A 442 5.71 -24.31 11.02
CA GLY A 442 5.44 -25.23 12.11
C GLY A 442 5.13 -24.57 13.43
N GLY A 443 5.26 -23.24 13.52
CA GLY A 443 4.92 -22.50 14.71
C GLY A 443 3.62 -21.74 14.56
N VAL A 444 3.41 -20.77 15.45
CA VAL A 444 2.20 -19.99 15.43
C VAL A 444 2.20 -18.89 14.38
N LEU A 445 3.35 -18.64 13.73
CA LEU A 445 3.41 -17.59 12.72
C LEU A 445 2.58 -17.96 11.50
N THR A 446 2.74 -19.18 11.00
CA THR A 446 1.93 -19.63 9.87
C THR A 446 0.45 -19.71 10.25
N LEU A 447 0.17 -20.07 11.50
CA LEU A 447 -1.21 -20.04 11.98
C LEU A 447 -1.76 -18.62 11.94
N ALA A 448 -0.94 -17.63 12.28
CA ALA A 448 -1.37 -16.24 12.16
C ALA A 448 -1.61 -15.87 10.69
N ILE A 449 -0.76 -16.37 9.79
CA ILE A 449 -0.99 -16.16 8.36
C ILE A 449 -2.37 -16.66 7.97
N ILE A 450 -2.69 -17.89 8.38
CA ILE A 450 -3.98 -18.50 8.02
C ILE A 450 -5.13 -17.71 8.65
N LEU A 451 -5.00 -17.33 9.91
CA LEU A 451 -6.07 -16.62 10.61
C LEU A 451 -6.36 -15.27 9.95
N GLU A 452 -5.31 -14.52 9.60
CA GLU A 452 -5.54 -13.28 8.89
C GLU A 452 -6.09 -13.53 7.48
N ALA A 453 -5.71 -14.65 6.85
CA ALA A 453 -6.25 -14.96 5.53
C ALA A 453 -7.75 -15.21 5.57
N ILE A 454 -8.23 -15.92 6.60
CA ILE A 454 -9.65 -16.25 6.68
C ILE A 454 -10.44 -15.27 7.56
N GLY A 455 -9.77 -14.33 8.23
CA GLY A 455 -10.47 -13.31 8.98
C GLY A 455 -11.12 -13.77 10.26
N LEU A 456 -10.31 -14.21 11.22
CA LEU A 456 -10.77 -14.57 12.55
C LEU A 456 -9.98 -13.82 13.60
N PRO A 457 -10.58 -13.56 14.76
CA PRO A 457 -9.81 -12.97 15.86
C PRO A 457 -8.69 -13.90 16.30
N THR A 458 -7.57 -13.30 16.67
CA THR A 458 -6.36 -14.04 17.03
C THR A 458 -6.04 -13.93 18.51
N HIS A 459 -7.06 -13.92 19.36
CA HIS A 459 -6.83 -13.91 20.79
C HIS A 459 -6.55 -15.29 21.36
N ASP A 460 -6.69 -16.34 20.55
CA ASP A 460 -6.44 -17.71 20.98
C ASP A 460 -5.06 -18.20 20.55
N LEU A 461 -4.28 -17.35 19.87
CA LEU A 461 -2.92 -17.73 19.49
C LEU A 461 -2.06 -18.00 20.71
N SER A 462 -2.20 -17.19 21.77
CA SER A 462 -1.46 -17.44 22.99
C SER A 462 -1.88 -18.75 23.64
N LEU A 463 -3.18 -19.04 23.64
CA LEU A 463 -3.67 -20.29 24.20
C LEU A 463 -3.12 -21.49 23.44
N ILE A 464 -3.01 -21.37 22.12
CA ILE A 464 -2.44 -22.45 21.32
C ILE A 464 -0.94 -22.58 21.56
N LEU A 465 -0.24 -21.46 21.69
CA LEU A 465 1.17 -21.50 22.04
C LEU A 465 1.39 -22.14 23.41
N ALA A 466 0.38 -22.07 24.27
CA ALA A 466 0.46 -22.71 25.58
C ALA A 466 0.54 -24.23 25.49
N VAL A 467 0.10 -24.83 24.38
CA VAL A 467 0.19 -26.27 24.17
C VAL A 467 1.13 -26.63 23.03
N ASP A 468 1.69 -25.64 22.35
CA ASP A 468 2.70 -25.89 21.33
C ASP A 468 3.88 -26.69 21.86
N TRP A 469 4.20 -26.54 23.14
CA TRP A 469 5.31 -27.31 23.72
C TRP A 469 5.02 -28.80 23.70
N LEU A 470 3.74 -29.15 23.78
CA LEU A 470 3.42 -30.60 23.90
C LEU A 470 2.86 -31.20 22.61
N VAL A 471 2.51 -30.39 21.62
CA VAL A 471 2.06 -30.98 20.33
C VAL A 471 3.09 -30.71 19.23
N ASP A 472 4.30 -30.24 19.55
CA ASP A 472 5.26 -30.07 18.46
C ASP A 472 6.10 -31.32 18.18
N ARG A 473 6.26 -32.22 19.15
CA ARG A 473 7.13 -33.38 18.94
C ARG A 473 6.61 -34.27 17.83
N THR A 474 5.32 -34.61 17.88
CA THR A 474 4.74 -35.47 16.86
C THR A 474 4.76 -34.82 15.49
N THR A 475 4.64 -33.48 15.45
CA THR A 475 4.83 -32.74 14.21
C THR A 475 6.18 -33.07 13.58
N THR A 476 7.25 -32.96 14.36
CA THR A 476 8.58 -33.22 13.84
C THR A 476 8.73 -34.67 13.41
N VAL A 477 8.20 -35.61 14.21
CA VAL A 477 8.40 -37.01 13.85
C VAL A 477 7.66 -37.36 12.57
N VAL A 478 6.45 -36.80 12.38
CA VAL A 478 5.72 -37.12 11.16
C VAL A 478 6.35 -36.43 9.96
N ASN A 479 6.93 -35.24 10.14
CA ASN A 479 7.63 -34.60 9.04
C ASN A 479 8.84 -35.41 8.61
N VAL A 480 9.63 -35.89 9.58
CA VAL A 480 10.80 -36.70 9.26
C VAL A 480 10.38 -37.99 8.57
N GLU A 481 9.30 -38.62 9.07
CA GLU A 481 8.80 -39.85 8.45
C GLU A 481 8.34 -39.61 7.02
N GLY A 482 7.65 -38.49 6.77
CA GLY A 482 7.22 -38.18 5.42
C GLY A 482 8.38 -37.96 4.47
N ASP A 483 9.40 -37.21 4.91
CA ASP A 483 10.57 -37.00 4.07
C ASP A 483 11.27 -38.31 3.76
N ALA A 484 11.42 -39.17 4.77
CA ALA A 484 12.09 -40.45 4.56
C ALA A 484 11.32 -41.33 3.58
N LEU A 485 10.00 -41.40 3.73
CA LEU A 485 9.20 -42.23 2.82
C LEU A 485 9.26 -41.68 1.40
N GLY A 486 9.21 -40.36 1.25
CA GLY A 486 9.33 -39.78 -0.08
C GLY A 486 10.67 -40.09 -0.73
N ALA A 487 11.75 -39.97 0.04
CA ALA A 487 13.07 -40.30 -0.49
C ALA A 487 13.14 -41.76 -0.90
N GLY A 488 12.58 -42.65 -0.08
CA GLY A 488 12.61 -44.07 -0.43
C GLY A 488 11.84 -44.39 -1.69
N ILE A 489 10.63 -43.84 -1.82
CA ILE A 489 9.82 -44.15 -3.00
C ILE A 489 10.43 -43.54 -4.25
N LEU A 490 11.01 -42.35 -4.14
CA LEU A 490 11.65 -41.76 -5.32
C LEU A 490 12.93 -42.50 -5.69
N GLN A 491 13.68 -43.02 -4.70
CA GLN A 491 14.83 -43.84 -5.02
C GLN A 491 14.41 -45.11 -5.75
N HIS A 492 13.34 -45.76 -5.28
CA HIS A 492 12.88 -46.97 -5.94
C HIS A 492 12.34 -46.67 -7.35
N LEU A 493 11.71 -45.52 -7.53
CA LEU A 493 11.26 -45.12 -8.87
C LEU A 493 12.44 -44.85 -9.79
N ASN A 494 13.48 -44.20 -9.29
CA ASN A 494 14.64 -43.89 -10.13
C ASN A 494 15.44 -45.13 -10.46
N ASP A 495 15.47 -46.12 -9.56
CA ASP A 495 16.22 -47.34 -9.83
C ASP A 495 15.64 -48.09 -11.03
N LYS A 496 14.31 -48.15 -11.13
CA LYS A 496 13.61 -48.85 -12.21
C LYS A 496 14.03 -50.32 -12.33
N ASP B 51 5.22 -30.17 -41.02
CA ASP B 51 4.45 -29.47 -42.05
C ASP B 51 4.70 -27.96 -41.97
N GLN B 52 4.66 -27.31 -43.13
CA GLN B 52 4.91 -25.87 -43.17
C GLN B 52 3.79 -25.09 -42.48
N VAL B 53 2.55 -25.58 -42.57
CA VAL B 53 1.44 -24.92 -41.88
C VAL B 53 1.62 -25.00 -40.37
N ARG B 54 2.16 -26.11 -39.88
CA ARG B 54 2.44 -26.22 -38.45
C ARG B 54 3.48 -25.20 -38.01
N ARG B 55 4.53 -25.02 -38.80
CA ARG B 55 5.54 -24.00 -38.47
C ARG B 55 4.93 -22.61 -38.53
N PHE B 56 4.06 -22.35 -39.51
CA PHE B 56 3.42 -21.04 -39.59
C PHE B 56 2.55 -20.76 -38.37
N LEU B 57 1.75 -21.74 -37.94
CA LEU B 57 0.91 -21.52 -36.77
C LEU B 57 1.73 -21.45 -35.49
N ARG B 58 2.88 -22.11 -35.46
CA ARG B 58 3.77 -21.99 -34.30
C ARG B 58 4.37 -20.58 -34.25
N ARG B 59 4.71 -20.02 -35.41
CA ARG B 59 5.33 -18.70 -35.45
C ARG B 59 4.42 -17.64 -34.83
N ASN B 60 3.12 -17.67 -35.18
CA ASN B 60 2.13 -16.74 -34.64
C ASN B 60 0.93 -17.55 -34.14
N LEU B 61 1.01 -18.01 -32.89
CA LEU B 61 -0.07 -18.75 -32.28
C LEU B 61 -1.00 -17.88 -31.46
N LEU B 62 -0.49 -16.81 -30.85
CA LEU B 62 -1.33 -15.95 -30.02
C LEU B 62 -2.41 -15.27 -30.84
N VAL B 63 -2.07 -14.78 -32.04
CA VAL B 63 -3.04 -14.08 -32.87
C VAL B 63 -4.15 -15.02 -33.32
N LEU B 64 -3.77 -16.20 -33.82
CA LEU B 64 -4.76 -17.18 -34.24
C LEU B 64 -5.62 -17.62 -33.06
N LEU B 65 -5.00 -17.82 -31.90
CA LEU B 65 -5.74 -18.26 -30.73
C LEU B 65 -6.76 -17.20 -30.30
N THR B 66 -6.39 -15.92 -30.29
CA THR B 66 -7.32 -14.91 -29.83
C THR B 66 -8.42 -14.65 -30.87
N VAL B 67 -8.09 -14.72 -32.16
CA VAL B 67 -9.14 -14.57 -33.18
C VAL B 67 -10.13 -15.74 -33.10
N SER B 68 -9.62 -16.96 -32.96
CA SER B 68 -10.50 -18.11 -32.80
C SER B 68 -11.30 -18.02 -31.50
N GLY B 69 -10.72 -17.45 -30.45
CA GLY B 69 -11.46 -17.28 -29.21
C GLY B 69 -12.61 -16.30 -29.36
N VAL B 70 -12.38 -15.19 -30.06
CA VAL B 70 -13.46 -14.23 -30.29
C VAL B 70 -14.56 -14.85 -31.16
N LEU B 71 -14.16 -15.56 -32.21
CA LEU B 71 -15.15 -16.21 -33.08
C LEU B 71 -15.94 -17.26 -32.30
N ALA B 72 -15.26 -18.05 -31.47
CA ALA B 72 -15.94 -19.06 -30.67
C ALA B 72 -16.87 -18.43 -29.66
N GLY B 73 -16.47 -17.30 -29.07
CA GLY B 73 -17.34 -16.60 -28.15
C GLY B 73 -18.61 -16.10 -28.82
N VAL B 74 -18.47 -15.53 -30.01
CA VAL B 74 -19.65 -15.09 -30.76
C VAL B 74 -20.56 -16.27 -31.07
N ALA B 75 -19.98 -17.37 -31.55
CA ALA B 75 -20.77 -18.54 -31.91
C ALA B 75 -21.49 -19.12 -30.70
N LEU B 76 -20.77 -19.25 -29.58
CA LEU B 76 -21.37 -19.81 -28.37
C LEU B 76 -22.46 -18.91 -27.81
N GLY B 77 -22.24 -17.60 -27.84
CA GLY B 77 -23.26 -16.69 -27.34
C GLY B 77 -24.53 -16.71 -28.17
N LEU B 78 -24.39 -16.69 -29.50
CA LEU B 78 -25.57 -16.80 -30.35
C LEU B 78 -26.27 -18.13 -30.17
N GLY B 79 -25.50 -19.22 -30.05
CA GLY B 79 -26.11 -20.53 -29.84
C GLY B 79 -26.87 -20.63 -28.53
N VAL B 80 -26.30 -20.05 -27.46
CA VAL B 80 -26.97 -20.09 -26.16
C VAL B 80 -28.23 -19.20 -26.19
N ARG B 81 -28.11 -17.99 -26.74
CA ARG B 81 -29.27 -17.10 -26.78
C ARG B 81 -30.34 -17.59 -27.73
N GLY B 82 -30.01 -18.48 -28.66
CA GLY B 82 -31.00 -18.98 -29.59
C GLY B 82 -32.04 -19.88 -28.96
N ALA B 83 -31.62 -21.07 -28.50
CA ALA B 83 -32.54 -22.04 -27.92
C ALA B 83 -31.94 -22.66 -26.67
N GLY B 84 -31.23 -21.86 -25.89
CA GLY B 84 -30.65 -22.33 -24.64
C GLY B 84 -31.15 -21.57 -23.45
N GLY B 85 -32.43 -21.19 -23.47
CA GLY B 85 -33.04 -20.40 -22.42
C GLY B 85 -33.15 -18.93 -22.75
N GLY B 86 -32.37 -18.43 -23.72
CA GLY B 86 -32.45 -17.04 -24.09
C GLY B 86 -31.96 -16.11 -23.00
N LEU B 87 -32.51 -14.90 -22.98
CA LEU B 87 -32.18 -13.89 -21.98
C LEU B 87 -32.84 -14.15 -20.63
N ALA B 88 -33.50 -15.30 -20.47
CA ALA B 88 -34.18 -15.62 -19.21
C ALA B 88 -33.20 -15.84 -18.05
N LEU B 89 -31.91 -15.96 -18.33
CA LEU B 89 -30.93 -16.08 -17.26
C LEU B 89 -30.90 -14.80 -16.43
N SER B 90 -30.80 -14.96 -15.12
CA SER B 90 -30.82 -13.82 -14.22
C SER B 90 -29.45 -13.15 -14.18
N ARG B 91 -29.37 -12.05 -13.43
CA ARG B 91 -28.13 -11.30 -13.32
C ARG B 91 -27.04 -12.14 -12.65
N ALA B 92 -27.41 -12.90 -11.63
CA ALA B 92 -26.42 -13.74 -10.94
C ALA B 92 -25.86 -14.81 -11.89
N GLN B 93 -26.73 -15.45 -12.67
CA GLN B 93 -26.25 -16.46 -13.61
C GLN B 93 -25.43 -15.85 -14.73
N LEU B 94 -25.79 -14.65 -15.17
CA LEU B 94 -24.95 -13.95 -16.15
C LEU B 94 -23.59 -13.62 -15.58
N THR B 95 -23.53 -13.23 -14.30
CA THR B 95 -22.24 -13.00 -13.65
C THR B 95 -21.42 -14.28 -13.58
N TYR B 96 -22.07 -15.41 -13.25
CA TYR B 96 -21.36 -16.67 -13.21
C TYR B 96 -20.82 -17.04 -14.59
N PHE B 97 -21.58 -16.75 -15.64
CA PHE B 97 -21.14 -17.01 -17.00
C PHE B 97 -19.96 -16.12 -17.39
N ALA B 98 -19.99 -14.85 -16.97
CA ALA B 98 -18.95 -13.90 -17.33
C ALA B 98 -17.75 -13.94 -16.39
N PHE B 99 -17.79 -14.79 -15.37
CA PHE B 99 -16.73 -14.84 -14.36
C PHE B 99 -15.30 -14.98 -14.90
N PRO B 100 -14.99 -15.85 -15.87
CA PRO B 100 -13.60 -15.88 -16.38
C PRO B 100 -13.16 -14.55 -16.98
N GLY B 101 -14.08 -13.84 -17.63
CA GLY B 101 -13.76 -12.52 -18.10
C GLY B 101 -13.51 -11.53 -16.98
N GLU B 102 -14.25 -11.68 -15.88
CA GLU B 102 -13.98 -10.86 -14.70
C GLU B 102 -12.59 -11.14 -14.15
N LEU B 103 -12.18 -12.41 -14.15
CA LEU B 103 -10.82 -12.76 -13.72
C LEU B 103 -9.79 -12.11 -14.63
N LEU B 104 -10.03 -12.14 -15.94
CA LEU B 104 -9.09 -11.52 -16.88
C LEU B 104 -9.00 -10.01 -16.66
N LEU B 105 -10.15 -9.36 -16.44
CA LEU B 105 -10.15 -7.91 -16.20
C LEU B 105 -9.42 -7.56 -14.91
N ARG B 106 -9.64 -8.35 -13.86
CA ARG B 106 -8.94 -8.10 -12.59
C ARG B 106 -7.44 -8.30 -12.75
N LEU B 107 -7.03 -9.33 -13.49
CA LEU B 107 -5.62 -9.56 -13.74
C LEU B 107 -5.01 -8.40 -14.52
N LEU B 108 -5.74 -7.88 -15.51
CA LEU B 108 -5.26 -6.73 -16.26
C LEU B 108 -5.11 -5.50 -15.38
N ARG B 109 -6.09 -5.26 -14.50
CA ARG B 109 -6.03 -4.09 -13.63
C ARG B 109 -4.92 -4.22 -12.58
N MET B 110 -4.57 -5.46 -12.20
CA MET B 110 -3.54 -5.65 -11.18
C MET B 110 -2.18 -5.14 -11.64
N ILE B 111 -1.83 -5.39 -12.91
CA ILE B 111 -0.45 -5.27 -13.36
C ILE B 111 -0.10 -3.91 -13.95
N ILE B 112 -1.07 -3.03 -14.17
CA ILE B 112 -0.76 -1.77 -14.83
C ILE B 112 0.06 -0.86 -13.93
N LEU B 113 -0.24 -0.84 -12.64
CA LEU B 113 0.45 0.07 -11.72
C LEU B 113 1.95 -0.19 -11.61
N PRO B 114 2.43 -1.40 -11.27
CA PRO B 114 3.89 -1.57 -11.22
C PRO B 114 4.55 -1.32 -12.56
N LEU B 115 3.87 -1.73 -13.64
CA LEU B 115 4.39 -1.52 -14.98
C LEU B 115 4.66 -0.06 -15.26
N VAL B 116 3.65 0.80 -15.04
CA VAL B 116 3.85 2.21 -15.35
C VAL B 116 4.88 2.82 -14.39
N VAL B 117 4.76 2.53 -13.08
CA VAL B 117 5.58 3.25 -12.11
C VAL B 117 7.05 2.91 -12.29
N CYS B 118 7.36 1.70 -12.76
CA CYS B 118 8.77 1.35 -12.93
C CYS B 118 9.28 1.57 -14.34
N SER B 119 8.44 1.36 -15.36
CA SER B 119 8.87 1.65 -16.73
C SER B 119 9.17 3.12 -16.91
N LEU B 120 8.31 4.01 -16.39
CA LEU B 120 8.56 5.44 -16.54
C LEU B 120 9.81 5.87 -15.79
N ILE B 121 10.01 5.34 -14.58
CA ILE B 121 11.18 5.70 -13.79
C ILE B 121 12.46 5.26 -14.50
N GLY B 122 12.48 4.02 -15.00
CA GLY B 122 13.65 3.55 -15.72
C GLY B 122 13.90 4.33 -17.00
N GLY B 123 12.85 4.62 -17.75
CA GLY B 123 13.01 5.37 -18.98
C GLY B 123 13.50 6.79 -18.76
N ALA B 124 12.99 7.45 -17.71
CA ALA B 124 13.42 8.81 -17.43
C ALA B 124 14.83 8.84 -16.86
N ALA B 125 15.19 7.85 -16.04
CA ALA B 125 16.54 7.81 -15.49
C ALA B 125 17.57 7.51 -16.56
N SER B 126 17.22 6.64 -17.51
CA SER B 126 18.15 6.33 -18.60
C SER B 126 18.21 7.42 -19.65
N LEU B 127 17.31 8.39 -19.60
CA LEU B 127 17.30 9.47 -20.59
C LEU B 127 18.44 10.45 -20.32
N ASP B 128 19.09 10.90 -21.39
CA ASP B 128 20.17 11.88 -21.32
C ASP B 128 19.86 13.02 -22.27
N PRO B 129 19.07 14.00 -21.83
CA PRO B 129 18.76 15.15 -22.70
C PRO B 129 19.97 16.02 -23.00
N GLY B 130 21.05 15.91 -22.23
CA GLY B 130 22.23 16.72 -22.46
C GLY B 130 23.11 16.28 -23.60
N ALA B 131 22.80 15.13 -24.23
CA ALA B 131 23.55 14.70 -25.39
C ALA B 131 23.40 15.68 -26.55
N LEU B 132 22.18 16.19 -26.76
CA LEU B 132 21.90 17.19 -27.79
C LEU B 132 21.15 18.34 -27.13
N GLY B 133 21.84 19.45 -26.89
CA GLY B 133 21.24 20.56 -26.18
C GLY B 133 20.25 21.33 -27.04
N ARG B 134 19.19 21.81 -26.39
CA ARG B 134 18.15 22.65 -26.99
C ARG B 134 17.38 21.94 -28.10
N LEU B 135 17.48 20.62 -28.17
CA LEU B 135 16.67 19.83 -29.09
C LEU B 135 15.80 18.80 -28.39
N GLY B 136 16.22 18.30 -27.22
CA GLY B 136 15.35 17.44 -26.45
C GLY B 136 14.09 18.16 -25.99
N ALA B 137 14.21 19.45 -25.68
CA ALA B 137 13.04 20.24 -25.32
C ALA B 137 12.10 20.38 -26.51
N TRP B 138 12.65 20.61 -27.71
CA TRP B 138 11.83 20.66 -28.91
C TRP B 138 11.13 19.33 -29.16
N ALA B 139 11.84 18.23 -28.95
CA ALA B 139 11.26 16.90 -29.14
C ALA B 139 10.14 16.65 -28.14
N LEU B 140 10.35 17.00 -26.87
CA LEU B 140 9.32 16.81 -25.86
C LEU B 140 8.08 17.65 -26.16
N LEU B 141 8.30 18.91 -26.57
CA LEU B 141 7.17 19.76 -26.93
C LEU B 141 6.42 19.18 -28.13
N PHE B 142 7.16 18.67 -29.13
CA PHE B 142 6.53 18.09 -30.30
C PHE B 142 5.69 16.86 -29.93
N PHE B 143 6.24 15.99 -29.08
CA PHE B 143 5.49 14.81 -28.66
C PHE B 143 4.23 15.21 -27.89
N LEU B 144 4.36 16.18 -26.99
CA LEU B 144 3.20 16.62 -26.21
C LEU B 144 2.12 17.20 -27.11
N VAL B 145 2.50 18.08 -28.05
CA VAL B 145 1.49 18.73 -28.87
C VAL B 145 0.85 17.73 -29.83
N THR B 146 1.62 16.80 -30.38
CA THR B 146 1.02 15.82 -31.29
C THR B 146 0.10 14.87 -30.53
N THR B 147 0.44 14.52 -29.28
CA THR B 147 -0.45 13.67 -28.50
C THR B 147 -1.75 14.41 -28.16
N LEU B 148 -1.65 15.69 -27.78
CA LEU B 148 -2.86 16.46 -27.50
C LEU B 148 -3.72 16.63 -28.74
N LEU B 149 -3.11 16.91 -29.89
CA LEU B 149 -3.89 17.04 -31.12
C LEU B 149 -4.56 15.73 -31.50
N ALA B 150 -3.84 14.61 -31.34
CA ALA B 150 -4.43 13.31 -31.64
C ALA B 150 -5.61 13.02 -30.73
N SER B 151 -5.47 13.28 -29.43
CA SER B 151 -6.56 13.02 -28.49
C SER B 151 -7.76 13.92 -28.77
N ALA B 152 -7.50 15.19 -29.08
CA ALA B 152 -8.60 16.10 -29.45
C ALA B 152 -9.29 15.55 -30.70
N LEU B 153 -8.51 15.14 -31.70
CA LEU B 153 -9.09 14.58 -32.95
C LEU B 153 -9.95 13.36 -32.60
N GLY B 154 -9.43 12.47 -31.74
CA GLY B 154 -10.18 11.25 -31.37
C GLY B 154 -11.50 11.60 -30.71
N VAL B 155 -11.50 12.59 -29.81
CA VAL B 155 -12.74 12.97 -29.07
C VAL B 155 -13.70 13.65 -30.05
N GLY B 156 -13.22 14.63 -30.83
CA GLY B 156 -14.10 15.35 -31.72
C GLY B 156 -14.81 14.45 -32.70
N LEU B 157 -14.08 13.53 -33.32
CA LEU B 157 -14.71 12.59 -34.25
C LEU B 157 -15.63 11.62 -33.52
N ALA B 158 -15.31 11.25 -32.29
CA ALA B 158 -16.21 10.40 -31.52
C ALA B 158 -17.52 11.12 -31.24
N LEU B 159 -17.45 12.40 -30.88
CA LEU B 159 -18.68 13.16 -30.64
C LEU B 159 -19.47 13.35 -31.93
N ALA B 160 -18.78 13.63 -33.05
CA ALA B 160 -19.48 13.93 -34.29
C ALA B 160 -20.13 12.70 -34.89
N LEU B 161 -19.41 11.57 -34.93
CA LEU B 161 -19.93 10.38 -35.58
C LEU B 161 -20.93 9.63 -34.71
N GLN B 162 -20.93 9.87 -33.40
CA GLN B 162 -21.85 9.27 -32.44
C GLN B 162 -21.89 7.75 -32.55
N PRO B 163 -20.86 7.05 -32.10
CA PRO B 163 -20.88 5.58 -32.16
C PRO B 163 -21.73 5.01 -31.03
N GLY B 164 -22.64 4.10 -31.38
CA GLY B 164 -23.48 3.46 -30.39
C GLY B 164 -24.43 4.41 -29.69
N ALA B 165 -25.01 5.35 -30.42
CA ALA B 165 -25.99 6.29 -29.87
C ALA B 165 -27.38 5.82 -30.31
N ALA B 166 -28.09 5.15 -29.41
CA ALA B 166 -29.41 4.64 -29.73
C ALA B 166 -30.41 5.77 -29.90
N SER B 167 -31.35 5.59 -30.82
CA SER B 167 -32.37 6.60 -31.09
C SER B 167 -33.38 6.67 -29.96
N SER B 185 -22.58 15.01 -12.14
CA SER B 185 -22.58 16.31 -12.78
C SER B 185 -21.72 17.31 -12.02
N LYS B 186 -20.61 17.71 -12.63
CA LYS B 186 -19.68 18.67 -12.03
C LYS B 186 -19.52 19.85 -12.97
N GLU B 187 -19.42 21.04 -12.38
CA GLU B 187 -19.24 22.25 -13.18
C GLU B 187 -17.86 22.27 -13.82
N VAL B 188 -17.74 23.06 -14.90
CA VAL B 188 -16.52 23.06 -15.69
C VAL B 188 -15.34 23.59 -14.89
N LEU B 189 -15.56 24.64 -14.09
CA LEU B 189 -14.48 25.18 -13.27
C LEU B 189 -14.03 24.16 -12.22
N ASP B 190 -14.98 23.49 -11.58
CA ASP B 190 -14.63 22.46 -10.60
C ASP B 190 -13.91 21.29 -11.26
N SER B 191 -14.33 20.91 -12.46
CA SER B 191 -13.65 19.82 -13.17
C SER B 191 -12.22 20.21 -13.52
N PHE B 192 -12.01 21.44 -14.01
CA PHE B 192 -10.64 21.88 -14.31
C PHE B 192 -9.78 21.93 -13.05
N LEU B 193 -10.35 22.44 -11.95
CA LEU B 193 -9.61 22.51 -10.71
C LEU B 193 -9.24 21.12 -10.20
N ASP B 194 -10.17 20.17 -10.28
CA ASP B 194 -9.89 18.81 -9.84
C ASP B 194 -8.87 18.14 -10.74
N LEU B 195 -8.93 18.41 -12.05
CA LEU B 195 -7.93 17.86 -12.97
C LEU B 195 -6.54 18.37 -12.66
N ALA B 196 -6.41 19.68 -12.42
CA ALA B 196 -5.10 20.24 -12.09
C ALA B 196 -4.63 19.77 -10.72
N ARG B 197 -5.56 19.57 -9.79
CA ARG B 197 -5.20 19.12 -8.45
C ARG B 197 -4.76 17.67 -8.45
N ASN B 198 -5.33 16.84 -9.33
CA ASN B 198 -5.00 15.43 -9.37
C ASN B 198 -3.62 15.16 -9.94
N ILE B 199 -3.03 16.12 -10.66
CA ILE B 199 -1.69 15.95 -11.18
C ILE B 199 -0.68 15.85 -10.04
N PHE B 200 -0.85 16.68 -9.01
CA PHE B 200 0.03 16.63 -7.85
C PHE B 200 -0.70 15.91 -6.73
N PRO B 201 -0.36 14.67 -6.42
CA PRO B 201 -1.10 13.93 -5.39
C PRO B 201 -0.75 14.44 -4.00
N SER B 202 -1.48 13.92 -3.01
CA SER B 202 -1.21 14.21 -1.62
C SER B 202 -0.57 13.05 -0.87
N ASN B 203 -0.64 11.84 -1.42
CA ASN B 203 0.01 10.67 -0.82
C ASN B 203 0.18 9.63 -1.90
N LEU B 204 1.42 9.18 -2.12
CA LEU B 204 1.69 8.26 -3.21
C LEU B 204 0.99 6.92 -2.99
N VAL B 205 1.00 6.41 -1.76
CA VAL B 205 0.34 5.14 -1.47
C VAL B 205 -1.17 5.28 -1.68
N SER B 206 -1.75 6.39 -1.22
CA SER B 206 -3.17 6.61 -1.43
C SER B 206 -3.50 6.88 -2.89
N ALA B 207 -2.55 7.44 -3.64
CA ALA B 207 -2.80 7.72 -5.05
C ALA B 207 -2.80 6.46 -5.92
N ALA B 208 -2.35 5.33 -5.38
CA ALA B 208 -2.36 4.10 -6.17
C ALA B 208 -3.77 3.54 -6.33
N PHE B 209 -4.71 3.94 -5.49
CA PHE B 209 -6.08 3.44 -5.59
C PHE B 209 -7.15 4.50 -5.35
N ARG B 210 -6.79 5.76 -5.14
CA ARG B 210 -7.77 6.81 -4.87
C ARG B 210 -7.38 8.07 -5.62
N SER B 211 -8.38 8.78 -6.13
CA SER B 211 -8.17 10.01 -6.87
C SER B 211 -9.10 11.09 -6.33
N TYR B 212 -8.62 12.33 -6.37
CA TYR B 212 -9.38 13.44 -5.84
C TYR B 212 -10.61 13.73 -6.69
N SER B 213 -11.68 14.17 -6.03
CA SER B 213 -12.90 14.56 -6.71
C SER B 213 -13.69 15.49 -5.79
N THR B 214 -14.46 16.39 -6.39
CA THR B 214 -15.20 17.41 -5.65
C THR B 214 -16.68 17.07 -5.64
N THR B 215 -17.27 17.12 -4.44
CA THR B 215 -18.70 16.91 -4.26
C THR B 215 -19.32 18.16 -3.66
N TYR B 216 -20.64 18.25 -3.72
CA TYR B 216 -21.37 19.44 -3.28
C TYR B 216 -22.25 19.09 -2.09
N GLU B 217 -22.20 19.92 -1.05
CA GLU B 217 -23.02 19.75 0.13
C GLU B 217 -23.03 21.06 0.91
N GLU B 218 -24.20 21.45 1.39
CA GLU B 218 -24.33 22.66 2.19
C GLU B 218 -25.56 22.60 3.09
N VAL B 226 -26.53 28.11 -2.96
CA VAL B 226 -25.08 28.13 -3.09
C VAL B 226 -24.50 26.80 -2.62
N LYS B 227 -23.98 26.02 -3.57
CA LYS B 227 -23.41 24.71 -3.29
C LYS B 227 -21.90 24.84 -3.18
N VAL B 228 -21.39 24.86 -1.96
CA VAL B 228 -19.94 24.93 -1.76
C VAL B 228 -19.33 23.58 -2.09
N PRO B 229 -18.19 23.53 -2.77
CA PRO B 229 -17.58 22.24 -3.14
C PRO B 229 -16.60 21.74 -2.09
N VAL B 230 -16.61 20.42 -1.88
CA VAL B 230 -15.73 19.76 -0.94
C VAL B 230 -15.12 18.53 -1.61
N GLY B 231 -13.82 18.33 -1.41
CA GLY B 231 -13.16 17.16 -1.95
C GLY B 231 -13.42 15.92 -1.12
N GLN B 232 -13.34 14.77 -1.76
CA GLN B 232 -13.65 13.51 -1.09
C GLN B 232 -12.67 12.37 -1.35
N GLU B 233 -11.80 12.45 -2.36
CA GLU B 233 -10.84 11.39 -2.69
C GLU B 233 -11.56 10.05 -2.90
N VAL B 234 -12.37 9.99 -3.95
CA VAL B 234 -13.15 8.80 -4.28
C VAL B 234 -12.23 7.70 -4.78
N GLU B 235 -12.76 6.49 -4.88
CA GLU B 235 -11.98 5.35 -5.35
C GLU B 235 -11.64 5.49 -6.83
N GLY B 236 -10.55 4.85 -7.23
CA GLY B 236 -10.09 4.90 -8.60
C GLY B 236 -8.61 5.22 -8.70
N MET B 237 -7.89 4.46 -9.52
CA MET B 237 -6.46 4.69 -9.68
C MET B 237 -6.19 6.06 -10.29
N ASN B 238 -5.22 6.76 -9.73
CA ASN B 238 -4.82 8.08 -10.21
C ASN B 238 -3.58 7.90 -11.08
N ILE B 239 -3.78 7.93 -12.39
CA ILE B 239 -2.66 7.71 -13.30
C ILE B 239 -1.93 9.02 -13.64
N LEU B 240 -2.61 10.16 -13.54
CA LEU B 240 -1.95 11.44 -13.81
C LEU B 240 -0.84 11.69 -12.79
N GLY B 241 -1.17 11.59 -11.50
CA GLY B 241 -0.18 11.82 -10.48
C GLY B 241 0.94 10.81 -10.50
N LEU B 242 0.60 9.53 -10.73
CA LEU B 242 1.62 8.49 -10.79
C LEU B 242 2.59 8.73 -11.95
N VAL B 243 2.06 9.06 -13.13
CA VAL B 243 2.94 9.30 -14.28
C VAL B 243 3.82 10.52 -14.04
N VAL B 244 3.24 11.60 -13.53
CA VAL B 244 4.01 12.82 -13.30
C VAL B 244 5.10 12.57 -12.25
N PHE B 245 4.76 11.88 -11.16
CA PHE B 245 5.74 11.60 -10.13
C PHE B 245 6.84 10.68 -10.66
N ALA B 246 6.48 9.69 -11.48
CA ALA B 246 7.49 8.81 -12.05
C ALA B 246 8.44 9.57 -12.95
N ILE B 247 7.92 10.48 -13.78
CA ILE B 247 8.79 11.28 -14.65
C ILE B 247 9.73 12.14 -13.83
N VAL B 248 9.18 12.83 -12.80
CA VAL B 248 10.01 13.71 -11.99
C VAL B 248 11.05 12.91 -11.22
N PHE B 249 10.67 11.75 -10.71
CA PHE B 249 11.62 10.90 -9.98
C PHE B 249 12.73 10.38 -10.90
N GLY B 250 12.39 10.00 -12.12
CA GLY B 250 13.41 9.57 -13.05
C GLY B 250 14.39 10.68 -13.40
N VAL B 251 13.86 11.89 -13.61
CA VAL B 251 14.74 13.03 -13.88
C VAL B 251 15.64 13.30 -12.68
N ALA B 252 15.08 13.18 -11.47
CA ALA B 252 15.90 13.36 -10.26
C ALA B 252 16.98 12.30 -10.15
N LEU B 253 16.65 11.05 -10.48
CA LEU B 253 17.65 9.98 -10.44
C LEU B 253 18.77 10.24 -11.44
N ARG B 254 18.42 10.70 -12.64
CA ARG B 254 19.46 11.05 -13.61
C ARG B 254 20.32 12.19 -13.08
N LYS B 255 19.70 13.22 -12.51
CA LYS B 255 20.45 14.36 -11.99
C LYS B 255 21.28 14.00 -10.76
N LEU B 256 20.97 12.87 -10.10
CA LEU B 256 21.71 12.48 -8.91
C LEU B 256 23.18 12.17 -9.23
N GLY B 257 23.42 11.43 -10.30
CA GLY B 257 24.77 11.12 -10.71
C GLY B 257 25.13 9.65 -10.61
N PRO B 258 26.42 9.37 -10.38
CA PRO B 258 26.87 7.97 -10.31
C PRO B 258 26.37 7.20 -9.10
N GLU B 259 25.85 7.88 -8.07
CA GLU B 259 25.40 7.22 -6.86
C GLU B 259 24.08 6.48 -7.04
N GLY B 260 23.30 6.81 -8.07
CA GLY B 260 22.00 6.22 -8.22
C GLY B 260 21.89 5.13 -9.27
N GLU B 261 23.02 4.52 -9.62
CA GLU B 261 23.01 3.48 -10.66
C GLU B 261 22.19 2.27 -10.21
N GLU B 262 22.33 1.88 -8.95
CA GLU B 262 21.64 0.70 -8.46
C GLU B 262 20.13 0.86 -8.61
N LEU B 263 19.54 1.90 -8.01
CA LEU B 263 18.11 2.16 -8.11
C LEU B 263 17.58 1.99 -9.54
N ILE B 264 18.33 2.51 -10.52
CA ILE B 264 17.93 2.37 -11.91
C ILE B 264 17.91 0.92 -12.32
N ARG B 265 18.96 0.16 -11.94
CA ARG B 265 18.99 -1.26 -12.31
C ARG B 265 17.86 -2.03 -11.64
N PHE B 266 17.56 -1.71 -10.39
CA PHE B 266 16.48 -2.35 -9.65
C PHE B 266 15.13 -2.09 -10.33
N PHE B 267 14.88 -0.84 -10.72
CA PHE B 267 13.62 -0.51 -11.37
C PHE B 267 13.52 -1.18 -12.74
N ASN B 268 14.62 -1.24 -13.47
CA ASN B 268 14.60 -1.90 -14.78
C ASN B 268 14.32 -3.40 -14.63
N SER B 269 14.93 -4.05 -13.64
CA SER B 269 14.68 -5.47 -13.42
C SER B 269 13.23 -5.72 -13.05
N PHE B 270 12.68 -4.87 -12.16
CA PHE B 270 11.28 -5.03 -11.75
C PHE B 270 10.36 -4.83 -12.94
N ASN B 271 10.68 -3.86 -13.81
CA ASN B 271 9.89 -3.64 -15.02
C ASN B 271 9.95 -4.83 -15.97
N GLU B 272 11.13 -5.43 -16.12
CA GLU B 272 11.23 -6.61 -16.99
C GLU B 272 10.42 -7.79 -16.45
N ALA B 273 10.45 -7.99 -15.13
CA ALA B 273 9.60 -9.02 -14.54
C ALA B 273 8.12 -8.73 -14.77
N THR B 274 7.73 -7.46 -14.65
CA THR B 274 6.34 -7.10 -14.92
C THR B 274 5.98 -7.34 -16.39
N MET B 275 6.93 -7.09 -17.29
CA MET B 275 6.70 -7.36 -18.71
C MET B 275 6.46 -8.84 -18.97
N VAL B 276 7.26 -9.72 -18.35
CA VAL B 276 7.05 -11.14 -18.61
C VAL B 276 5.72 -11.60 -17.97
N LEU B 277 5.34 -10.98 -16.84
CA LEU B 277 4.01 -11.24 -16.29
C LEU B 277 2.91 -10.81 -17.25
N VAL B 278 3.10 -9.66 -17.91
CA VAL B 278 2.16 -9.19 -18.92
C VAL B 278 2.05 -10.19 -20.05
N SER B 279 3.18 -10.73 -20.49
CA SER B 279 3.17 -11.71 -21.58
C SER B 279 2.39 -12.96 -21.19
N TRP B 280 2.58 -13.44 -19.96
CA TRP B 280 1.81 -14.58 -19.49
C TRP B 280 0.31 -14.26 -19.46
N ILE B 281 -0.04 -13.07 -18.99
CA ILE B 281 -1.46 -12.70 -18.90
C ILE B 281 -2.09 -12.63 -20.28
N MET B 282 -1.37 -12.08 -21.26
CA MET B 282 -1.91 -12.01 -22.62
C MET B 282 -1.92 -13.38 -23.30
N TRP B 283 -1.08 -14.30 -22.87
CA TRP B 283 -1.28 -15.70 -23.26
C TRP B 283 -2.59 -16.24 -22.72
N TYR B 284 -2.92 -15.88 -21.47
CA TYR B 284 -4.18 -16.36 -20.88
C TYR B 284 -5.40 -15.67 -21.48
N ALA B 285 -5.21 -14.49 -22.07
CA ALA B 285 -6.34 -13.62 -22.45
C ALA B 285 -7.43 -14.24 -23.33
N PRO B 286 -7.14 -15.04 -24.37
CA PRO B 286 -8.21 -15.42 -25.31
C PRO B 286 -9.44 -16.06 -24.70
N VAL B 287 -9.28 -16.93 -23.69
CA VAL B 287 -10.45 -17.54 -23.07
C VAL B 287 -11.28 -16.48 -22.33
N GLY B 288 -10.62 -15.53 -21.68
CA GLY B 288 -11.36 -14.44 -21.05
C GLY B 288 -12.10 -13.59 -22.04
N ILE B 289 -11.47 -13.30 -23.20
CA ILE B 289 -12.15 -12.54 -24.24
C ILE B 289 -13.36 -13.30 -24.76
N MET B 290 -13.20 -14.61 -24.95
CA MET B 290 -14.31 -15.45 -25.40
C MET B 290 -15.48 -15.40 -24.43
N PHE B 291 -15.19 -15.55 -23.14
CA PHE B 291 -16.27 -15.54 -22.15
C PHE B 291 -16.92 -14.17 -22.03
N LEU B 292 -16.12 -13.10 -22.08
CA LEU B 292 -16.69 -11.74 -22.05
C LEU B 292 -17.62 -11.51 -23.22
N VAL B 293 -17.18 -11.84 -24.44
CA VAL B 293 -18.02 -11.55 -25.60
C VAL B 293 -19.27 -12.44 -25.59
N ALA B 294 -19.14 -13.69 -25.14
CA ALA B 294 -20.31 -14.56 -25.04
C ALA B 294 -21.32 -14.00 -24.06
N SER B 295 -20.86 -13.60 -22.87
CA SER B 295 -21.77 -13.07 -21.86
C SER B 295 -22.44 -11.79 -22.33
N LYS B 296 -21.68 -10.90 -22.97
CA LYS B 296 -22.26 -9.63 -23.41
C LYS B 296 -23.24 -9.85 -24.56
N ILE B 297 -22.98 -10.80 -25.45
CA ILE B 297 -23.91 -11.02 -26.56
C ILE B 297 -25.14 -11.81 -26.11
N VAL B 298 -25.06 -12.58 -25.03
CA VAL B 298 -26.27 -13.24 -24.54
C VAL B 298 -27.07 -12.35 -23.60
N GLU B 299 -26.43 -11.36 -22.97
CA GLU B 299 -27.16 -10.46 -22.08
C GLU B 299 -28.12 -9.56 -22.86
N MET B 300 -27.65 -8.98 -23.96
CA MET B 300 -28.50 -8.10 -24.76
C MET B 300 -29.54 -8.90 -25.53
N GLU B 301 -30.75 -8.35 -25.61
CA GLU B 301 -31.83 -9.01 -26.34
C GLU B 301 -31.91 -8.56 -27.80
N ASP B 302 -31.13 -7.56 -28.21
CA ASP B 302 -31.14 -7.07 -29.58
C ASP B 302 -29.68 -7.03 -30.05
N VAL B 303 -29.25 -8.12 -30.70
CA VAL B 303 -27.85 -8.26 -31.10
C VAL B 303 -27.53 -7.35 -32.28
N VAL B 304 -28.52 -6.99 -33.09
CA VAL B 304 -28.27 -6.11 -34.24
C VAL B 304 -27.76 -4.76 -33.77
N LEU B 305 -28.37 -4.21 -32.72
CA LEU B 305 -27.92 -2.93 -32.19
C LEU B 305 -26.49 -3.01 -31.70
N LEU B 306 -26.12 -4.08 -31.00
CA LEU B 306 -24.76 -4.20 -30.48
C LEU B 306 -23.75 -4.35 -31.61
N PHE B 307 -24.07 -5.16 -32.62
CA PHE B 307 -23.16 -5.33 -33.75
C PHE B 307 -22.99 -4.02 -34.51
N THR B 308 -24.09 -3.29 -34.73
CA THR B 308 -23.99 -2.01 -35.41
C THR B 308 -23.21 -0.99 -34.60
N SER B 309 -23.36 -1.01 -33.28
CA SER B 309 -22.58 -0.11 -32.43
C SER B 309 -21.09 -0.45 -32.50
N LEU B 310 -20.76 -1.74 -32.52
CA LEU B 310 -19.35 -2.14 -32.67
C LEU B 310 -18.80 -1.70 -34.01
N GLY B 311 -19.60 -1.85 -35.08
CA GLY B 311 -19.17 -1.40 -36.39
C GLY B 311 -18.96 0.10 -36.44
N LYS B 312 -19.86 0.86 -35.80
CA LYS B 312 -19.70 2.30 -35.73
C LYS B 312 -18.43 2.65 -34.97
N TYR B 313 -18.15 1.93 -33.88
CA TYR B 313 -16.93 2.15 -33.12
C TYR B 313 -15.67 1.90 -33.95
N ILE B 314 -15.65 0.78 -34.67
CA ILE B 314 -14.46 0.46 -35.48
C ILE B 314 -14.27 1.49 -36.57
N PHE B 315 -15.35 1.87 -37.26
CA PHE B 315 -15.26 2.87 -38.31
C PHE B 315 -14.78 4.20 -37.75
N CYS B 316 -15.32 4.62 -36.60
CA CYS B 316 -14.95 5.89 -36.01
C CYS B 316 -13.48 5.92 -35.64
N CYS B 317 -13.01 4.87 -34.95
CA CYS B 317 -11.62 4.85 -34.50
C CYS B 317 -10.65 4.75 -35.68
N ILE B 318 -10.99 3.92 -36.68
CA ILE B 318 -10.12 3.77 -37.84
C ILE B 318 -10.04 5.06 -38.61
N LEU B 319 -11.19 5.72 -38.83
CA LEU B 319 -11.17 7.01 -39.51
C LEU B 319 -10.37 8.03 -38.71
N GLY B 320 -10.54 8.05 -37.40
CA GLY B 320 -9.79 8.94 -36.53
C GLY B 320 -8.29 8.79 -36.68
N HIS B 321 -7.74 7.64 -36.29
CA HIS B 321 -6.28 7.49 -36.36
C HIS B 321 -5.81 6.97 -37.72
N ALA B 322 -6.62 7.13 -38.76
CA ALA B 322 -6.11 7.06 -40.12
C ALA B 322 -5.99 8.44 -40.73
N ILE B 323 -7.04 9.27 -40.60
CA ILE B 323 -6.93 10.65 -41.06
C ILE B 323 -5.89 11.40 -40.24
N HIS B 324 -5.71 11.03 -38.96
CA HIS B 324 -4.66 11.66 -38.16
C HIS B 324 -3.29 11.40 -38.76
N GLY B 325 -2.95 10.13 -38.98
CA GLY B 325 -1.64 9.79 -39.50
C GLY B 325 -1.43 10.18 -40.94
N LEU B 326 -2.50 10.32 -41.72
CA LEU B 326 -2.38 10.68 -43.12
C LEU B 326 -2.56 12.17 -43.38
N ILE B 327 -2.93 12.96 -42.38
CA ILE B 327 -3.09 14.39 -42.60
C ILE B 327 -2.25 15.20 -41.61
N VAL B 328 -2.48 15.00 -40.32
CA VAL B 328 -1.94 15.92 -39.31
C VAL B 328 -0.42 15.87 -39.29
N LEU B 329 0.16 14.67 -39.21
CA LEU B 329 1.62 14.56 -39.24
C LEU B 329 2.21 15.01 -40.58
N PRO B 330 1.70 14.59 -41.75
CA PRO B 330 2.20 15.20 -42.99
C PRO B 330 1.99 16.70 -43.07
N LEU B 331 0.87 17.21 -42.53
CA LEU B 331 0.64 18.65 -42.59
C LEU B 331 1.69 19.41 -41.79
N ILE B 332 2.00 18.95 -40.58
CA ILE B 332 3.00 19.67 -39.78
C ILE B 332 4.39 19.49 -40.38
N TYR B 333 4.68 18.31 -40.96
CA TYR B 333 5.96 18.13 -41.62
C TYR B 333 6.11 19.09 -42.80
N PHE B 334 5.06 19.24 -43.61
CA PHE B 334 5.12 20.13 -44.76
C PHE B 334 5.16 21.59 -44.33
N ALA B 335 4.49 21.92 -43.23
CA ALA B 335 4.55 23.30 -42.71
C ALA B 335 5.95 23.62 -42.22
N PHE B 336 6.62 22.66 -41.59
CA PHE B 336 7.94 22.92 -41.02
C PHE B 336 9.01 22.96 -42.11
N THR B 337 9.21 21.84 -42.81
CA THR B 337 10.33 21.69 -43.74
C THR B 337 9.95 21.46 -45.18
N ARG B 338 8.65 21.28 -45.49
CA ARG B 338 8.10 21.07 -46.83
C ARG B 338 8.86 20.08 -47.69
N LYS B 339 9.50 19.10 -47.08
CA LYS B 339 10.28 18.11 -47.84
C LYS B 339 9.46 16.87 -48.16
N ASN B 340 8.25 17.06 -48.72
CA ASN B 340 7.39 15.98 -49.23
C ASN B 340 7.21 14.84 -48.23
N PRO B 341 6.39 15.03 -47.20
CA PRO B 341 6.27 13.98 -46.17
C PRO B 341 5.81 12.64 -46.70
N TYR B 342 4.98 12.64 -47.75
CA TYR B 342 4.56 11.37 -48.34
C TYR B 342 5.73 10.62 -48.95
N ARG B 343 6.72 11.34 -49.48
CA ARG B 343 7.94 10.67 -49.93
C ARG B 343 8.69 10.04 -48.75
N PHE B 344 8.70 10.72 -47.60
CA PHE B 344 9.31 10.15 -46.41
C PHE B 344 8.60 8.88 -45.98
N LEU B 345 7.26 8.87 -46.05
CA LEU B 345 6.53 7.66 -45.69
C LEU B 345 6.76 6.54 -46.71
N LEU B 346 6.72 6.86 -48.00
CA LEU B 346 6.93 5.89 -49.07
C LEU B 346 8.39 5.47 -49.20
N GLY B 347 9.29 6.07 -48.44
CA GLY B 347 10.60 5.49 -48.24
C GLY B 347 10.68 4.57 -47.04
N LEU B 348 9.55 4.26 -46.41
CA LEU B 348 9.54 3.57 -45.11
C LEU B 348 8.49 2.47 -45.09
N LEU B 349 8.48 1.63 -46.13
CA LEU B 349 7.39 0.66 -46.27
C LEU B 349 7.48 -0.45 -45.22
N THR B 350 8.55 -1.23 -45.23
CA THR B 350 8.57 -2.50 -44.50
C THR B 350 8.48 -2.39 -42.97
N PRO B 351 8.98 -1.34 -42.29
CA PRO B 351 8.66 -1.25 -40.86
C PRO B 351 7.18 -1.05 -40.58
N LEU B 352 6.47 -0.34 -41.45
CA LEU B 352 5.02 -0.21 -41.29
C LEU B 352 4.34 -1.57 -41.41
N ALA B 353 4.78 -2.38 -42.38
CA ALA B 353 4.22 -3.73 -42.50
C ALA B 353 4.56 -4.58 -41.29
N THR B 354 5.77 -4.41 -40.75
CA THR B 354 6.15 -5.15 -39.55
C THR B 354 5.29 -4.75 -38.36
N ALA B 355 5.00 -3.46 -38.22
CA ALA B 355 4.15 -3.00 -37.13
C ALA B 355 2.70 -3.41 -37.34
N PHE B 356 2.28 -3.58 -38.60
CA PHE B 356 0.94 -4.08 -38.88
C PHE B 356 0.84 -5.59 -38.73
N GLY B 357 1.95 -6.30 -38.79
CA GLY B 357 1.93 -7.73 -38.53
C GLY B 357 1.87 -8.02 -37.06
N THR B 358 2.91 -7.63 -36.33
CA THR B 358 2.93 -7.72 -34.88
C THR B 358 2.74 -6.34 -34.27
N SER B 359 1.90 -6.26 -33.26
CA SER B 359 1.53 -4.96 -32.68
C SER B 359 2.54 -4.47 -31.65
N SER B 360 3.61 -5.22 -31.41
CA SER B 360 4.63 -4.78 -30.46
C SER B 360 5.48 -3.67 -31.09
N SER B 361 5.42 -2.48 -30.50
CA SER B 361 6.24 -1.38 -30.98
C SER B 361 7.72 -1.67 -30.77
N SER B 362 8.07 -2.28 -29.65
CA SER B 362 9.47 -2.56 -29.35
C SER B 362 10.06 -3.59 -30.31
N ALA B 363 9.23 -4.49 -30.84
CA ALA B 363 9.71 -5.51 -31.77
C ALA B 363 10.09 -4.92 -33.12
N THR B 364 9.56 -3.76 -33.49
CA THR B 364 9.84 -3.15 -34.78
C THR B 364 10.96 -2.11 -34.71
N LEU B 365 11.56 -1.91 -33.55
CA LEU B 365 12.57 -0.86 -33.40
C LEU B 365 13.81 -1.08 -34.24
N PRO B 366 14.47 -2.25 -34.26
CA PRO B 366 15.73 -2.34 -35.01
C PRO B 366 15.54 -2.33 -36.52
N LEU B 367 14.52 -3.03 -37.03
CA LEU B 367 14.30 -3.05 -38.48
C LEU B 367 13.96 -1.65 -38.99
N MET B 368 13.15 -0.92 -38.24
CA MET B 368 12.83 0.45 -38.61
C MET B 368 14.05 1.36 -38.50
N MET B 369 14.92 1.11 -37.54
CA MET B 369 16.21 1.80 -37.51
C MET B 369 16.99 1.56 -38.80
N LYS B 370 17.11 0.31 -39.21
CA LYS B 370 17.88 0.00 -40.42
C LYS B 370 17.26 0.67 -41.63
N CYS B 371 15.93 0.62 -41.75
CA CYS B 371 15.27 1.23 -42.91
C CYS B 371 15.43 2.74 -42.92
N VAL B 372 15.28 3.39 -41.76
CA VAL B 372 15.39 4.85 -41.72
C VAL B 372 16.83 5.30 -41.90
N GLU B 373 17.80 4.47 -41.51
CA GLU B 373 19.19 4.82 -41.72
C GLU B 373 19.60 4.67 -43.19
N GLU B 374 19.16 3.58 -43.83
CA GLU B 374 19.54 3.33 -45.20
C GLU B 374 18.70 4.10 -46.21
N ASN B 375 17.56 4.67 -45.80
CA ASN B 375 16.70 5.38 -46.73
C ASN B 375 16.72 6.89 -46.57
N ASN B 376 17.00 7.40 -45.38
CA ASN B 376 17.00 8.83 -45.15
C ASN B 376 18.27 9.23 -44.39
N GLY B 377 18.63 10.50 -44.52
CA GLY B 377 19.76 11.04 -43.79
C GLY B 377 19.38 11.54 -42.40
N VAL B 378 18.60 10.74 -41.68
CA VAL B 378 18.23 11.08 -40.31
C VAL B 378 19.46 11.07 -39.40
N ASP B 379 20.49 10.31 -39.75
CA ASP B 379 21.74 10.14 -39.01
C ASP B 379 21.52 9.17 -37.86
N LYS B 380 22.60 8.74 -37.19
CA LYS B 380 22.49 7.71 -36.17
C LYS B 380 22.37 8.29 -34.76
N ARG B 381 23.18 9.31 -34.45
CA ARG B 381 23.07 10.00 -33.16
C ARG B 381 21.63 10.43 -32.88
N ILE B 382 21.03 11.14 -33.84
CA ILE B 382 19.67 11.63 -33.69
C ILE B 382 18.68 10.47 -33.54
N SER B 383 18.90 9.40 -34.30
CA SER B 383 17.96 8.28 -34.29
C SER B 383 17.96 7.57 -32.94
N ARG B 384 19.14 7.26 -32.42
CA ARG B 384 19.17 6.63 -31.10
C ARG B 384 18.99 7.63 -29.96
N PHE B 385 18.94 8.93 -30.26
CA PHE B 385 18.46 9.85 -29.24
C PHE B 385 16.94 9.86 -29.16
N ILE B 386 16.23 9.77 -30.28
CA ILE B 386 14.80 10.06 -30.32
C ILE B 386 13.93 8.81 -30.43
N LEU B 387 14.38 7.78 -31.17
CA LEU B 387 13.51 6.61 -31.38
C LEU B 387 13.20 5.83 -30.10
N PRO B 388 14.17 5.46 -29.25
CA PRO B 388 13.79 4.72 -28.03
C PRO B 388 12.85 5.49 -27.13
N ILE B 389 13.00 6.81 -27.03
CA ILE B 389 12.06 7.62 -26.28
C ILE B 389 10.72 7.70 -27.02
N GLY B 390 10.76 7.90 -28.34
CA GLY B 390 9.55 8.06 -29.11
C GLY B 390 8.74 6.79 -29.28
N ALA B 391 9.30 5.63 -28.95
CA ALA B 391 8.58 4.38 -29.04
C ALA B 391 7.90 4.00 -27.73
N THR B 392 8.05 4.80 -26.67
CA THR B 392 7.44 4.50 -25.38
C THR B 392 6.53 5.60 -24.88
N VAL B 393 6.91 6.88 -25.04
CA VAL B 393 6.09 7.97 -24.54
C VAL B 393 5.32 8.68 -25.65
N ASN B 394 5.57 8.36 -26.91
CA ASN B 394 4.86 8.97 -28.03
C ASN B 394 4.01 7.88 -28.69
N MET B 395 2.80 7.70 -28.15
CA MET B 395 1.79 6.83 -28.77
C MET B 395 0.53 7.69 -28.94
N ASP B 396 0.48 8.42 -30.04
CA ASP B 396 -0.67 9.26 -30.33
C ASP B 396 -1.88 8.43 -30.74
N GLY B 397 -1.65 7.36 -31.52
CA GLY B 397 -2.74 6.50 -31.90
C GLY B 397 -3.38 5.82 -30.71
N ALA B 398 -2.57 5.45 -29.71
CA ALA B 398 -3.12 4.86 -28.50
C ALA B 398 -4.01 5.86 -27.78
N ALA B 399 -3.62 7.13 -27.77
CA ALA B 399 -4.46 8.17 -27.19
C ALA B 399 -5.77 8.30 -27.97
N ILE B 400 -5.70 8.23 -29.29
CA ILE B 400 -6.91 8.30 -30.11
C ILE B 400 -7.84 7.14 -29.78
N PHE B 401 -7.28 5.93 -29.70
CA PHE B 401 -8.09 4.75 -29.41
C PHE B 401 -8.71 4.84 -28.03
N GLN B 402 -7.95 5.28 -27.03
CA GLN B 402 -8.49 5.42 -25.68
C GLN B 402 -9.61 6.46 -25.63
N CYS B 403 -9.39 7.61 -26.28
CA CYS B 403 -10.41 8.66 -26.27
C CYS B 403 -11.69 8.20 -26.96
N VAL B 404 -11.55 7.58 -28.13
CA VAL B 404 -12.73 7.13 -28.87
C VAL B 404 -13.46 6.04 -28.09
N ALA B 405 -12.72 5.11 -27.49
CA ALA B 405 -13.35 4.04 -26.72
C ALA B 405 -14.08 4.59 -25.51
N ALA B 406 -13.47 5.52 -24.79
CA ALA B 406 -14.12 6.05 -23.59
C ALA B 406 -15.36 6.87 -23.96
N VAL B 407 -15.29 7.68 -25.01
CA VAL B 407 -16.46 8.45 -25.42
C VAL B 407 -17.57 7.52 -25.93
N PHE B 408 -17.20 6.45 -26.63
CA PHE B 408 -18.18 5.48 -27.08
C PHE B 408 -18.86 4.79 -25.90
N ILE B 409 -18.08 4.43 -24.89
CA ILE B 409 -18.65 3.82 -23.69
C ILE B 409 -19.61 4.79 -23.01
N ALA B 410 -19.21 6.06 -22.90
CA ALA B 410 -20.09 7.06 -22.30
C ALA B 410 -21.38 7.22 -23.09
N GLN B 411 -21.28 7.23 -24.43
CA GLN B 411 -22.47 7.40 -25.25
C GLN B 411 -23.36 6.15 -25.23
N LEU B 412 -22.78 4.98 -24.97
CA LEU B 412 -23.60 3.77 -24.88
C LEU B 412 -24.48 3.78 -23.65
N ASN B 413 -24.03 4.41 -22.58
CA ASN B 413 -24.79 4.51 -21.34
C ASN B 413 -25.71 5.73 -21.30
N ASN B 414 -25.74 6.53 -22.38
CA ASN B 414 -26.64 7.68 -22.51
C ASN B 414 -26.42 8.72 -21.40
N VAL B 415 -25.18 8.87 -20.95
CA VAL B 415 -24.84 9.90 -19.97
C VAL B 415 -24.41 11.15 -20.73
N PRO B 416 -24.91 12.33 -20.36
CA PRO B 416 -24.49 13.55 -21.05
C PRO B 416 -23.03 13.87 -20.77
N LEU B 417 -22.40 14.52 -21.74
CA LEU B 417 -21.01 14.93 -21.65
C LEU B 417 -20.92 16.45 -21.60
N ASN B 418 -20.23 16.96 -20.59
CA ASN B 418 -19.98 18.39 -20.43
C ASN B 418 -18.55 18.73 -20.81
N PHE B 419 -18.28 20.03 -20.96
CA PHE B 419 -16.96 20.48 -21.38
C PHE B 419 -15.89 20.10 -20.35
N GLY B 420 -16.22 20.21 -19.06
CA GLY B 420 -15.23 19.95 -18.03
C GLY B 420 -14.70 18.53 -18.05
N GLN B 421 -15.60 17.55 -18.11
CA GLN B 421 -15.12 16.18 -18.12
C GLN B 421 -14.57 15.76 -19.48
N ILE B 422 -14.93 16.45 -20.56
CA ILE B 422 -14.25 16.25 -21.84
C ILE B 422 -12.79 16.67 -21.73
N ILE B 423 -12.54 17.84 -21.14
CA ILE B 423 -11.16 18.28 -20.94
C ILE B 423 -10.42 17.32 -20.02
N THR B 424 -11.08 16.88 -18.95
CA THR B 424 -10.46 15.96 -18.01
C THR B 424 -10.11 14.64 -18.67
N ILE B 425 -11.03 14.08 -19.46
CA ILE B 425 -10.77 12.79 -20.11
C ILE B 425 -9.69 12.93 -21.17
N LEU B 426 -9.66 14.07 -21.87
CA LEU B 426 -8.60 14.31 -22.84
C LEU B 426 -7.23 14.33 -22.17
N VAL B 427 -7.10 15.09 -21.09
CA VAL B 427 -5.80 15.23 -20.43
C VAL B 427 -5.38 13.90 -19.80
N THR B 428 -6.30 13.20 -19.14
CA THR B 428 -5.91 11.93 -18.53
C THR B 428 -5.61 10.87 -19.58
N ALA B 429 -6.29 10.89 -20.73
CA ALA B 429 -5.96 9.95 -21.79
C ALA B 429 -4.58 10.24 -22.38
N THR B 430 -4.25 11.52 -22.56
CA THR B 430 -2.91 11.86 -23.04
C THR B 430 -1.83 11.42 -22.07
N ALA B 431 -2.02 11.72 -20.78
CA ALA B 431 -1.00 11.37 -19.78
C ALA B 431 -0.86 9.86 -19.65
N SER B 432 -1.98 9.13 -19.70
CA SER B 432 -1.92 7.69 -19.59
C SER B 432 -1.36 7.03 -20.85
N SER B 433 -1.55 7.66 -22.01
CA SER B 433 -0.89 7.19 -23.23
C SER B 433 0.62 7.40 -23.13
N VAL B 434 1.04 8.50 -22.52
CA VAL B 434 2.46 8.67 -22.20
C VAL B 434 2.93 7.57 -21.26
N GLY B 435 2.11 7.23 -20.27
CA GLY B 435 2.44 6.21 -19.29
C GLY B 435 2.19 4.78 -19.71
N ALA B 436 1.71 4.54 -20.93
CA ALA B 436 1.45 3.18 -21.39
C ALA B 436 2.78 2.53 -21.82
N ALA B 437 2.70 1.34 -22.40
CA ALA B 437 3.89 0.58 -22.78
C ALA B 437 3.73 0.02 -24.18
N GLY B 438 4.83 -0.50 -24.71
CA GLY B 438 4.85 -1.08 -26.04
C GLY B 438 4.41 -2.52 -26.05
N ILE B 439 3.43 -2.85 -25.22
CA ILE B 439 2.83 -4.17 -25.13
C ILE B 439 2.17 -4.48 -26.46
N PRO B 440 2.12 -5.75 -26.90
CA PRO B 440 1.30 -6.08 -28.09
C PRO B 440 -0.14 -5.63 -27.97
N ALA B 441 -0.73 -5.66 -26.78
CA ALA B 441 -2.05 -5.07 -26.52
C ALA B 441 -1.92 -4.20 -25.28
N GLY B 442 -1.47 -2.96 -25.46
CA GLY B 442 -1.21 -2.09 -24.33
C GLY B 442 -2.27 -1.06 -24.06
N GLY B 443 -3.26 -0.95 -24.95
CA GLY B 443 -4.27 0.08 -24.80
C GLY B 443 -5.43 -0.29 -23.90
N VAL B 444 -5.68 -1.58 -23.71
CA VAL B 444 -6.87 -2.01 -22.95
C VAL B 444 -6.71 -1.71 -21.47
N LEU B 445 -5.52 -1.94 -20.90
CA LEU B 445 -5.30 -1.66 -19.48
C LEU B 445 -5.45 -0.17 -19.21
N THR B 446 -4.82 0.65 -20.04
CA THR B 446 -4.90 2.10 -19.91
C THR B 446 -6.35 2.58 -20.08
N LEU B 447 -7.07 1.98 -21.03
CA LEU B 447 -8.47 2.34 -21.24
C LEU B 447 -9.31 2.03 -20.01
N ALA B 448 -9.09 0.87 -19.39
CA ALA B 448 -9.82 0.53 -18.18
C ALA B 448 -9.50 1.52 -17.06
N ILE B 449 -8.23 1.88 -16.91
CA ILE B 449 -7.84 2.79 -15.84
C ILE B 449 -8.48 4.16 -16.04
N ILE B 450 -8.43 4.69 -17.27
CA ILE B 450 -8.98 6.03 -17.50
C ILE B 450 -10.51 6.00 -17.44
N LEU B 451 -11.13 4.86 -17.79
CA LEU B 451 -12.57 4.73 -17.64
C LEU B 451 -12.97 4.77 -16.18
N GLU B 452 -12.19 4.11 -15.32
CA GLU B 452 -12.47 4.15 -13.89
C GLU B 452 -12.14 5.51 -13.29
N ALA B 453 -11.20 6.24 -13.90
CA ALA B 453 -10.72 7.49 -13.32
C ALA B 453 -11.80 8.57 -13.28
N ILE B 454 -12.46 8.80 -14.42
CA ILE B 454 -13.48 9.84 -14.45
C ILE B 454 -14.82 9.36 -13.90
N GLY B 455 -15.05 8.05 -13.87
CA GLY B 455 -16.28 7.49 -13.33
C GLY B 455 -17.26 7.12 -14.41
N LEU B 456 -17.26 5.84 -14.78
CA LEU B 456 -18.16 5.27 -15.78
C LEU B 456 -18.30 3.79 -15.48
N PRO B 457 -19.47 3.21 -15.73
CA PRO B 457 -19.63 1.77 -15.50
C PRO B 457 -18.71 0.95 -16.40
N THR B 458 -18.12 -0.10 -15.82
CA THR B 458 -17.20 -0.96 -16.55
C THR B 458 -17.96 -2.22 -16.97
N HIS B 459 -18.69 -2.09 -18.07
CA HIS B 459 -19.45 -3.21 -18.63
C HIS B 459 -19.27 -3.36 -20.13
N ASP B 460 -18.89 -2.30 -20.85
CA ASP B 460 -18.75 -2.35 -22.29
C ASP B 460 -17.33 -2.64 -22.74
N LEU B 461 -16.42 -2.91 -21.79
CA LEU B 461 -15.04 -3.25 -22.16
C LEU B 461 -14.96 -4.54 -22.96
N SER B 462 -15.98 -5.40 -22.86
CA SER B 462 -15.98 -6.64 -23.62
C SER B 462 -16.00 -6.38 -25.11
N LEU B 463 -16.76 -5.38 -25.56
CA LEU B 463 -16.81 -5.05 -26.98
C LEU B 463 -15.46 -4.59 -27.49
N ILE B 464 -14.80 -3.72 -26.74
CA ILE B 464 -13.50 -3.20 -27.17
C ILE B 464 -12.45 -4.30 -27.14
N LEU B 465 -12.49 -5.15 -26.11
CA LEU B 465 -11.54 -6.25 -26.01
C LEU B 465 -11.76 -7.28 -27.10
N ALA B 466 -13.01 -7.45 -27.55
CA ALA B 466 -13.32 -8.47 -28.54
C ALA B 466 -12.85 -8.06 -29.93
N VAL B 467 -12.81 -6.77 -30.22
CA VAL B 467 -12.41 -6.28 -31.54
C VAL B 467 -11.11 -5.49 -31.45
N ASP B 468 -10.32 -5.72 -30.38
CA ASP B 468 -9.12 -4.94 -30.16
C ASP B 468 -8.03 -5.21 -31.20
N TRP B 469 -8.13 -6.31 -31.94
CA TRP B 469 -7.02 -6.72 -32.80
C TRP B 469 -6.81 -5.75 -33.97
N LEU B 470 -7.86 -5.44 -34.73
CA LEU B 470 -7.68 -4.61 -35.91
C LEU B 470 -7.24 -3.20 -35.54
N VAL B 471 -7.95 -2.59 -34.58
CA VAL B 471 -7.60 -1.26 -34.12
C VAL B 471 -6.22 -1.27 -33.46
N ASP B 472 -5.81 -2.40 -32.89
CA ASP B 472 -4.51 -2.47 -32.23
C ASP B 472 -3.37 -2.48 -33.24
N ARG B 473 -3.50 -3.27 -34.31
CA ARG B 473 -2.49 -3.20 -35.36
C ARG B 473 -2.44 -1.81 -35.99
N THR B 474 -3.60 -1.20 -36.23
CA THR B 474 -3.59 0.11 -36.85
C THR B 474 -2.95 1.16 -35.94
N THR B 475 -3.21 1.08 -34.62
CA THR B 475 -2.61 2.05 -33.71
C THR B 475 -1.12 1.83 -33.53
N THR B 476 -0.65 0.57 -33.63
CA THR B 476 0.79 0.35 -33.64
C THR B 476 1.43 1.01 -34.86
N VAL B 477 0.78 0.88 -36.03
CA VAL B 477 1.26 1.56 -37.23
C VAL B 477 1.31 3.06 -37.01
N VAL B 478 0.28 3.61 -36.38
CA VAL B 478 0.24 5.05 -36.13
C VAL B 478 1.40 5.48 -35.23
N ASN B 479 1.65 4.72 -34.16
CA ASN B 479 2.73 5.09 -33.24
C ASN B 479 4.08 5.06 -33.93
N VAL B 480 4.35 4.03 -34.73
CA VAL B 480 5.67 3.93 -35.35
C VAL B 480 5.85 5.05 -36.39
N GLU B 481 4.79 5.36 -37.15
CA GLU B 481 4.93 6.46 -38.10
C GLU B 481 5.07 7.81 -37.40
N GLY B 482 4.42 7.97 -36.24
CA GLY B 482 4.57 9.22 -35.50
C GLY B 482 5.99 9.44 -35.01
N ASP B 483 6.60 8.39 -34.43
CA ASP B 483 7.98 8.57 -33.98
C ASP B 483 8.95 8.71 -35.14
N ALA B 484 8.66 8.07 -36.29
CA ALA B 484 9.51 8.26 -37.46
C ALA B 484 9.45 9.71 -37.96
N LEU B 485 8.24 10.29 -38.01
CA LEU B 485 8.11 11.69 -38.39
C LEU B 485 8.83 12.60 -37.39
N GLY B 486 8.74 12.27 -36.10
CA GLY B 486 9.47 13.03 -35.10
C GLY B 486 10.98 13.00 -35.32
N ALA B 487 11.50 11.81 -35.63
CA ALA B 487 12.93 11.69 -35.93
C ALA B 487 13.31 12.54 -37.15
N GLY B 488 12.51 12.47 -38.21
CA GLY B 488 12.80 13.25 -39.40
C GLY B 488 12.77 14.74 -39.14
N ILE B 489 11.77 15.22 -38.39
CA ILE B 489 11.66 16.64 -38.14
C ILE B 489 12.79 17.13 -37.23
N LEU B 490 13.19 16.30 -36.25
CA LEU B 490 14.32 16.68 -35.41
C LEU B 490 15.60 16.73 -36.21
N GLN B 491 15.79 15.79 -37.15
CA GLN B 491 16.97 15.81 -38.00
C GLN B 491 17.01 17.06 -38.87
N HIS B 492 15.87 17.44 -39.45
CA HIS B 492 15.89 18.63 -40.29
C HIS B 492 16.07 19.91 -39.46
N LEU B 493 15.56 19.94 -38.23
CA LEU B 493 15.85 21.06 -37.34
C LEU B 493 17.34 21.13 -37.01
N ASN B 494 17.96 19.98 -36.76
CA ASN B 494 19.40 19.92 -36.52
C ASN B 494 20.20 20.35 -37.75
N ASP B 495 19.65 20.12 -38.94
CA ASP B 495 20.34 20.49 -40.18
C ASP B 495 20.56 21.99 -40.23
N LYS B 496 19.56 22.77 -39.81
CA LYS B 496 19.54 24.25 -39.81
C LYS B 496 20.21 24.90 -41.02
N ASP C 51 26.82 44.17 -10.74
CA ASP C 51 27.97 43.27 -10.76
C ASP C 51 28.53 43.07 -9.35
N GLN C 52 28.74 44.18 -8.64
CA GLN C 52 29.26 44.11 -7.28
C GLN C 52 28.23 43.52 -6.31
N VAL C 53 26.93 43.72 -6.59
CA VAL C 53 25.88 43.17 -5.77
C VAL C 53 25.38 41.83 -6.30
N ARG C 54 25.88 41.40 -7.46
CA ARG C 54 25.48 40.12 -8.03
C ARG C 54 25.86 38.96 -7.12
N ARG C 55 27.00 39.05 -6.45
CA ARG C 55 27.40 37.99 -5.52
C ARG C 55 26.44 37.90 -4.34
N PHE C 56 25.99 39.03 -3.82
CA PHE C 56 25.00 39.02 -2.73
C PHE C 56 23.67 38.48 -3.22
N LEU C 57 23.25 38.85 -4.44
CA LEU C 57 22.02 38.32 -5.00
C LEU C 57 22.09 36.81 -5.17
N ARG C 58 23.21 36.29 -5.66
CA ARG C 58 23.35 34.85 -5.84
C ARG C 58 23.44 34.13 -4.50
N ARG C 59 24.03 34.76 -3.49
CA ARG C 59 24.29 34.08 -2.22
C ARG C 59 23.00 33.78 -1.46
N ASN C 60 21.99 34.65 -1.58
CA ASN C 60 20.74 34.51 -0.85
C ASN C 60 19.54 34.73 -1.76
N LEU C 61 19.56 34.15 -2.96
CA LEU C 61 18.50 34.42 -3.93
C LEU C 61 17.18 33.79 -3.51
N LEU C 62 17.21 32.55 -3.02
CA LEU C 62 15.98 31.89 -2.61
C LEU C 62 15.32 32.59 -1.43
N VAL C 63 16.13 33.00 -0.44
CA VAL C 63 15.59 33.70 0.72
C VAL C 63 14.99 35.05 0.31
N LEU C 64 15.71 35.79 -0.54
CA LEU C 64 15.20 37.06 -1.01
C LEU C 64 13.91 36.89 -1.80
N LEU C 65 13.85 35.85 -2.63
CA LEU C 65 12.63 35.58 -3.40
C LEU C 65 11.47 35.22 -2.49
N THR C 66 11.73 34.42 -1.45
CA THR C 66 10.67 34.07 -0.50
C THR C 66 10.15 35.28 0.25
N VAL C 67 11.07 36.15 0.71
CA VAL C 67 10.66 37.35 1.43
C VAL C 67 9.86 38.28 0.51
N SER C 68 10.34 38.45 -0.73
CA SER C 68 9.61 39.26 -1.70
C SER C 68 8.24 38.67 -1.98
N GLY C 69 8.14 37.35 -2.06
CA GLY C 69 6.84 36.72 -2.25
C GLY C 69 5.89 36.97 -1.11
N VAL C 70 6.38 36.85 0.13
CA VAL C 70 5.52 37.10 1.29
C VAL C 70 5.06 38.55 1.30
N LEU C 71 5.98 39.49 1.03
CA LEU C 71 5.59 40.90 1.01
C LEU C 71 4.58 41.18 -0.10
N ALA C 72 4.79 40.61 -1.28
CA ALA C 72 3.84 40.80 -2.37
C ALA C 72 2.50 40.16 -2.07
N GLY C 73 2.49 39.04 -1.36
CA GLY C 73 1.24 38.43 -0.96
C GLY C 73 0.47 39.28 0.03
N VAL C 74 1.18 39.87 0.99
CA VAL C 74 0.53 40.80 1.92
C VAL C 74 -0.04 42.00 1.16
N ALA C 75 0.74 42.55 0.22
CA ALA C 75 0.26 43.67 -0.57
C ALA C 75 -0.97 43.30 -1.40
N LEU C 76 -0.95 42.12 -2.01
CA LEU C 76 -2.09 41.67 -2.81
C LEU C 76 -3.33 41.48 -1.96
N GLY C 77 -3.16 40.89 -0.76
CA GLY C 77 -4.29 40.73 0.13
C GLY C 77 -4.88 42.05 0.57
N LEU C 78 -4.02 43.00 0.95
CA LEU C 78 -4.50 44.32 1.35
C LEU C 78 -5.20 45.02 0.20
N GLY C 79 -4.66 44.90 -1.01
CA GLY C 79 -5.28 45.53 -2.16
C GLY C 79 -6.64 44.91 -2.50
N VAL C 80 -6.72 43.58 -2.49
CA VAL C 80 -7.97 42.92 -2.87
C VAL C 80 -9.03 43.12 -1.79
N ARG C 81 -8.61 43.32 -0.54
CA ARG C 81 -9.59 43.68 0.47
C ARG C 81 -9.90 45.18 0.48
N GLY C 82 -9.07 45.99 -0.17
CA GLY C 82 -9.32 47.43 -0.20
C GLY C 82 -10.57 47.79 -0.97
N ALA C 83 -10.82 47.10 -2.09
CA ALA C 83 -12.00 47.36 -2.90
C ALA C 83 -13.21 46.67 -2.27
N GLY C 84 -14.30 46.60 -3.01
CA GLY C 84 -15.51 45.95 -2.52
C GLY C 84 -15.36 44.44 -2.53
N GLY C 85 -14.52 43.91 -1.65
CA GLY C 85 -14.25 42.49 -1.59
C GLY C 85 -15.35 41.63 -1.03
N GLY C 86 -16.47 42.24 -0.60
CA GLY C 86 -17.58 41.44 -0.10
C GLY C 86 -18.17 40.53 -1.16
N LEU C 87 -18.22 41.00 -2.40
CA LEU C 87 -18.68 40.16 -3.50
C LEU C 87 -17.66 39.07 -3.82
N ALA C 88 -16.38 39.36 -3.66
CA ALA C 88 -15.32 38.39 -3.87
C ALA C 88 -14.98 37.59 -2.62
N LEU C 89 -15.71 37.83 -1.53
CA LEU C 89 -15.50 37.13 -0.26
C LEU C 89 -16.07 35.72 -0.27
N SER C 90 -16.72 35.31 -1.35
CA SER C 90 -17.35 33.99 -1.40
C SER C 90 -16.31 32.88 -1.33
N ARG C 91 -16.75 31.73 -0.82
CA ARG C 91 -15.85 30.61 -0.60
C ARG C 91 -15.28 30.06 -1.91
N ALA C 92 -16.06 30.10 -2.99
CA ALA C 92 -15.56 29.64 -4.28
C ALA C 92 -14.41 30.52 -4.76
N GLN C 93 -14.56 31.83 -4.66
CA GLN C 93 -13.47 32.74 -5.03
C GLN C 93 -12.27 32.57 -4.11
N LEU C 94 -12.51 32.35 -2.81
CA LEU C 94 -11.40 32.12 -1.89
C LEU C 94 -10.64 30.86 -2.24
N THR C 95 -11.35 29.80 -2.61
CA THR C 95 -10.70 28.57 -3.08
C THR C 95 -9.94 28.82 -4.37
N TYR C 96 -10.48 29.66 -5.25
CA TYR C 96 -9.79 30.01 -6.48
C TYR C 96 -8.45 30.69 -6.16
N PHE C 97 -8.45 31.65 -5.24
CA PHE C 97 -7.18 32.26 -4.83
C PHE C 97 -6.24 31.24 -4.17
N ALA C 98 -6.77 30.40 -3.30
CA ALA C 98 -5.93 29.50 -2.52
C ALA C 98 -5.57 28.22 -3.25
N PHE C 99 -5.96 28.08 -4.52
CA PHE C 99 -5.67 26.85 -5.25
C PHE C 99 -4.19 26.58 -5.43
N PRO C 100 -3.34 27.51 -5.88
CA PRO C 100 -1.90 27.19 -5.95
C PRO C 100 -1.27 26.87 -4.61
N GLY C 101 -1.71 27.53 -3.54
CA GLY C 101 -1.24 27.16 -2.23
C GLY C 101 -1.65 25.75 -1.86
N GLU C 102 -2.86 25.36 -2.24
CA GLU C 102 -3.29 23.97 -2.05
C GLU C 102 -2.40 23.02 -2.83
N LEU C 103 -2.00 23.41 -4.04
CA LEU C 103 -1.09 22.57 -4.83
C LEU C 103 0.26 22.41 -4.13
N LEU C 104 0.80 23.51 -3.60
CA LEU C 104 2.06 23.42 -2.88
C LEU C 104 1.96 22.55 -1.64
N LEU C 105 0.86 22.69 -0.89
CA LEU C 105 0.65 21.86 0.29
C LEU C 105 0.50 20.40 -0.09
N ARG C 106 -0.17 20.12 -1.21
CA ARG C 106 -0.30 18.74 -1.67
C ARG C 106 1.05 18.16 -2.05
N LEU C 107 1.91 18.96 -2.69
CA LEU C 107 3.26 18.49 -3.01
C LEU C 107 4.05 18.16 -1.76
N LEU C 108 3.97 19.03 -0.74
CA LEU C 108 4.64 18.73 0.53
C LEU C 108 4.09 17.45 1.15
N ARG C 109 2.77 17.29 1.14
CA ARG C 109 2.14 16.13 1.76
C ARG C 109 2.54 14.84 1.05
N MET C 110 2.64 14.88 -0.28
CA MET C 110 3.01 13.66 -1.00
C MET C 110 4.50 13.37 -0.85
N ILE C 111 5.34 14.38 -0.63
CA ILE C 111 6.76 14.12 -0.43
C ILE C 111 7.11 13.84 1.03
N ILE C 112 6.12 13.89 1.93
CA ILE C 112 6.37 13.47 3.33
C ILE C 112 6.98 12.07 3.39
N LEU C 113 6.22 11.06 2.94
CA LEU C 113 6.52 9.69 3.33
C LEU C 113 7.87 9.18 2.80
N PRO C 114 8.21 9.30 1.51
CA PRO C 114 9.56 8.86 1.07
C PRO C 114 10.67 9.42 1.93
N LEU C 115 10.70 10.74 2.08
CA LEU C 115 11.77 11.41 2.81
C LEU C 115 11.89 10.87 4.22
N VAL C 116 10.78 10.87 4.97
CA VAL C 116 10.82 10.47 6.36
C VAL C 116 11.26 9.01 6.50
N VAL C 117 10.58 8.10 5.80
CA VAL C 117 10.84 6.69 6.04
C VAL C 117 12.26 6.33 5.61
N CYS C 118 12.71 6.81 4.46
CA CYS C 118 14.00 6.35 3.96
C CYS C 118 15.16 7.09 4.62
N SER C 119 14.99 8.37 4.97
CA SER C 119 16.02 9.03 5.76
C SER C 119 16.20 8.37 7.12
N LEU C 120 15.09 8.03 7.79
CA LEU C 120 15.21 7.35 9.06
C LEU C 120 15.83 5.97 8.91
N ILE C 121 15.45 5.23 7.86
CA ILE C 121 16.04 3.90 7.66
C ILE C 121 17.55 4.01 7.44
N GLY C 122 17.96 4.89 6.55
CA GLY C 122 19.39 5.04 6.27
C GLY C 122 20.16 5.52 7.49
N GLY C 123 19.61 6.48 8.23
CA GLY C 123 20.25 6.94 9.45
C GLY C 123 20.38 5.83 10.48
N ALA C 124 19.26 5.23 10.86
CA ALA C 124 19.28 4.21 11.90
C ALA C 124 20.14 3.01 11.51
N ALA C 125 20.28 2.75 10.21
CA ALA C 125 21.17 1.68 9.76
C ALA C 125 22.60 2.16 9.54
N SER C 126 22.85 3.46 9.68
CA SER C 126 24.20 3.99 9.54
C SER C 126 24.71 4.73 10.78
N LEU C 127 23.84 5.43 11.52
CA LEU C 127 24.31 6.23 12.64
C LEU C 127 24.64 5.37 13.86
N ASP C 128 23.87 4.31 14.08
CA ASP C 128 24.05 3.50 15.29
C ASP C 128 25.44 2.88 15.45
N PRO C 129 26.11 2.29 14.42
CA PRO C 129 27.42 1.67 14.66
C PRO C 129 28.44 2.60 15.29
N GLY C 130 28.76 3.71 14.61
CA GLY C 130 29.72 4.68 15.12
C GLY C 130 31.06 4.06 15.44
N ALA C 131 31.71 4.58 16.50
CA ALA C 131 32.97 4.03 16.96
C ALA C 131 33.07 4.04 18.48
N LEU C 132 31.95 4.15 19.19
CA LEU C 132 31.93 4.27 20.64
C LEU C 132 31.17 3.10 21.26
N GLY C 133 31.00 3.16 22.57
CA GLY C 133 30.35 2.09 23.30
C GLY C 133 29.14 2.53 24.11
N ARG C 134 29.20 2.31 25.43
CA ARG C 134 28.06 2.61 26.29
C ARG C 134 27.75 4.10 26.32
N LEU C 135 28.76 4.96 26.15
CA LEU C 135 28.54 6.40 26.16
C LEU C 135 27.67 6.85 24.98
N GLY C 136 27.62 6.08 23.90
CA GLY C 136 26.69 6.38 22.84
C GLY C 136 25.24 6.28 23.29
N ALA C 137 24.95 5.29 24.15
CA ALA C 137 23.62 5.19 24.74
C ALA C 137 23.33 6.40 25.62
N TRP C 138 24.34 6.89 26.35
CA TRP C 138 24.18 8.10 27.13
C TRP C 138 23.85 9.29 26.24
N ALA C 139 24.54 9.40 25.10
CA ALA C 139 24.26 10.50 24.18
C ALA C 139 22.85 10.41 23.61
N LEU C 140 22.42 9.20 23.23
CA LEU C 140 21.08 9.04 22.68
C LEU C 140 20.01 9.35 23.73
N LEU C 141 20.22 8.91 24.97
CA LEU C 141 19.27 9.21 26.03
C LEU C 141 19.21 10.70 26.32
N PHE C 142 20.38 11.36 26.31
CA PHE C 142 20.39 12.81 26.50
C PHE C 142 19.65 13.52 25.37
N PHE C 143 19.85 13.09 24.13
CA PHE C 143 19.15 13.71 23.01
C PHE C 143 17.65 13.53 23.14
N LEU C 144 17.20 12.32 23.50
CA LEU C 144 15.78 12.07 23.64
C LEU C 144 15.17 12.90 24.77
N VAL C 145 15.84 12.94 25.92
CA VAL C 145 15.30 13.70 27.04
C VAL C 145 15.33 15.20 26.76
N THR C 146 16.34 15.68 26.02
CA THR C 146 16.38 17.08 25.64
C THR C 146 15.22 17.43 24.71
N THR C 147 14.96 16.56 23.73
CA THR C 147 13.83 16.80 22.83
C THR C 147 12.50 16.79 23.59
N LEU C 148 12.32 15.83 24.49
CA LEU C 148 11.10 15.77 25.28
C LEU C 148 10.93 17.00 26.14
N LEU C 149 12.00 17.43 26.82
CA LEU C 149 11.90 18.60 27.69
C LEU C 149 11.65 19.87 26.88
N ALA C 150 12.29 20.00 25.72
CA ALA C 150 12.07 21.16 24.87
C ALA C 150 10.63 21.21 24.37
N SER C 151 10.09 20.07 23.95
CA SER C 151 8.70 20.03 23.51
C SER C 151 7.75 20.35 24.65
N ALA C 152 8.04 19.85 25.86
CA ALA C 152 7.20 20.15 27.02
C ALA C 152 7.25 21.63 27.35
N LEU C 153 8.44 22.25 27.23
CA LEU C 153 8.55 23.69 27.43
C LEU C 153 7.75 24.45 26.38
N GLY C 154 7.75 23.95 25.14
CA GLY C 154 6.91 24.56 24.12
C GLY C 154 5.42 24.49 24.48
N VAL C 155 4.98 23.33 24.98
CA VAL C 155 3.58 23.20 25.42
C VAL C 155 3.29 24.19 26.54
N GLY C 156 4.19 24.28 27.52
CA GLY C 156 3.96 25.15 28.66
C GLY C 156 3.85 26.61 28.26
N LEU C 157 4.78 27.08 27.43
CA LEU C 157 4.74 28.47 26.99
C LEU C 157 3.55 28.73 26.08
N ALA C 158 3.15 27.76 25.25
CA ALA C 158 1.97 27.95 24.41
C ALA C 158 0.71 28.07 25.25
N LEU C 159 0.60 27.27 26.31
CA LEU C 159 -0.55 27.37 27.20
C LEU C 159 -0.53 28.65 28.01
N ALA C 160 0.65 29.09 28.44
CA ALA C 160 0.73 30.28 29.28
C ALA C 160 0.45 31.56 28.49
N LEU C 161 1.06 31.69 27.31
CA LEU C 161 0.95 32.95 26.58
C LEU C 161 -0.43 33.11 25.93
N GLN C 162 -0.96 32.02 25.37
CA GLN C 162 -2.22 32.00 24.62
C GLN C 162 -2.19 33.00 23.47
N PRO C 163 -1.37 32.78 22.44
CA PRO C 163 -1.38 33.69 21.29
C PRO C 163 -2.70 33.70 20.54
N GLY C 164 -3.42 32.59 20.52
CA GLY C 164 -4.66 32.49 19.77
C GLY C 164 -5.83 33.19 20.42
N ALA C 165 -5.78 34.52 20.47
CA ALA C 165 -6.85 35.32 21.06
C ALA C 165 -7.53 36.12 19.97
N ALA C 166 -8.85 35.98 19.89
CA ALA C 166 -9.63 36.70 18.89
C ALA C 166 -11.00 36.99 19.50
N SER C 167 -11.15 38.19 20.06
CA SER C 167 -12.40 38.58 20.69
C SER C 167 -13.11 39.66 19.88
N SER C 185 -14.72 16.01 24.68
CA SER C 185 -14.20 15.26 23.53
C SER C 185 -13.87 13.83 23.92
N LYS C 186 -12.77 13.31 23.38
CA LYS C 186 -12.33 11.97 23.71
C LYS C 186 -11.83 11.92 25.15
N GLU C 187 -12.02 10.76 25.79
CA GLU C 187 -11.54 10.57 27.14
C GLU C 187 -10.01 10.51 27.16
N VAL C 188 -9.44 10.81 28.32
CA VAL C 188 -7.99 10.87 28.45
C VAL C 188 -7.38 9.48 28.26
N LEU C 189 -7.95 8.47 28.93
CA LEU C 189 -7.42 7.11 28.81
C LEU C 189 -7.57 6.59 27.39
N ASP C 190 -8.70 6.90 26.74
CA ASP C 190 -8.87 6.51 25.34
C ASP C 190 -7.86 7.20 24.44
N SER C 191 -7.52 8.45 24.75
CA SER C 191 -6.49 9.15 23.99
C SER C 191 -5.12 8.48 24.17
N PHE C 192 -4.81 8.06 25.41
CA PHE C 192 -3.56 7.34 25.64
C PHE C 192 -3.52 6.04 24.86
N LEU C 193 -4.63 5.30 24.85
CA LEU C 193 -4.69 4.04 24.10
C LEU C 193 -4.56 4.28 22.61
N ASP C 194 -5.17 5.34 22.08
CA ASP C 194 -5.05 5.63 20.63
C ASP C 194 -3.62 6.03 20.31
N LEU C 195 -2.95 6.75 21.20
CA LEU C 195 -1.53 7.06 20.98
C LEU C 195 -0.68 5.80 20.98
N ALA C 196 -0.95 4.88 21.92
CA ALA C 196 -0.16 3.66 21.99
C ALA C 196 -0.40 2.77 20.77
N ARG C 197 -1.65 2.67 20.31
CA ARG C 197 -1.93 1.87 19.12
C ARG C 197 -1.34 2.50 17.86
N ASN C 198 -1.30 3.83 17.78
CA ASN C 198 -0.69 4.48 16.63
C ASN C 198 0.80 4.21 16.55
N ILE C 199 1.44 3.95 17.70
CA ILE C 199 2.87 3.65 17.70
C ILE C 199 3.15 2.34 16.98
N PHE C 200 2.35 1.31 17.26
CA PHE C 200 2.51 0.00 16.61
C PHE C 200 1.40 -0.17 15.59
N PRO C 201 1.62 0.21 14.33
CA PRO C 201 0.55 0.12 13.34
C PRO C 201 0.20 -1.31 12.99
N SER C 202 -1.07 -1.54 12.67
CA SER C 202 -1.51 -2.87 12.28
C SER C 202 -1.00 -3.23 10.89
N ASN C 203 -1.08 -2.29 9.95
CA ASN C 203 -0.64 -2.52 8.58
C ASN C 203 0.22 -1.35 8.14
N LEU C 204 1.40 -1.66 7.60
CA LEU C 204 2.32 -0.61 7.16
C LEU C 204 1.75 0.17 5.96
N VAL C 205 1.18 -0.54 4.99
CA VAL C 205 0.62 0.13 3.82
C VAL C 205 -0.58 0.97 4.21
N SER C 206 -1.45 0.44 5.08
CA SER C 206 -2.59 1.21 5.56
C SER C 206 -2.15 2.39 6.42
N ALA C 207 -1.01 2.27 7.09
CA ALA C 207 -0.51 3.37 7.92
C ALA C 207 -0.01 4.54 7.10
N ALA C 208 0.20 4.37 5.81
CA ALA C 208 0.71 5.46 4.99
C ALA C 208 -0.33 6.52 4.71
N PHE C 209 -1.61 6.22 4.93
CA PHE C 209 -2.65 7.20 4.65
C PHE C 209 -3.78 7.25 5.68
N ARG C 210 -3.70 6.50 6.78
CA ARG C 210 -4.72 6.58 7.81
C ARG C 210 -4.14 6.12 9.14
N SER C 211 -4.82 6.49 10.22
CA SER C 211 -4.34 6.22 11.57
C SER C 211 -5.51 5.82 12.45
N TYR C 212 -5.19 5.13 13.54
CA TYR C 212 -6.21 4.68 14.48
C TYR C 212 -6.79 5.85 15.25
N SER C 213 -8.08 5.74 15.58
CA SER C 213 -8.77 6.76 16.35
C SER C 213 -10.04 6.15 16.93
N THR C 214 -10.35 6.49 18.16
CA THR C 214 -11.50 5.94 18.87
C THR C 214 -12.60 6.98 18.96
N THR C 215 -13.82 6.58 18.60
CA THR C 215 -14.99 7.44 18.69
C THR C 215 -16.13 6.66 19.33
N TYR C 216 -17.06 7.40 19.95
CA TYR C 216 -18.10 6.80 20.76
C TYR C 216 -19.44 6.89 20.03
N GLU C 217 -20.25 5.84 20.15
CA GLU C 217 -21.50 5.71 19.42
C GLU C 217 -22.70 5.84 20.35
N GLU C 218 -23.87 6.01 19.76
CA GLU C 218 -25.13 6.16 20.49
C GLU C 218 -26.22 5.30 19.84
N ARG C 219 -25.90 4.03 19.61
CA ARG C 219 -26.85 3.09 19.01
C ARG C 219 -28.12 2.99 19.86
N THR C 220 -29.27 3.03 19.19
CA THR C 220 -30.56 3.09 19.85
C THR C 220 -31.17 1.70 19.96
N ILE C 221 -31.58 1.32 21.16
CA ILE C 221 -32.33 0.09 21.40
C ILE C 221 -33.60 0.47 22.16
N THR C 222 -34.67 0.77 21.41
CA THR C 222 -36.03 1.05 21.87
C THR C 222 -36.10 1.84 23.17
N GLY C 223 -35.27 2.87 23.30
CA GLY C 223 -35.27 3.63 24.54
C GLY C 223 -33.98 4.34 24.90
N THR C 224 -33.47 4.04 26.09
CA THR C 224 -32.40 4.80 26.73
C THR C 224 -31.14 4.83 25.87
N ARG C 225 -30.24 5.74 26.26
CA ARG C 225 -29.03 6.04 25.51
C ARG C 225 -27.89 5.14 25.98
N VAL C 226 -27.09 4.65 25.03
CA VAL C 226 -25.90 3.88 25.37
C VAL C 226 -24.69 4.61 24.79
N LYS C 227 -23.50 4.08 25.04
CA LYS C 227 -22.27 4.74 24.61
C LYS C 227 -21.18 3.68 24.45
N VAL C 228 -20.86 3.36 23.20
CA VAL C 228 -19.91 2.28 22.89
C VAL C 228 -18.81 2.79 21.97
N PRO C 229 -17.53 2.56 22.27
CA PRO C 229 -16.47 2.92 21.34
C PRO C 229 -16.27 1.83 20.28
N VAL C 230 -15.85 2.26 19.08
CA VAL C 230 -15.68 1.34 17.97
C VAL C 230 -14.30 1.41 17.34
N GLY C 231 -13.63 2.57 17.43
CA GLY C 231 -12.34 2.71 16.81
C GLY C 231 -12.36 2.68 15.29
N GLN C 232 -12.93 3.73 14.68
CA GLN C 232 -13.19 3.72 13.24
C GLN C 232 -11.93 3.78 12.39
N GLU C 233 -10.78 4.16 12.96
CA GLU C 233 -9.52 4.32 12.23
C GLU C 233 -9.67 5.34 11.09
N VAL C 234 -9.92 6.59 11.51
CA VAL C 234 -10.20 7.68 10.57
C VAL C 234 -8.96 7.98 9.73
N GLU C 235 -9.19 8.61 8.58
CA GLU C 235 -8.10 8.95 7.67
C GLU C 235 -7.17 9.98 8.29
N GLY C 236 -5.87 9.81 8.04
CA GLY C 236 -4.85 10.70 8.56
C GLY C 236 -3.47 10.26 8.15
N MET C 237 -2.52 10.31 9.08
CA MET C 237 -1.19 9.75 8.83
C MET C 237 -0.50 9.58 10.18
N ASN C 238 -0.24 8.32 10.57
CA ASN C 238 0.40 8.04 11.85
C ASN C 238 1.92 8.09 11.69
N ILE C 239 2.49 9.26 11.99
CA ILE C 239 3.94 9.42 11.93
C ILE C 239 4.62 8.56 12.97
N LEU C 240 3.96 8.32 14.12
CA LEU C 240 4.55 7.50 15.16
C LEU C 240 4.89 6.12 14.63
N GLY C 241 3.93 5.45 14.00
CA GLY C 241 4.18 4.11 13.51
C GLY C 241 5.24 4.06 12.43
N LEU C 242 5.18 5.00 11.48
CA LEU C 242 6.16 5.00 10.39
C LEU C 242 7.57 5.28 10.92
N VAL C 243 7.70 6.24 11.82
CA VAL C 243 9.02 6.58 12.38
C VAL C 243 9.57 5.41 13.18
N VAL C 244 8.76 4.81 14.05
CA VAL C 244 9.28 3.74 14.88
C VAL C 244 9.60 2.51 14.03
N PHE C 245 8.80 2.24 13.00
CA PHE C 245 9.09 1.12 12.11
C PHE C 245 10.37 1.37 11.34
N ALA C 246 10.58 2.60 10.85
CA ALA C 246 11.81 2.92 10.15
C ALA C 246 13.03 2.78 11.06
N ILE C 247 12.90 3.23 12.31
CA ILE C 247 14.02 3.15 13.24
C ILE C 247 14.35 1.70 13.55
N VAL C 248 13.33 0.89 13.85
CA VAL C 248 13.59 -0.51 14.18
C VAL C 248 14.10 -1.27 12.96
N PHE C 249 13.63 -0.92 11.75
CA PHE C 249 14.15 -1.55 10.54
C PHE C 249 15.60 -1.17 10.30
N GLY C 250 15.96 0.08 10.57
CA GLY C 250 17.35 0.49 10.45
C GLY C 250 18.25 -0.24 11.43
N VAL C 251 17.78 -0.41 12.66
CA VAL C 251 18.57 -1.16 13.64
C VAL C 251 18.73 -2.62 13.21
N ALA C 252 17.65 -3.21 12.68
CA ALA C 252 17.75 -4.59 12.19
C ALA C 252 18.72 -4.70 11.02
N LEU C 253 18.70 -3.72 10.11
CA LEU C 253 19.61 -3.75 8.97
C LEU C 253 21.05 -3.56 9.42
N ARG C 254 21.28 -2.72 10.42
CA ARG C 254 22.59 -2.64 11.07
C ARG C 254 23.01 -4.02 11.57
N LYS C 255 22.14 -4.67 12.34
CA LYS C 255 22.49 -5.97 12.93
C LYS C 255 22.57 -7.09 11.90
N LEU C 256 22.14 -6.85 10.66
CA LEU C 256 22.03 -7.94 9.71
C LEU C 256 23.38 -8.31 9.10
N GLY C 257 23.99 -7.39 8.34
CA GLY C 257 25.27 -7.67 7.71
C GLY C 257 25.47 -6.99 6.37
N PRO C 258 26.14 -7.69 5.45
CA PRO C 258 26.56 -7.03 4.20
C PRO C 258 25.42 -6.75 3.23
N GLU C 259 24.50 -7.70 3.04
CA GLU C 259 23.32 -7.39 2.23
C GLU C 259 22.47 -6.33 2.92
N GLY C 260 22.57 -6.25 4.25
CA GLY C 260 22.05 -5.09 4.95
C GLY C 260 22.69 -3.80 4.47
N GLU C 261 24.01 -3.84 4.20
CA GLU C 261 24.67 -2.67 3.65
C GLU C 261 24.20 -2.37 2.23
N GLU C 262 23.89 -3.40 1.45
CA GLU C 262 23.32 -3.16 0.13
C GLU C 262 21.96 -2.47 0.24
N LEU C 263 21.13 -2.92 1.17
CA LEU C 263 19.86 -2.22 1.42
C LEU C 263 20.10 -0.80 1.92
N ILE C 264 21.16 -0.60 2.71
CA ILE C 264 21.51 0.75 3.17
C ILE C 264 21.81 1.64 1.99
N ARG C 265 22.59 1.16 1.03
CA ARG C 265 22.91 1.95 -0.14
C ARG C 265 21.65 2.25 -0.96
N PHE C 266 20.78 1.25 -1.11
CA PHE C 266 19.51 1.45 -1.81
C PHE C 266 18.70 2.58 -1.16
N PHE C 267 18.48 2.48 0.15
CA PHE C 267 17.65 3.48 0.83
C PHE C 267 18.31 4.85 0.84
N ASN C 268 19.63 4.90 0.96
CA ASN C 268 20.33 6.18 0.93
C ASN C 268 20.19 6.85 -0.42
N SER C 269 20.35 6.09 -1.51
CA SER C 269 20.18 6.67 -2.84
C SER C 269 18.76 7.16 -3.05
N PHE C 270 17.77 6.40 -2.56
CA PHE C 270 16.39 6.84 -2.65
C PHE C 270 16.19 8.15 -1.89
N ASN C 271 16.83 8.26 -0.72
CA ASN C 271 16.74 9.47 0.08
C ASN C 271 17.37 10.67 -0.61
N GLU C 272 18.51 10.48 -1.28
CA GLU C 272 19.09 11.60 -2.03
C GLU C 272 18.18 12.03 -3.18
N ALA C 273 17.54 11.07 -3.85
CA ALA C 273 16.58 11.44 -4.88
C ALA C 273 15.44 12.27 -4.29
N THR C 274 14.94 11.86 -3.13
CA THR C 274 13.88 12.62 -2.47
C THR C 274 14.35 14.01 -2.07
N MET C 275 15.60 14.13 -1.59
CA MET C 275 16.16 15.43 -1.24
C MET C 275 16.22 16.34 -2.46
N VAL C 276 16.65 15.80 -3.60
CA VAL C 276 16.70 16.58 -4.83
C VAL C 276 15.31 17.07 -5.21
N LEU C 277 14.30 16.19 -5.08
CA LEU C 277 12.95 16.60 -5.44
C LEU C 277 12.43 17.69 -4.51
N VAL C 278 12.75 17.59 -3.21
CA VAL C 278 12.35 18.62 -2.26
C VAL C 278 13.01 19.95 -2.58
N SER C 279 14.29 19.90 -2.95
CA SER C 279 14.98 21.13 -3.36
C SER C 279 14.33 21.74 -4.59
N TRP C 280 13.85 20.90 -5.50
CA TRP C 280 13.11 21.41 -6.65
C TRP C 280 11.79 22.06 -6.24
N ILE C 281 11.07 21.43 -5.30
CA ILE C 281 9.75 21.93 -4.90
C ILE C 281 9.88 23.28 -4.19
N MET C 282 10.93 23.44 -3.39
CA MET C 282 11.09 24.71 -2.69
C MET C 282 11.41 25.87 -3.62
N TRP C 283 11.72 25.58 -4.89
CA TRP C 283 11.82 26.64 -5.89
C TRP C 283 10.44 27.16 -6.28
N TYR C 284 9.46 26.27 -6.39
CA TYR C 284 8.08 26.66 -6.67
C TYR C 284 7.37 27.23 -5.45
N ALA C 285 7.89 26.97 -4.26
CA ALA C 285 7.23 27.40 -3.02
C ALA C 285 6.83 28.88 -2.95
N PRO C 286 7.64 29.87 -3.38
CA PRO C 286 7.24 31.27 -3.13
C PRO C 286 5.93 31.72 -3.77
N VAL C 287 5.60 31.28 -4.98
CA VAL C 287 4.34 31.73 -5.57
C VAL C 287 3.14 31.12 -4.83
N GLY C 288 3.26 29.85 -4.43
CA GLY C 288 2.22 29.23 -3.63
C GLY C 288 2.04 29.93 -2.29
N ILE C 289 3.15 30.25 -1.62
CA ILE C 289 3.02 30.92 -0.32
C ILE C 289 2.43 32.32 -0.49
N MET C 290 2.74 33.00 -1.60
CA MET C 290 2.22 34.36 -1.75
C MET C 290 0.72 34.35 -2.05
N PHE C 291 0.25 33.41 -2.89
CA PHE C 291 -1.18 33.24 -3.05
C PHE C 291 -1.85 32.84 -1.74
N LEU C 292 -1.18 31.99 -0.94
CA LEU C 292 -1.76 31.61 0.35
C LEU C 292 -1.91 32.81 1.27
N VAL C 293 -0.90 33.67 1.32
CA VAL C 293 -0.97 34.88 2.15
C VAL C 293 -2.11 35.78 1.69
N ALA C 294 -2.21 35.99 0.38
CA ALA C 294 -3.27 36.84 -0.13
C ALA C 294 -4.65 36.29 0.20
N SER C 295 -4.84 34.98 0.00
CA SER C 295 -6.13 34.36 0.26
C SER C 295 -6.50 34.43 1.74
N LYS C 296 -5.54 34.15 2.62
CA LYS C 296 -5.86 34.18 4.05
C LYS C 296 -6.06 35.59 4.57
N ILE C 297 -5.38 36.58 3.96
CA ILE C 297 -5.60 37.96 4.38
C ILE C 297 -6.98 38.43 3.96
N VAL C 298 -7.40 38.12 2.72
CA VAL C 298 -8.71 38.58 2.29
C VAL C 298 -9.81 37.78 2.98
N GLU C 299 -9.53 36.55 3.40
CA GLU C 299 -10.54 35.75 4.08
C GLU C 299 -10.91 36.34 5.43
N MET C 300 -9.92 36.81 6.19
CA MET C 300 -10.18 37.31 7.54
C MET C 300 -10.98 38.60 7.49
N GLU C 301 -11.81 38.79 8.53
CA GLU C 301 -12.67 39.96 8.60
C GLU C 301 -11.85 41.25 8.66
N ASP C 302 -10.80 41.26 9.49
CA ASP C 302 -9.97 42.43 9.66
C ASP C 302 -8.51 42.03 9.57
N VAL C 303 -7.72 42.81 8.82
CA VAL C 303 -6.30 42.50 8.68
C VAL C 303 -5.54 42.79 9.96
N VAL C 304 -6.03 43.72 10.79
CA VAL C 304 -5.35 44.04 12.04
C VAL C 304 -5.61 43.00 13.12
N LEU C 305 -6.70 42.24 13.02
CA LEU C 305 -7.00 41.20 13.99
C LEU C 305 -6.20 39.92 13.75
N LEU C 306 -5.50 39.82 12.62
CA LEU C 306 -4.66 38.68 12.33
C LEU C 306 -3.18 38.96 12.58
N PHE C 307 -2.72 40.18 12.28
CA PHE C 307 -1.33 40.53 12.51
C PHE C 307 -0.99 40.49 13.99
N THR C 308 -1.91 40.90 14.86
CA THR C 308 -1.65 40.83 16.29
C THR C 308 -1.52 39.38 16.75
N SER C 309 -2.34 38.48 16.22
CA SER C 309 -2.23 37.07 16.55
C SER C 309 -0.91 36.49 16.04
N LEU C 310 -0.49 36.87 14.83
CA LEU C 310 0.79 36.42 14.32
C LEU C 310 1.94 36.95 15.17
N GLY C 311 1.84 38.19 15.63
CA GLY C 311 2.87 38.74 16.51
C GLY C 311 2.94 38.01 17.83
N LYS C 312 1.79 37.69 18.42
CA LYS C 312 1.77 36.90 19.64
C LYS C 312 2.40 35.53 19.41
N TYR C 313 2.09 34.90 18.28
CA TYR C 313 2.61 33.58 17.98
C TYR C 313 4.12 33.59 17.80
N ILE C 314 4.63 34.54 17.02
CA ILE C 314 6.08 34.62 16.82
C ILE C 314 6.79 34.98 18.11
N PHE C 315 6.18 35.82 18.94
CA PHE C 315 6.78 36.13 20.23
C PHE C 315 6.85 34.89 21.11
N CYS C 316 5.78 34.09 21.12
CA CYS C 316 5.79 32.87 21.92
C CYS C 316 6.85 31.89 21.42
N CYS C 317 6.96 31.72 20.10
CA CYS C 317 7.96 30.81 19.54
C CYS C 317 9.37 31.26 19.86
N ILE C 318 9.67 32.55 19.66
CA ILE C 318 11.00 33.06 19.92
C ILE C 318 11.33 33.00 21.41
N LEU C 319 10.36 33.31 22.26
CA LEU C 319 10.57 33.23 23.70
C LEU C 319 10.86 31.81 24.12
N GLY C 320 10.11 30.83 23.58
CA GLY C 320 10.37 29.44 23.90
C GLY C 320 11.76 29.00 23.46
N HIS C 321 12.16 29.38 22.24
CA HIS C 321 13.48 29.01 21.75
C HIS C 321 14.59 29.62 22.61
N ALA C 322 14.47 30.91 22.93
CA ALA C 322 15.48 31.57 23.74
C ALA C 322 15.54 30.96 25.13
N ILE C 323 14.38 30.72 25.75
CA ILE C 323 14.35 30.12 27.08
C ILE C 323 15.02 28.76 27.07
N HIS C 324 14.66 27.92 26.09
CA HIS C 324 15.28 26.60 25.98
C HIS C 324 16.80 26.74 25.85
N GLY C 325 17.25 27.34 24.76
CA GLY C 325 18.68 27.40 24.47
C GLY C 325 19.51 28.17 25.47
N LEU C 326 18.88 28.97 26.33
CA LEU C 326 19.64 29.81 27.24
C LEU C 326 19.49 29.43 28.71
N ILE C 327 18.54 28.57 29.09
CA ILE C 327 18.48 28.23 30.50
C ILE C 327 18.38 26.71 30.70
N VAL C 328 18.08 25.96 29.63
CA VAL C 328 17.95 24.51 29.79
C VAL C 328 19.31 23.84 29.77
N LEU C 329 20.06 24.04 28.68
CA LEU C 329 21.38 23.41 28.56
C LEU C 329 22.38 23.85 29.62
N PRO C 330 22.51 25.14 29.98
CA PRO C 330 23.30 25.45 31.18
C PRO C 330 22.80 24.78 32.44
N LEU C 331 21.48 24.62 32.58
CA LEU C 331 20.97 23.83 33.70
C LEU C 331 21.28 22.35 33.51
N ILE C 332 21.42 21.89 32.27
CA ILE C 332 21.85 20.52 32.05
C ILE C 332 23.27 20.32 32.58
N TYR C 333 24.14 21.30 32.37
CA TYR C 333 25.45 21.27 33.02
C TYR C 333 25.31 21.32 34.54
N PHE C 334 24.58 22.31 35.06
CA PHE C 334 24.32 22.48 36.48
C PHE C 334 25.60 22.52 37.31
N ALA C 335 25.97 21.38 37.90
CA ALA C 335 27.13 21.27 38.77
C ALA C 335 28.35 20.71 38.05
N PHE C 336 28.28 20.55 36.72
CA PHE C 336 29.41 20.07 35.95
C PHE C 336 30.30 21.21 35.46
N THR C 337 30.34 22.33 36.20
CA THR C 337 31.00 23.54 35.72
C THR C 337 32.52 23.43 35.84
N ARG C 338 33.07 22.42 35.17
CA ARG C 338 34.48 22.33 34.91
C ARG C 338 34.80 22.73 33.48
N LYS C 339 33.81 23.22 32.74
CA LYS C 339 33.99 23.56 31.33
C LYS C 339 33.37 24.90 30.96
N ASN C 340 33.14 25.81 31.94
CA ASN C 340 32.64 27.19 31.81
C ASN C 340 31.58 27.33 30.72
N PRO C 341 30.31 27.04 31.04
CA PRO C 341 29.29 26.94 29.98
C PRO C 341 29.12 28.14 29.05
N TYR C 342 29.10 29.37 29.57
CA TYR C 342 28.97 30.50 28.66
C TYR C 342 30.25 30.76 27.88
N ARG C 343 31.41 30.57 28.53
CA ARG C 343 32.68 30.64 27.81
C ARG C 343 32.83 29.50 26.81
N PHE C 344 32.40 28.30 27.18
CA PHE C 344 32.45 27.18 26.24
C PHE C 344 31.59 27.45 25.01
N LEU C 345 30.42 28.08 25.22
CA LEU C 345 29.57 28.40 24.07
C LEU C 345 30.16 29.54 23.26
N LEU C 346 30.72 30.56 23.92
CA LEU C 346 31.38 31.66 23.23
C LEU C 346 32.66 31.23 22.52
N GLY C 347 33.17 30.04 22.83
CA GLY C 347 34.23 29.44 22.03
C GLY C 347 33.85 29.28 20.57
N LEU C 348 32.56 29.10 20.29
CA LEU C 348 32.08 28.84 18.94
C LEU C 348 31.03 29.87 18.58
N LEU C 349 31.28 30.63 17.52
CA LEU C 349 30.27 31.59 17.10
C LEU C 349 30.07 31.47 15.60
N THR C 350 31.15 31.19 14.86
CA THR C 350 31.06 31.03 13.40
C THR C 350 29.92 30.11 12.94
N PRO C 351 29.69 28.93 13.55
CA PRO C 351 28.59 28.09 13.04
C PRO C 351 27.23 28.64 13.34
N LEU C 352 27.03 29.25 14.51
CA LEU C 352 25.74 29.87 14.82
C LEU C 352 25.45 31.01 13.85
N ALA C 353 26.45 31.83 13.56
CA ALA C 353 26.26 32.91 12.59
C ALA C 353 25.95 32.36 11.21
N THR C 354 26.64 31.29 10.80
CA THR C 354 26.37 30.69 9.50
C THR C 354 24.97 30.08 9.44
N ALA C 355 24.57 29.36 10.48
CA ALA C 355 23.25 28.74 10.54
C ALA C 355 22.14 29.77 10.73
N PHE C 356 22.48 30.99 11.14
CA PHE C 356 21.50 32.06 11.13
C PHE C 356 21.43 32.74 9.76
N GLY C 357 22.55 32.80 9.05
CA GLY C 357 22.57 33.34 7.70
C GLY C 357 21.79 32.44 6.76
N THR C 358 22.29 31.22 6.54
CA THR C 358 21.53 30.21 5.83
C THR C 358 20.57 29.56 6.83
N SER C 359 19.89 28.50 6.44
CA SER C 359 18.94 27.88 7.37
C SER C 359 18.98 26.36 7.30
N SER C 360 20.13 25.79 6.99
CA SER C 360 20.27 24.34 6.85
C SER C 360 21.20 23.80 7.93
N SER C 361 20.72 22.79 8.67
CA SER C 361 21.60 22.12 9.62
C SER C 361 22.65 21.28 8.91
N SER C 362 22.32 20.72 7.75
CA SER C 362 23.28 19.89 7.02
C SER C 362 24.35 20.74 6.33
N ALA C 363 23.99 21.94 5.86
CA ALA C 363 24.96 22.77 5.16
C ALA C 363 26.00 23.34 6.10
N THR C 364 25.67 23.50 7.38
CA THR C 364 26.63 23.99 8.37
C THR C 364 27.39 22.87 9.06
N LEU C 365 27.12 21.60 8.72
CA LEU C 365 27.76 20.49 9.41
C LEU C 365 29.28 20.48 9.28
N PRO C 366 29.90 20.65 8.09
CA PRO C 366 31.38 20.63 8.05
C PRO C 366 32.02 21.76 8.83
N LEU C 367 31.50 22.98 8.72
CA LEU C 367 32.05 24.10 9.46
C LEU C 367 31.87 23.90 10.96
N MET C 368 30.70 23.40 11.38
CA MET C 368 30.48 23.03 12.77
C MET C 368 31.52 22.03 13.26
N MET C 369 31.74 20.95 12.49
CA MET C 369 32.68 19.92 12.93
C MET C 369 34.09 20.49 13.05
N LYS C 370 34.54 21.25 12.04
CA LYS C 370 35.89 21.78 12.08
C LYS C 370 36.06 22.78 13.21
N CYS C 371 35.05 23.63 13.46
CA CYS C 371 35.15 24.61 14.53
C CYS C 371 35.17 23.95 15.90
N VAL C 372 34.26 23.00 16.13
CA VAL C 372 34.21 22.35 17.43
C VAL C 372 35.46 21.50 17.65
N GLU C 373 36.09 21.02 16.58
CA GLU C 373 37.28 20.18 16.74
C GLU C 373 38.51 21.04 17.01
N GLU C 374 38.72 22.10 16.24
CA GLU C 374 39.95 22.87 16.33
C GLU C 374 39.85 24.05 17.30
N ASN C 375 38.69 24.34 17.86
CA ASN C 375 38.54 25.48 18.76
C ASN C 375 38.68 25.10 20.22
N ASN C 376 37.96 24.08 20.68
CA ASN C 376 37.97 23.64 22.06
C ASN C 376 38.21 22.13 22.12
N GLY C 377 38.27 21.60 23.33
CA GLY C 377 38.61 20.21 23.54
C GLY C 377 37.53 19.22 23.17
N VAL C 378 37.77 18.43 22.13
CA VAL C 378 36.87 17.34 21.73
C VAL C 378 37.68 16.41 20.85
N ASP C 379 37.23 15.16 20.74
CA ASP C 379 37.90 14.15 19.93
C ASP C 379 37.25 14.05 18.57
N LYS C 380 38.05 13.70 17.56
CA LYS C 380 37.52 13.51 16.21
C LYS C 380 36.54 12.34 16.16
N ARG C 381 36.88 11.24 16.84
CA ARG C 381 36.07 10.03 16.76
C ARG C 381 34.70 10.21 17.41
N ILE C 382 34.55 11.16 18.34
CA ILE C 382 33.27 11.34 19.02
C ILE C 382 32.48 12.45 18.33
N SER C 383 33.17 13.45 17.82
CA SER C 383 32.49 14.48 17.04
C SER C 383 31.92 13.91 15.76
N ARG C 384 32.69 13.06 15.07
CA ARG C 384 32.22 12.41 13.85
C ARG C 384 31.00 11.55 14.10
N PHE C 385 30.87 11.02 15.31
CA PHE C 385 29.73 10.17 15.66
C PHE C 385 28.53 10.97 16.14
N ILE C 386 28.75 12.11 16.79
CA ILE C 386 27.65 12.84 17.42
C ILE C 386 27.06 13.91 16.50
N LEU C 387 27.90 14.63 15.75
CA LEU C 387 27.40 15.74 14.95
C LEU C 387 26.35 15.35 13.91
N PRO C 388 26.47 14.25 13.15
CA PRO C 388 25.36 13.87 12.26
C PRO C 388 24.07 13.56 12.99
N ILE C 389 24.14 13.12 14.25
CA ILE C 389 22.92 12.88 15.02
C ILE C 389 22.19 14.20 15.25
N GLY C 390 22.93 15.23 15.65
CA GLY C 390 22.32 16.53 15.83
C GLY C 390 21.81 17.12 14.52
N ALA C 391 22.52 16.86 13.43
CA ALA C 391 22.12 17.41 12.14
C ALA C 391 20.98 16.65 11.47
N THR C 392 20.61 15.47 11.96
CA THR C 392 19.61 14.65 11.30
C THR C 392 18.54 14.07 12.21
N VAL C 393 18.79 13.96 13.52
CA VAL C 393 17.84 13.32 14.41
C VAL C 393 17.40 14.27 15.51
N ASN C 394 18.24 15.25 15.83
CA ASN C 394 18.08 16.07 17.03
C ASN C 394 17.53 17.46 16.72
N MET C 395 16.56 17.60 15.81
CA MET C 395 15.89 18.88 15.63
C MET C 395 14.92 19.09 16.78
N ASP C 396 15.45 19.60 17.89
CA ASP C 396 14.57 19.99 19.00
C ASP C 396 13.88 21.32 18.72
N GLY C 397 14.58 22.25 18.05
CA GLY C 397 13.97 23.52 17.72
C GLY C 397 12.79 23.38 16.79
N ALA C 398 12.91 22.51 15.78
CA ALA C 398 11.78 22.23 14.91
C ALA C 398 10.64 21.58 15.69
N ALA C 399 10.97 20.76 16.68
CA ALA C 399 9.95 20.12 17.50
C ALA C 399 9.15 21.16 18.27
N ILE C 400 9.84 22.08 18.96
CA ILE C 400 9.10 23.09 19.71
C ILE C 400 8.36 24.04 18.76
N PHE C 401 8.94 24.32 17.60
CA PHE C 401 8.28 25.17 16.61
C PHE C 401 6.95 24.55 16.17
N GLN C 402 6.98 23.29 15.75
CA GLN C 402 5.75 22.66 15.30
C GLN C 402 4.77 22.44 16.45
N CYS C 403 5.27 22.21 17.66
CA CYS C 403 4.37 22.02 18.79
C CYS C 403 3.62 23.31 19.12
N VAL C 404 4.35 24.43 19.25
CA VAL C 404 3.68 25.68 19.58
C VAL C 404 2.77 26.11 18.43
N ALA C 405 3.16 25.85 17.19
CA ALA C 405 2.30 26.19 16.06
C ALA C 405 1.02 25.37 16.09
N ALA C 406 1.11 24.09 16.39
CA ALA C 406 -0.09 23.25 16.45
C ALA C 406 -1.01 23.66 17.60
N VAL C 407 -0.44 24.01 18.75
CA VAL C 407 -1.26 24.49 19.85
C VAL C 407 -1.93 25.81 19.49
N PHE C 408 -1.21 26.68 18.78
CA PHE C 408 -1.80 27.93 18.30
C PHE C 408 -2.96 27.67 17.35
N ILE C 409 -2.81 26.72 16.42
CA ILE C 409 -3.88 26.37 15.51
C ILE C 409 -5.08 25.85 16.28
N ALA C 410 -4.83 24.98 17.26
CA ALA C 410 -5.92 24.42 18.06
C ALA C 410 -6.67 25.51 18.82
N GLN C 411 -5.94 26.44 19.43
CA GLN C 411 -6.59 27.44 20.26
C GLN C 411 -7.28 28.51 19.44
N LEU C 412 -6.80 28.80 18.23
CA LEU C 412 -7.49 29.78 17.40
C LEU C 412 -8.78 29.20 16.81
N ASN C 413 -8.84 27.88 16.62
CA ASN C 413 -10.00 27.22 16.06
C ASN C 413 -11.05 26.84 17.11
N ASN C 414 -10.86 27.23 18.36
CA ASN C 414 -11.83 27.04 19.44
C ASN C 414 -12.13 25.56 19.70
N VAL C 415 -11.14 24.69 19.48
CA VAL C 415 -11.32 23.27 19.76
C VAL C 415 -11.07 23.04 21.25
N PRO C 416 -11.65 22.03 21.86
CA PRO C 416 -11.38 21.77 23.28
C PRO C 416 -9.97 21.23 23.49
N LEU C 417 -9.47 21.44 24.71
CA LEU C 417 -8.15 20.99 25.09
C LEU C 417 -8.22 20.25 26.42
N ASN C 418 -7.45 19.17 26.54
CA ASN C 418 -7.42 18.37 27.76
C ASN C 418 -6.08 17.65 27.83
N PHE C 419 -5.90 16.87 28.89
CA PHE C 419 -4.63 16.19 29.12
C PHE C 419 -4.34 15.17 28.02
N GLY C 420 -5.35 14.43 27.59
CA GLY C 420 -5.12 13.33 26.66
C GLY C 420 -4.59 13.78 25.32
N GLN C 421 -5.30 14.70 24.65
CA GLN C 421 -4.84 15.12 23.35
C GLN C 421 -3.59 15.99 23.43
N ILE C 422 -3.39 16.69 24.55
CA ILE C 422 -2.16 17.47 24.68
C ILE C 422 -0.95 16.57 24.88
N ILE C 423 -1.10 15.46 25.61
CA ILE C 423 0.02 14.53 25.71
C ILE C 423 0.24 13.80 24.40
N THR C 424 -0.84 13.53 23.65
CA THR C 424 -0.69 12.94 22.34
C THR C 424 0.06 13.88 21.39
N ILE C 425 -0.26 15.17 21.43
CA ILE C 425 0.42 16.11 20.56
C ILE C 425 1.86 16.32 21.02
N LEU C 426 2.12 16.23 22.33
CA LEU C 426 3.49 16.26 22.83
C LEU C 426 4.30 15.10 22.27
N VAL C 427 3.76 13.89 22.35
CA VAL C 427 4.48 12.71 21.87
C VAL C 427 4.69 12.79 20.36
N THR C 428 3.65 13.17 19.62
CA THR C 428 3.79 13.22 18.17
C THR C 428 4.72 14.34 17.72
N ALA C 429 4.81 15.43 18.48
CA ALA C 429 5.75 16.49 18.12
C ALA C 429 7.18 16.08 18.45
N THR C 430 7.39 15.43 19.59
CA THR C 430 8.73 15.04 20.00
C THR C 430 9.24 13.82 19.25
N ALA C 431 8.35 13.06 18.61
CA ALA C 431 8.76 11.91 17.81
C ALA C 431 8.56 12.13 16.32
N SER C 432 8.02 13.27 15.91
CA SER C 432 7.84 13.57 14.50
C SER C 432 8.89 14.51 13.95
N SER C 433 9.63 15.20 14.82
CA SER C 433 10.72 16.06 14.36
C SER C 433 11.93 15.26 13.90
N VAL C 434 12.10 14.04 14.43
CA VAL C 434 13.23 13.22 14.02
C VAL C 434 13.12 12.79 12.56
N GLY C 435 11.91 12.78 12.00
CA GLY C 435 11.74 12.45 10.59
C GLY C 435 12.02 13.59 9.63
N ALA C 436 12.23 14.80 10.15
CA ALA C 436 12.54 15.95 9.31
C ALA C 436 13.98 15.89 8.84
N ALA C 437 14.30 16.75 7.88
CA ALA C 437 15.63 16.84 7.29
C ALA C 437 16.20 18.24 7.51
N GLY C 438 17.39 18.45 6.96
CA GLY C 438 18.09 19.72 7.07
C GLY C 438 17.70 20.77 6.06
N ILE C 439 16.70 20.48 5.22
CA ILE C 439 16.23 21.47 4.24
C ILE C 439 15.66 22.66 4.98
N PRO C 440 15.94 23.92 4.55
CA PRO C 440 15.52 25.10 5.32
C PRO C 440 14.04 25.12 5.70
N ALA C 441 13.15 25.09 4.70
CA ALA C 441 11.72 25.09 4.98
C ALA C 441 11.23 23.65 5.16
N GLY C 442 11.84 22.97 6.13
CA GLY C 442 11.54 21.57 6.39
C GLY C 442 10.73 21.29 7.64
N GLY C 443 10.15 22.30 8.27
CA GLY C 443 9.34 22.08 9.45
C GLY C 443 7.86 22.14 9.16
N VAL C 444 7.48 22.90 8.14
CA VAL C 444 6.07 23.06 7.80
C VAL C 444 5.49 21.75 7.30
N LEU C 445 6.29 20.91 6.66
CA LEU C 445 5.80 19.62 6.18
C LEU C 445 5.37 18.73 7.34
N THR C 446 6.28 18.55 8.30
CA THR C 446 5.96 17.79 9.50
C THR C 446 4.81 18.42 10.26
N LEU C 447 4.78 19.75 10.33
CA LEU C 447 3.70 20.47 10.99
C LEU C 447 2.34 20.19 10.36
N ALA C 448 2.27 20.21 9.03
CA ALA C 448 1.02 19.92 8.34
C ALA C 448 0.58 18.49 8.64
N ILE C 449 1.51 17.55 8.62
CA ILE C 449 1.11 16.17 8.91
C ILE C 449 0.62 16.02 10.36
N ILE C 450 1.27 16.72 11.31
CA ILE C 450 0.82 16.63 12.71
C ILE C 450 -0.57 17.22 12.86
N LEU C 451 -0.83 18.38 12.25
CA LEU C 451 -2.15 18.97 12.42
C LEU C 451 -3.22 18.14 11.71
N GLU C 452 -2.87 17.47 10.61
CA GLU C 452 -3.82 16.54 10.00
C GLU C 452 -4.08 15.34 10.89
N ALA C 453 -3.04 14.80 11.53
CA ALA C 453 -3.16 13.60 12.34
C ALA C 453 -3.78 13.84 13.71
N ILE C 454 -3.78 15.08 14.19
CA ILE C 454 -4.30 15.38 15.52
C ILE C 454 -5.77 15.77 15.43
N GLY C 455 -6.37 15.56 14.26
CA GLY C 455 -7.76 15.91 14.03
C GLY C 455 -8.05 17.39 14.08
N LEU C 456 -7.20 18.19 13.43
CA LEU C 456 -7.35 19.63 13.36
C LEU C 456 -7.46 20.08 11.92
N PRO C 457 -8.34 21.03 11.61
CA PRO C 457 -8.48 21.49 10.23
C PRO C 457 -7.30 22.32 9.78
N THR C 458 -7.10 22.35 8.46
CA THR C 458 -6.04 23.14 7.84
C THR C 458 -6.63 24.52 7.54
N HIS C 459 -6.47 25.44 8.49
CA HIS C 459 -7.04 26.78 8.34
C HIS C 459 -5.95 27.86 8.28
N ASP C 460 -5.07 27.94 9.27
CA ASP C 460 -4.04 28.97 9.32
C ASP C 460 -2.68 28.44 8.91
N LEU C 461 -2.65 27.29 8.23
CA LEU C 461 -1.39 26.75 7.74
C LEU C 461 -0.71 27.72 6.79
N SER C 462 -1.49 28.47 6.02
CA SER C 462 -0.93 29.46 5.10
C SER C 462 -0.14 30.51 5.84
N LEU C 463 -0.70 31.08 6.91
CA LEU C 463 -0.01 32.17 7.62
C LEU C 463 1.11 31.65 8.50
N ILE C 464 0.97 30.45 9.06
CA ILE C 464 2.09 29.89 9.82
C ILE C 464 3.21 29.40 8.92
N LEU C 465 2.91 29.16 7.63
CA LEU C 465 3.96 29.01 6.63
C LEU C 465 4.56 30.35 6.23
N ALA C 466 3.72 31.40 6.17
CA ALA C 466 4.21 32.73 5.84
C ALA C 466 5.24 33.21 6.84
N VAL C 467 4.97 33.03 8.13
CA VAL C 467 5.95 33.38 9.14
C VAL C 467 6.96 32.24 9.29
N ASP C 468 8.00 32.28 8.48
CA ASP C 468 9.03 31.26 8.53
C ASP C 468 10.44 31.85 8.58
N TRP C 469 10.62 33.01 7.95
CA TRP C 469 11.95 33.52 7.63
C TRP C 469 12.79 33.86 8.85
N LEU C 470 12.18 33.94 10.04
CA LEU C 470 12.95 34.14 11.25
C LEU C 470 12.83 32.98 12.22
N VAL C 471 11.64 32.36 12.32
CA VAL C 471 11.46 31.26 13.25
C VAL C 471 12.28 30.05 12.81
N ASP C 472 12.36 29.78 11.50
CA ASP C 472 13.14 28.64 11.03
C ASP C 472 14.64 28.85 11.29
N ARG C 473 15.12 30.08 11.09
CA ARG C 473 16.50 30.40 11.45
C ARG C 473 16.74 30.18 12.93
N THR C 474 15.80 30.60 13.77
CA THR C 474 15.96 30.39 15.20
C THR C 474 16.00 28.90 15.54
N THR C 475 15.15 28.11 14.87
CA THR C 475 15.13 26.66 15.09
C THR C 475 16.47 26.03 14.75
N THR C 476 17.02 26.36 13.58
CA THR C 476 18.29 25.73 13.22
C THR C 476 19.43 26.22 14.10
N VAL C 477 19.37 27.48 14.57
CA VAL C 477 20.39 27.98 15.50
C VAL C 477 20.35 27.17 16.80
N VAL C 478 19.16 26.97 17.35
CA VAL C 478 19.09 26.26 18.62
C VAL C 478 19.42 24.78 18.42
N ASN C 479 19.17 24.23 17.23
CA ASN C 479 19.58 22.84 16.97
C ASN C 479 21.09 22.71 16.95
N VAL C 480 21.78 23.65 16.31
CA VAL C 480 23.24 23.65 16.33
C VAL C 480 23.75 23.78 17.75
N GLU C 481 23.13 24.66 18.55
CA GLU C 481 23.56 24.82 19.93
C GLU C 481 23.36 23.55 20.75
N GLY C 482 22.22 22.89 20.56
CA GLY C 482 21.97 21.64 21.28
C GLY C 482 22.95 20.55 20.89
N ASP C 483 23.27 20.44 19.60
CA ASP C 483 24.28 19.47 19.17
C ASP C 483 25.63 19.77 19.80
N ALA C 484 26.01 21.05 19.84
CA ALA C 484 27.29 21.42 20.45
C ALA C 484 27.33 21.06 21.93
N LEU C 485 26.24 21.33 22.65
CA LEU C 485 26.20 21.02 24.07
C LEU C 485 26.22 19.51 24.30
N GLY C 486 25.55 18.73 23.45
CA GLY C 486 25.62 17.29 23.57
C GLY C 486 27.03 16.76 23.34
N ALA C 487 27.73 17.30 22.33
CA ALA C 487 29.11 16.90 22.08
C ALA C 487 30.00 17.24 23.27
N GLY C 488 29.81 18.44 23.85
CA GLY C 488 30.59 18.81 25.02
C GLY C 488 30.31 17.91 26.21
N ILE C 489 29.05 17.53 26.39
CA ILE C 489 28.68 16.63 27.49
C ILE C 489 29.36 15.28 27.31
N LEU C 490 29.34 14.74 26.09
CA LEU C 490 29.97 13.46 25.84
C LEU C 490 31.48 13.54 26.05
N GLN C 491 32.09 14.65 25.63
CA GLN C 491 33.53 14.81 25.83
C GLN C 491 33.88 14.88 27.31
N HIS C 492 33.09 15.62 28.10
CA HIS C 492 33.34 15.70 29.53
C HIS C 492 32.99 14.42 30.26
N LEU C 493 32.21 13.55 29.65
CA LEU C 493 31.92 12.25 30.26
C LEU C 493 32.99 11.23 29.94
N ASN C 494 33.53 11.24 28.71
CA ASN C 494 34.49 10.23 28.29
C ASN C 494 35.79 10.30 29.09
N ASP C 495 36.33 11.51 29.28
CA ASP C 495 37.61 11.64 29.97
C ASP C 495 37.48 11.32 31.45
N LYS C 496 36.31 11.60 32.04
CA LYS C 496 35.97 11.30 33.44
C LYS C 496 37.06 11.67 34.44
N ALA D 40 -41.67 0.51 20.91
CA ALA D 40 -42.21 0.70 19.57
C ALA D 40 -41.31 1.57 18.73
N PRO D 41 -40.33 0.95 18.05
CA PRO D 41 -39.42 1.72 17.21
C PRO D 41 -40.16 2.32 16.03
N PRO D 42 -39.69 3.45 15.51
CA PRO D 42 -40.37 4.06 14.36
C PRO D 42 -40.23 3.20 13.11
N SER D 43 -41.22 3.33 12.24
CA SER D 43 -41.21 2.63 10.95
C SER D 43 -40.34 3.43 9.98
N CYS D 44 -39.21 2.86 9.59
CA CYS D 44 -38.24 3.58 8.76
C CYS D 44 -38.72 3.63 7.33
N ARG D 45 -39.28 4.77 6.94
CA ARG D 45 -39.69 5.00 5.55
C ARG D 45 -38.48 5.30 4.67
N GLU D 46 -37.46 5.97 5.22
CA GLU D 46 -36.29 6.36 4.43
C GLU D 46 -35.52 5.17 3.88
N CYS D 47 -35.66 3.98 4.48
CA CYS D 47 -35.03 2.79 3.94
C CYS D 47 -35.57 2.41 2.57
N TYR D 48 -36.74 2.93 2.20
CA TYR D 48 -37.38 2.56 0.95
C TYR D 48 -36.58 3.08 -0.24
N GLN D 49 -36.78 2.44 -1.39
CA GLN D 49 -36.13 2.82 -2.63
C GLN D 49 -37.17 2.86 -3.74
N SER D 50 -37.03 3.82 -4.64
CA SER D 50 -37.97 4.02 -5.73
C SER D 50 -37.40 3.43 -7.00
N LEU D 51 -38.17 2.57 -7.65
CA LEU D 51 -37.76 1.91 -8.88
C LEU D 51 -38.69 2.33 -10.01
N HIS D 52 -38.12 2.70 -11.15
CA HIS D 52 -38.89 3.10 -12.32
C HIS D 52 -39.39 1.89 -13.09
N MET D 57 -41.27 4.27 -10.00
CA MET D 57 -42.61 4.54 -9.51
C MET D 57 -42.91 3.71 -8.26
N GLN D 58 -42.81 2.39 -8.40
CA GLN D 58 -43.07 1.49 -7.29
C GLN D 58 -41.99 1.64 -6.23
N GLN D 59 -42.41 1.76 -4.97
CA GLN D 59 -41.50 1.89 -3.84
C GLN D 59 -41.50 0.60 -3.04
N TYR D 60 -40.30 0.05 -2.82
CA TYR D 60 -40.15 -1.19 -2.07
C TYR D 60 -39.03 -1.04 -1.04
N PHE D 61 -39.20 -1.73 0.08
CA PHE D 61 -38.23 -1.65 1.16
C PHE D 61 -37.02 -2.52 0.86
N THR D 62 -35.83 -1.94 1.00
CA THR D 62 -34.58 -2.66 0.78
C THR D 62 -33.60 -2.32 1.88
N TYR D 63 -32.69 -3.25 2.16
CA TYR D 63 -31.70 -3.07 3.21
C TYR D 63 -30.53 -4.00 2.96
N HIS D 64 -29.32 -3.51 3.21
CA HIS D 64 -28.12 -4.28 2.97
C HIS D 64 -27.90 -5.28 4.10
N THR D 65 -26.77 -5.98 4.02
CA THR D 65 -26.37 -6.93 5.04
C THR D 65 -25.09 -6.51 5.76
N HIS D 66 -24.06 -6.14 5.00
CA HIS D 66 -22.80 -5.68 5.58
C HIS D 66 -22.45 -4.32 5.00
N ILE D 67 -22.26 -3.33 5.87
CA ILE D 67 -21.80 -2.02 5.48
C ILE D 67 -20.67 -1.62 6.42
N GLU D 68 -19.59 -1.10 5.85
CA GLU D 68 -18.37 -0.83 6.62
C GLU D 68 -18.62 0.22 7.69
N ARG D 69 -17.85 0.14 8.77
CA ARG D 69 -18.01 1.04 9.89
C ARG D 69 -17.72 2.49 9.50
N SER D 70 -16.76 2.71 8.60
CA SER D 70 -16.40 4.06 8.20
C SER D 70 -17.46 4.74 7.35
N CYS D 71 -18.47 4.01 6.87
CA CYS D 71 -19.46 4.57 5.97
C CYS D 71 -20.52 5.40 6.70
N TYR D 72 -20.63 5.30 8.02
CA TYR D 72 -21.67 5.98 8.76
C TYR D 72 -21.11 6.52 10.07
N GLY D 73 -21.80 7.52 10.61
CA GLY D 73 -21.30 8.24 11.76
C GLY D 73 -21.65 7.64 13.10
N ASN D 74 -22.26 8.43 13.98
CA ASN D 74 -22.52 8.02 15.36
C ASN D 74 -24.00 7.83 15.66
N LEU D 75 -24.88 8.68 15.14
CA LEU D 75 -26.31 8.57 15.39
C LEU D 75 -26.84 7.32 14.72
N ILE D 76 -27.22 6.32 15.52
CA ILE D 76 -27.78 5.07 15.03
C ILE D 76 -29.19 4.92 15.60
N GLU D 77 -30.16 4.66 14.74
CA GLU D 77 -31.55 4.49 15.14
C GLU D 77 -32.02 3.09 14.76
N GLU D 78 -32.93 2.56 15.57
CA GLU D 78 -33.51 1.25 15.34
C GLU D 78 -34.91 1.39 14.76
N CYS D 79 -35.16 0.73 13.63
CA CYS D 79 -36.45 0.78 12.98
C CYS D 79 -36.96 -0.63 12.75
N VAL D 80 -38.28 -0.76 12.66
CA VAL D 80 -38.94 -2.05 12.47
C VAL D 80 -39.76 -2.00 11.21
N GLU D 81 -39.61 -3.00 10.36
CA GLU D 81 -40.40 -3.15 9.15
C GLU D 81 -41.08 -4.52 9.21
N SER D 82 -42.41 -4.50 9.36
CA SER D 82 -43.22 -5.73 9.43
C SER D 82 -42.74 -6.65 10.55
N GLY D 83 -42.35 -6.07 11.68
CA GLY D 83 -41.93 -6.84 12.82
C GLY D 83 -40.46 -7.21 12.87
N LYS D 84 -39.68 -6.86 11.86
CA LYS D 84 -38.26 -7.16 11.82
C LYS D 84 -37.47 -5.89 12.09
N SER D 85 -36.53 -5.97 13.03
CA SER D 85 -35.79 -4.79 13.47
C SER D 85 -34.54 -4.60 12.63
N TYR D 86 -34.30 -3.37 12.19
CA TYR D 86 -33.12 -3.01 11.43
C TYR D 86 -32.55 -1.70 11.97
N TYR D 87 -31.37 -1.33 11.48
CA TYR D 87 -30.71 -0.09 11.87
C TYR D 87 -30.66 0.83 10.66
N LYS D 88 -31.15 2.06 10.83
CA LYS D 88 -31.10 3.06 9.79
C LYS D 88 -30.18 4.20 10.19
N VAL D 89 -29.51 4.79 9.19
CA VAL D 89 -28.50 5.80 9.44
C VAL D 89 -28.36 6.64 8.19
N LYS D 90 -27.93 7.90 8.36
CA LYS D 90 -27.51 8.70 7.23
C LYS D 90 -26.29 8.07 6.57
N ASN D 91 -26.20 8.22 5.26
CA ASN D 91 -25.08 7.67 4.50
C ASN D 91 -24.04 8.75 4.26
N LEU D 92 -22.82 8.53 4.74
CA LEU D 92 -21.72 9.46 4.51
C LEU D 92 -20.88 9.07 3.30
N GLY D 93 -21.25 8.00 2.60
CA GLY D 93 -20.50 7.56 1.44
C GLY D 93 -21.24 7.84 0.15
N VAL D 94 -21.85 9.03 0.05
CA VAL D 94 -22.56 9.41 -1.17
C VAL D 94 -21.58 9.49 -2.33
N CYS D 95 -20.39 10.04 -2.10
CA CYS D 95 -19.38 10.13 -3.15
C CYS D 95 -18.93 8.75 -3.61
N GLY D 96 -18.89 7.78 -2.71
CA GLY D 96 -18.51 6.44 -3.08
C GLY D 96 -17.62 5.74 -2.08
N SER D 97 -16.82 6.50 -1.34
CA SER D 97 -15.92 5.92 -0.36
C SER D 97 -15.63 6.94 0.74
N ARG D 98 -15.20 6.43 1.88
CA ARG D 98 -14.85 7.28 3.02
C ARG D 98 -13.84 6.54 3.88
N ASN D 99 -12.77 7.24 4.26
CA ASN D 99 -11.71 6.70 5.12
C ASN D 99 -11.09 5.43 4.53
N GLY D 100 -11.01 5.35 3.20
CA GLY D 100 -10.43 4.20 2.54
C GLY D 100 -11.31 2.98 2.47
N ALA D 101 -12.57 3.09 2.88
CA ALA D 101 -13.51 1.97 2.86
C ALA D 101 -14.62 2.26 1.86
N ILE D 102 -14.95 1.28 1.02
CA ILE D 102 -15.98 1.46 0.01
C ILE D 102 -17.34 1.53 0.68
N CYS D 103 -18.23 2.33 0.10
CA CYS D 103 -19.58 2.55 0.59
C CYS D 103 -20.54 2.48 -0.59
N PRO D 104 -21.81 2.15 -0.34
CA PRO D 104 -22.80 2.18 -1.42
C PRO D 104 -22.92 3.56 -2.03
N ARG D 105 -23.01 3.61 -3.35
CA ARG D 105 -23.05 4.87 -4.08
C ARG D 105 -24.49 5.25 -4.39
N GLY D 106 -24.77 6.55 -4.33
CA GLY D 106 -26.08 7.07 -4.68
C GLY D 106 -27.19 6.65 -3.75
N LYS D 107 -26.91 6.53 -2.45
CA LYS D 107 -27.93 6.23 -1.45
C LYS D 107 -27.83 7.27 -0.36
N GLN D 108 -28.97 7.79 0.07
CA GLN D 108 -28.99 8.82 1.10
C GLN D 108 -29.09 8.23 2.51
N TRP D 109 -29.96 7.23 2.69
CA TRP D 109 -30.14 6.60 3.99
C TRP D 109 -29.76 5.12 3.87
N LEU D 110 -28.66 4.75 4.49
CA LEU D 110 -28.34 3.33 4.60
C LEU D 110 -29.31 2.65 5.54
N CYS D 111 -29.36 1.32 5.47
CA CYS D 111 -30.34 0.59 6.26
C CYS D 111 -29.75 -0.80 6.51
N PHE D 112 -29.18 -1.00 7.70
CA PHE D 112 -28.46 -2.24 7.98
C PHE D 112 -29.41 -3.37 8.33
N THR D 113 -28.83 -4.54 8.55
CA THR D 113 -29.42 -5.57 9.39
C THR D 113 -28.73 -5.50 10.75
N LYS D 114 -29.40 -6.04 11.77
CA LYS D 114 -28.89 -5.90 13.13
C LYS D 114 -27.54 -6.55 13.31
N ILE D 115 -27.35 -7.75 12.76
CA ILE D 115 -26.09 -8.48 12.83
C ILE D 115 -25.65 -8.81 11.41
N GLY D 116 -24.40 -8.52 11.09
CA GLY D 116 -23.89 -8.70 9.74
C GLY D 116 -23.80 -10.17 9.35
N GLN D 117 -23.17 -10.40 8.20
CA GLN D 117 -23.06 -11.73 7.63
C GLN D 117 -21.68 -12.32 7.88
N TRP D 118 -21.63 -13.64 7.98
CA TRP D 118 -20.38 -14.35 8.28
C TRP D 118 -19.50 -14.55 7.07
N GLY D 119 -19.85 -13.99 5.92
CA GLY D 119 -19.08 -14.18 4.71
C GLY D 119 -17.86 -13.29 4.61
N VAL D 120 -16.75 -13.74 5.20
CA VAL D 120 -15.46 -13.05 5.21
C VAL D 120 -15.67 -11.57 5.55
N ASN D 121 -16.43 -11.33 6.62
CA ASN D 121 -16.67 -9.99 7.11
C ASN D 121 -15.57 -9.53 8.06
N THR D 122 -14.46 -10.27 8.12
CA THR D 122 -13.29 -9.96 8.97
C THR D 122 -13.73 -9.89 10.42
N GLN D 123 -13.52 -8.78 11.13
CA GLN D 123 -13.81 -8.70 12.55
C GLN D 123 -14.99 -7.80 12.89
N VAL D 124 -15.38 -6.90 11.99
CA VAL D 124 -16.54 -6.03 12.15
C VAL D 124 -17.72 -6.83 12.69
N LEU D 125 -17.90 -8.07 12.20
CA LEU D 125 -19.00 -8.89 12.67
C LEU D 125 -18.84 -9.26 14.14
N GLU D 126 -17.63 -9.59 14.56
CA GLU D 126 -17.39 -9.87 15.97
C GLU D 126 -17.67 -8.63 16.83
N ASP D 127 -17.24 -7.47 16.34
CA ASP D 127 -17.51 -6.22 17.06
C ASP D 127 -19.01 -5.97 17.18
N ILE D 128 -19.76 -6.27 16.11
CA ILE D 128 -21.22 -6.15 16.16
C ILE D 128 -21.79 -7.13 17.18
N LYS D 129 -21.23 -8.33 17.26
CA LYS D 129 -21.71 -9.30 18.24
C LYS D 129 -21.52 -8.78 19.67
N ARG D 130 -20.33 -8.22 19.94
CA ARG D 130 -20.09 -7.67 21.28
C ARG D 130 -21.03 -6.49 21.57
N GLU D 131 -21.23 -5.61 20.59
CA GLU D 131 -22.11 -4.46 20.84
C GLU D 131 -23.55 -4.90 21.06
N GLN D 132 -24.00 -5.94 20.34
CA GLN D 132 -25.37 -6.43 20.56
C GLN D 132 -25.51 -7.09 21.92
N ILE D 133 -24.51 -7.87 22.34
CA ILE D 133 -24.63 -8.52 23.63
C ILE D 133 -24.59 -7.50 24.77
N ILE D 134 -23.76 -6.45 24.64
CA ILE D 134 -23.74 -5.47 25.72
C ILE D 134 -24.99 -4.61 25.70
N ALA D 135 -25.55 -4.33 24.52
CA ALA D 135 -26.81 -3.59 24.45
C ALA D 135 -27.95 -4.40 25.07
N LYS D 136 -28.00 -5.70 24.79
CA LYS D 136 -29.02 -6.55 25.38
C LYS D 136 -28.84 -6.64 26.89
N ALA D 137 -27.60 -6.71 27.37
CA ALA D 137 -27.35 -6.73 28.81
C ALA D 137 -27.79 -5.42 29.46
N LYS D 138 -27.52 -4.28 28.81
CA LYS D 138 -27.86 -2.98 29.38
C LYS D 138 -29.33 -2.63 29.22
N ALA D 139 -30.06 -3.33 28.34
CA ALA D 139 -31.48 -3.03 28.16
C ALA D 139 -32.27 -3.27 29.43
N SER D 140 -31.97 -4.35 30.15
CA SER D 140 -32.66 -4.66 31.39
C SER D 140 -32.09 -3.84 32.55
N ALA E . -0.55 -1.86 -29.24
CA ALA E . -0.41 -0.44 -28.96
C ALA E . 0.90 0.07 -29.55
O ALA E . 1.36 1.18 -29.18
CB ALA E . -0.46 -0.18 -27.46
OXT ALA E . 1.51 -0.62 -30.40
N ALA F . 13.76 23.93 9.13
CA ALA F . 14.34 23.04 10.12
C ALA F . 15.87 23.22 10.13
O ALA F . 16.50 23.27 9.05
CB ALA F . 13.98 21.60 9.82
OXT ALA F . 16.48 23.32 11.23
#